data_2JOR
#
_entry.id   2JOR
#
_entity_poly.entity_id   1
_entity_poly.type   'polypeptide(L)'
_entity_poly.pdbx_seq_one_letter_code
;MIDNEKVTSGHTTTTRRSCSKVITKTVTNADGRTETTKEVVKSEDGSDCGDADFDWHHTFPSRGNLDDFFHRDKDDFFT
;
_entity_poly.pdbx_strand_id   A
#
# COMPACT_ATOMS: atom_id res chain seq x y z
N MET A 1 -22.19 11.35 9.88
CA MET A 1 -22.30 12.84 9.73
C MET A 1 -21.38 13.29 8.59
N ILE A 2 -21.66 14.44 8.02
CA ILE A 2 -20.81 14.93 6.90
C ILE A 2 -20.75 13.87 5.79
N ASP A 3 -21.83 13.68 5.09
CA ASP A 3 -21.84 12.67 3.99
C ASP A 3 -20.94 13.13 2.86
N ASN A 4 -19.65 13.14 3.07
CA ASN A 4 -18.72 13.60 1.99
C ASN A 4 -17.33 13.01 2.25
N GLU A 5 -16.75 12.39 1.25
CA GLU A 5 -15.40 11.79 1.43
C GLU A 5 -14.38 12.91 1.65
N LYS A 6 -13.56 12.80 2.66
CA LYS A 6 -12.55 13.86 2.93
C LYS A 6 -11.67 14.03 1.68
N VAL A 7 -10.81 15.02 1.69
CA VAL A 7 -9.93 15.24 0.50
C VAL A 7 -9.01 14.03 0.32
N THR A 8 -8.87 13.23 1.34
CA THR A 8 -7.99 12.03 1.22
C THR A 8 -6.60 12.46 0.72
N SER A 9 -5.93 13.30 1.46
CA SER A 9 -4.58 13.75 1.03
C SER A 9 -3.57 12.62 1.24
N GLY A 10 -2.73 12.38 0.26
CA GLY A 10 -1.73 11.29 0.41
C GLY A 10 -0.85 11.24 -0.84
N HIS A 11 0.31 10.66 -0.73
CA HIS A 11 1.22 10.57 -1.92
C HIS A 11 0.48 9.86 -3.07
N THR A 12 -0.63 9.26 -2.78
CA THR A 12 -1.39 8.55 -3.85
C THR A 12 -0.52 7.44 -4.44
N THR A 13 0.67 7.28 -3.94
CA THR A 13 1.57 6.21 -4.46
C THR A 13 1.77 6.39 -5.96
N THR A 14 2.85 5.84 -6.48
CA THR A 14 3.12 5.97 -7.95
C THR A 14 3.85 4.72 -8.45
N THR A 15 4.90 4.32 -7.77
CA THR A 15 5.66 3.12 -8.22
C THR A 15 5.08 1.86 -7.58
N ARG A 16 4.96 0.80 -8.35
CA ARG A 16 4.43 -0.49 -7.80
C ARG A 16 5.22 -1.62 -8.44
N ARG A 17 5.39 -2.73 -7.74
CA ARG A 17 6.18 -3.91 -8.26
C ARG A 17 7.61 -3.86 -7.70
N SER A 18 8.39 -2.90 -8.10
CA SER A 18 9.81 -2.81 -7.58
C SER A 18 9.78 -3.02 -6.05
N CYS A 19 8.64 -2.81 -5.47
CA CYS A 19 8.47 -2.99 -4.00
C CYS A 19 7.13 -3.67 -3.77
N SER A 20 6.96 -4.35 -2.67
CA SER A 20 5.64 -5.03 -2.43
C SER A 20 4.58 -3.96 -2.18
N LYS A 21 3.59 -3.89 -3.03
CA LYS A 21 2.50 -2.86 -2.85
C LYS A 21 1.14 -3.55 -3.07
N VAL A 22 0.34 -3.61 -2.03
CA VAL A 22 -1.02 -4.23 -2.17
C VAL A 22 -2.07 -3.22 -1.70
N ILE A 23 -2.96 -2.79 -2.56
CA ILE A 23 -4.00 -1.80 -2.14
C ILE A 23 -5.40 -2.41 -2.28
N THR A 24 -6.03 -2.68 -1.17
CA THR A 24 -7.40 -3.28 -1.16
C THR A 24 -8.32 -2.40 -0.31
N LYS A 25 -9.27 -1.72 -0.91
CA LYS A 25 -10.21 -0.88 -0.10
C LYS A 25 -11.61 -1.38 -0.41
N THR A 26 -12.23 -2.05 0.51
CA THR A 26 -13.60 -2.57 0.25
C THR A 26 -14.60 -1.75 1.06
N VAL A 27 -15.52 -1.08 0.42
CA VAL A 27 -16.54 -0.26 1.16
C VAL A 27 -17.89 -0.95 1.15
N THR A 28 -18.35 -1.38 2.30
CA THR A 28 -19.67 -2.07 2.39
C THR A 28 -20.69 -1.12 3.05
N ASN A 29 -21.58 -0.54 2.29
CA ASN A 29 -22.59 0.39 2.88
C ASN A 29 -23.91 -0.36 3.09
N ALA A 30 -24.34 -0.47 4.31
CA ALA A 30 -25.61 -1.19 4.61
C ALA A 30 -26.75 -0.71 3.69
N ASP A 31 -26.55 0.37 2.97
CA ASP A 31 -27.64 0.85 2.08
C ASP A 31 -27.76 -0.09 0.88
N GLY A 32 -26.89 -1.06 0.77
CA GLY A 32 -26.96 -2.04 -0.37
C GLY A 32 -25.89 -1.73 -1.42
N ARG A 33 -25.03 -0.79 -1.17
CA ARG A 33 -23.96 -0.45 -2.17
C ARG A 33 -22.67 -1.17 -1.78
N THR A 34 -21.86 -1.48 -2.75
CA THR A 34 -20.58 -2.20 -2.45
C THR A 34 -19.58 -2.02 -3.59
N GLU A 35 -18.47 -1.39 -3.31
CA GLU A 35 -17.40 -1.19 -4.34
C GLU A 35 -16.14 -1.91 -3.85
N THR A 36 -15.35 -2.49 -4.71
CA THR A 36 -14.12 -3.21 -4.26
C THR A 36 -12.95 -2.73 -5.10
N THR A 37 -12.02 -2.05 -4.49
CA THR A 37 -10.82 -1.59 -5.22
C THR A 37 -9.69 -2.53 -4.81
N LYS A 38 -9.22 -3.33 -5.72
CA LYS A 38 -8.12 -4.30 -5.41
C LYS A 38 -6.98 -4.13 -6.41
N GLU A 39 -5.77 -4.07 -5.94
CA GLU A 39 -4.59 -3.91 -6.86
C GLU A 39 -3.37 -4.61 -6.23
N VAL A 40 -3.17 -5.88 -6.51
CA VAL A 40 -2.00 -6.59 -5.91
C VAL A 40 -0.81 -6.56 -6.89
N VAL A 41 0.29 -5.97 -6.49
CA VAL A 41 1.50 -5.93 -7.38
C VAL A 41 2.73 -6.32 -6.56
N LYS A 42 3.25 -7.51 -6.78
CA LYS A 42 4.45 -7.97 -5.99
C LYS A 42 5.65 -8.18 -6.93
N SER A 43 6.75 -7.56 -6.61
CA SER A 43 7.99 -7.67 -7.45
C SER A 43 8.12 -9.09 -8.02
N GLU A 44 8.10 -9.22 -9.33
CA GLU A 44 8.24 -10.57 -9.96
C GLU A 44 9.72 -10.85 -10.21
N ASP A 45 10.59 -9.99 -9.74
CA ASP A 45 12.05 -10.19 -9.96
C ASP A 45 12.81 -9.73 -8.71
N GLY A 46 13.78 -10.47 -8.28
CA GLY A 46 14.56 -10.07 -7.07
C GLY A 46 13.67 -10.18 -5.84
N SER A 47 12.94 -9.14 -5.52
CA SER A 47 12.05 -9.12 -4.33
C SER A 47 12.84 -8.69 -3.10
N ASP A 48 13.29 -7.46 -3.10
CA ASP A 48 14.07 -6.94 -1.93
C ASP A 48 14.03 -5.41 -1.96
N CYS A 49 12.96 -4.83 -1.48
CA CYS A 49 12.81 -3.34 -1.47
C CYS A 49 12.75 -2.84 -0.03
N GLY A 50 13.14 -1.61 0.20
CA GLY A 50 13.10 -1.08 1.60
C GLY A 50 13.79 -2.05 2.55
N ASP A 51 14.98 -2.49 2.22
CA ASP A 51 15.72 -3.44 3.09
C ASP A 51 14.87 -4.70 3.30
N ALA A 52 13.73 -4.78 2.68
CA ALA A 52 12.87 -5.99 2.83
C ALA A 52 11.62 -5.83 1.95
N ASP A 53 10.83 -4.82 2.22
CA ASP A 53 9.60 -4.60 1.42
C ASP A 53 8.98 -3.25 1.81
N PHE A 54 8.92 -2.30 0.89
CA PHE A 54 8.34 -0.98 1.25
C PHE A 54 6.84 -1.15 1.48
N ASP A 55 6.35 -0.79 2.62
CA ASP A 55 4.90 -0.95 2.90
C ASP A 55 4.57 -2.45 2.94
N TRP A 56 3.66 -2.87 3.80
CA TRP A 56 3.29 -4.31 3.87
C TRP A 56 1.81 -4.46 3.52
N HIS A 57 0.97 -3.66 4.11
CA HIS A 57 -0.49 -3.75 3.83
C HIS A 57 -1.05 -5.06 4.40
N HIS A 58 -2.29 -5.35 4.10
CA HIS A 58 -2.90 -6.62 4.60
C HIS A 58 -4.29 -6.76 3.99
N THR A 59 -5.33 -6.71 4.81
CA THR A 59 -6.71 -6.84 4.27
C THR A 59 -7.71 -6.41 5.34
N PHE A 60 -8.11 -5.17 5.33
CA PHE A 60 -9.09 -4.66 6.33
C PHE A 60 -10.47 -4.56 5.66
N PRO A 61 -11.55 -4.66 6.44
CA PRO A 61 -12.90 -4.56 5.87
C PRO A 61 -13.06 -3.22 5.13
N SER A 62 -12.68 -2.14 5.76
CA SER A 62 -12.79 -0.79 5.12
C SER A 62 -11.50 0.00 5.36
N ARG A 63 -11.13 0.18 6.60
CA ARG A 63 -9.88 0.95 6.90
C ARG A 63 -9.65 0.96 8.42
N GLY A 64 -8.42 1.02 8.85
CA GLY A 64 -8.16 1.04 10.31
C GLY A 64 -6.67 0.77 10.59
N ASN A 65 -6.09 -0.17 9.91
CA ASN A 65 -4.64 -0.48 10.14
C ASN A 65 -4.18 -1.51 9.10
N LEU A 66 -2.88 -1.72 9.00
CA LEU A 66 -2.36 -2.72 8.01
C LEU A 66 -2.06 -4.04 8.72
N ASP A 67 -2.42 -4.16 9.97
CA ASP A 67 -2.11 -5.43 10.68
C ASP A 67 -0.61 -5.69 10.58
N ASP A 68 0.13 -4.69 10.15
CA ASP A 68 1.60 -4.84 10.00
C ASP A 68 2.29 -3.52 10.40
N PHE A 69 2.61 -2.69 9.44
CA PHE A 69 3.27 -1.39 9.76
C PHE A 69 3.71 -0.77 8.44
N PHE A 70 3.09 0.32 8.04
CA PHE A 70 3.49 0.94 6.76
C PHE A 70 4.97 1.33 6.79
N HIS A 71 5.55 1.57 5.65
CA HIS A 71 6.99 1.95 5.60
C HIS A 71 7.85 0.91 6.33
N ARG A 72 7.50 -0.34 6.24
CA ARG A 72 8.32 -1.38 6.93
C ARG A 72 9.77 -1.27 6.45
N ASP A 73 10.72 -1.48 7.32
CA ASP A 73 12.15 -1.39 6.91
C ASP A 73 13.04 -1.86 8.06
N LYS A 74 13.78 -2.92 7.87
CA LYS A 74 14.67 -3.43 8.96
C LYS A 74 15.60 -4.50 8.39
N ASP A 75 16.73 -4.71 9.02
CA ASP A 75 17.67 -5.74 8.51
C ASP A 75 17.15 -7.13 8.86
N ASP A 76 17.21 -8.05 7.95
CA ASP A 76 16.72 -9.43 8.24
C ASP A 76 17.78 -10.20 9.01
N PHE A 77 18.38 -9.59 10.00
CA PHE A 77 19.43 -10.29 10.80
C PHE A 77 20.47 -10.89 9.85
N PHE A 78 20.83 -12.13 10.06
CA PHE A 78 21.83 -12.78 9.17
C PHE A 78 21.77 -14.29 9.37
N THR A 79 21.17 -15.00 8.46
CA THR A 79 21.09 -16.47 8.59
C THR A 79 22.48 -17.09 8.47
N MET A 1 -11.57 10.01 3.22
CA MET A 1 -10.44 9.19 3.76
C MET A 1 -9.12 9.81 3.34
N ILE A 2 -9.10 10.51 2.23
CA ILE A 2 -7.83 11.14 1.76
C ILE A 2 -7.41 12.23 2.75
N ASP A 3 -6.22 12.13 3.28
CA ASP A 3 -5.75 13.16 4.25
C ASP A 3 -5.63 14.51 3.54
N ASN A 4 -6.17 15.54 4.11
CA ASN A 4 -6.09 16.88 3.47
C ASN A 4 -4.63 17.35 3.46
N GLU A 5 -4.24 18.13 2.49
CA GLU A 5 -2.84 18.62 2.43
C GLU A 5 -2.72 19.69 1.34
N LYS A 6 -1.91 20.68 1.57
CA LYS A 6 -1.74 21.76 0.54
C LYS A 6 -1.01 21.19 -0.67
N VAL A 7 0.30 21.14 -0.61
CA VAL A 7 1.07 20.59 -1.77
C VAL A 7 0.86 19.08 -1.86
N THR A 8 0.80 18.56 -3.05
CA THR A 8 0.59 17.10 -3.21
C THR A 8 1.84 16.35 -2.74
N SER A 9 2.31 15.42 -3.52
CA SER A 9 3.54 14.66 -3.12
C SER A 9 4.11 13.94 -4.34
N GLY A 10 3.71 12.71 -4.56
CA GLY A 10 4.25 11.96 -5.73
C GLY A 10 3.38 10.72 -5.97
N HIS A 11 2.66 10.69 -7.05
CA HIS A 11 1.81 9.51 -7.35
C HIS A 11 0.87 9.25 -6.16
N THR A 12 -0.06 8.34 -6.32
CA THR A 12 -1.01 8.04 -5.20
C THR A 12 -0.30 7.19 -4.15
N THR A 13 -0.08 5.93 -4.44
CA THR A 13 0.61 5.04 -3.46
C THR A 13 2.12 5.09 -3.70
N THR A 14 2.90 4.58 -2.78
CA THR A 14 4.37 4.59 -2.95
C THR A 14 4.74 3.76 -4.18
N THR A 15 5.82 3.02 -4.12
CA THR A 15 6.22 2.19 -5.29
C THR A 15 5.70 0.76 -5.11
N ARG A 16 4.99 0.26 -6.09
CA ARG A 16 4.43 -1.13 -6.01
C ARG A 16 4.95 -1.94 -7.20
N ARG A 17 4.94 -3.25 -7.09
CA ARG A 17 5.44 -4.13 -8.21
C ARG A 17 6.97 -4.28 -8.12
N SER A 18 7.53 -4.05 -6.97
CA SER A 18 9.00 -4.20 -6.76
C SER A 18 9.16 -4.71 -5.34
N CYS A 19 8.29 -4.22 -4.50
CA CYS A 19 8.23 -4.64 -3.07
C CYS A 19 6.80 -5.09 -2.84
N SER A 20 6.53 -5.90 -1.84
CA SER A 20 5.13 -6.35 -1.67
C SER A 20 4.27 -5.17 -1.23
N LYS A 21 3.37 -4.73 -2.08
CA LYS A 21 2.48 -3.59 -1.73
C LYS A 21 1.06 -3.98 -2.14
N VAL A 22 0.19 -4.09 -1.17
CA VAL A 22 -1.22 -4.46 -1.46
C VAL A 22 -2.17 -3.40 -0.91
N ILE A 23 -2.89 -2.70 -1.76
CA ILE A 23 -3.84 -1.65 -1.26
C ILE A 23 -5.25 -1.96 -1.80
N THR A 24 -6.14 -2.33 -0.92
CA THR A 24 -7.54 -2.65 -1.31
C THR A 24 -8.50 -1.96 -0.35
N LYS A 25 -9.35 -1.09 -0.84
CA LYS A 25 -10.34 -0.41 0.05
C LYS A 25 -11.70 -0.79 -0.49
N THR A 26 -12.41 -1.62 0.21
CA THR A 26 -13.75 -2.07 -0.30
C THR A 26 -14.86 -1.52 0.60
N VAL A 27 -15.77 -0.75 0.06
CA VAL A 27 -16.89 -0.20 0.87
C VAL A 27 -18.17 -0.97 0.55
N THR A 28 -18.65 -1.75 1.47
CA THR A 28 -19.90 -2.54 1.23
C THR A 28 -21.08 -1.92 1.96
N ASN A 29 -21.96 -1.27 1.25
CA ASN A 29 -23.15 -0.64 1.91
C ASN A 29 -24.36 -1.57 1.76
N ALA A 30 -24.93 -1.96 2.85
CA ALA A 30 -26.12 -2.87 2.82
C ALA A 30 -27.14 -2.38 1.81
N ASP A 31 -26.98 -1.20 1.28
CA ASP A 31 -27.99 -0.70 0.30
C ASP A 31 -27.89 -1.50 -0.99
N GLY A 32 -26.93 -2.40 -1.09
CA GLY A 32 -26.82 -3.24 -2.32
C GLY A 32 -25.73 -2.71 -3.25
N ARG A 33 -24.91 -1.78 -2.79
CA ARG A 33 -23.83 -1.22 -3.68
C ARG A 33 -22.45 -1.51 -3.07
N THR A 34 -21.46 -1.71 -3.90
CA THR A 34 -20.09 -2.00 -3.38
C THR A 34 -19.02 -1.50 -4.37
N GLU A 35 -18.09 -0.73 -3.89
CA GLU A 35 -16.99 -0.19 -4.77
C GLU A 35 -15.65 -0.71 -4.24
N THR A 36 -14.65 -0.80 -5.07
CA THR A 36 -13.32 -1.30 -4.62
C THR A 36 -12.27 -0.27 -5.01
N THR A 37 -11.69 0.40 -4.06
CA THR A 37 -10.64 1.40 -4.37
C THR A 37 -9.29 0.72 -4.17
N LYS A 38 -8.54 0.57 -5.22
CA LYS A 38 -7.20 -0.07 -5.16
C LYS A 38 -7.37 -1.59 -5.02
N GLU A 39 -6.33 -2.34 -5.27
CA GLU A 39 -6.42 -3.83 -5.18
C GLU A 39 -5.12 -4.41 -4.62
N VAL A 40 -4.60 -5.46 -5.21
CA VAL A 40 -3.34 -6.10 -4.70
C VAL A 40 -2.23 -6.02 -5.76
N VAL A 41 -1.03 -5.71 -5.34
CA VAL A 41 0.13 -5.66 -6.28
C VAL A 41 1.30 -6.39 -5.63
N LYS A 42 1.67 -7.54 -6.15
CA LYS A 42 2.79 -8.33 -5.54
C LYS A 42 3.96 -8.42 -6.52
N SER A 43 5.12 -7.98 -6.12
CA SER A 43 6.30 -8.04 -7.00
C SER A 43 6.79 -9.49 -7.13
N GLU A 44 7.82 -9.70 -7.92
CA GLU A 44 8.37 -11.08 -8.09
C GLU A 44 9.66 -11.20 -7.29
N ASP A 45 9.59 -11.10 -5.98
CA ASP A 45 10.81 -11.21 -5.14
C ASP A 45 11.79 -10.10 -5.51
N GLY A 46 11.49 -8.88 -5.16
CA GLY A 46 12.43 -7.75 -5.48
C GLY A 46 13.66 -7.87 -4.58
N SER A 47 14.51 -8.83 -4.86
CA SER A 47 15.73 -9.03 -4.03
C SER A 47 16.36 -7.70 -3.64
N ASP A 48 16.31 -6.71 -4.50
CA ASP A 48 16.93 -5.38 -4.17
C ASP A 48 15.87 -4.28 -4.15
N CYS A 49 14.71 -4.56 -3.62
CA CYS A 49 13.63 -3.53 -3.56
C CYS A 49 13.32 -3.20 -2.09
N GLY A 50 13.01 -1.96 -1.83
CA GLY A 50 12.69 -1.56 -0.41
C GLY A 50 13.70 -2.19 0.54
N ASP A 51 14.91 -1.69 0.56
CA ASP A 51 15.94 -2.27 1.48
C ASP A 51 16.02 -3.79 1.29
N ALA A 52 15.14 -4.53 1.91
CA ALA A 52 15.16 -6.02 1.77
C ALA A 52 13.77 -6.51 1.33
N ASP A 53 13.09 -5.75 0.53
CA ASP A 53 11.75 -6.21 0.04
C ASP A 53 10.80 -6.50 1.21
N PHE A 54 9.79 -5.69 1.40
CA PHE A 54 8.84 -5.95 2.51
C PHE A 54 7.60 -5.06 2.35
N ASP A 55 7.26 -4.31 3.35
CA ASP A 55 6.06 -3.41 3.24
C ASP A 55 4.81 -4.27 3.01
N TRP A 56 3.77 -4.07 3.80
CA TRP A 56 2.52 -4.88 3.63
C TRP A 56 1.31 -3.94 3.61
N HIS A 57 0.84 -3.55 4.77
CA HIS A 57 -0.33 -2.63 4.86
C HIS A 57 -1.57 -3.31 4.27
N HIS A 58 -2.68 -3.23 4.97
CA HIS A 58 -3.94 -3.86 4.48
C HIS A 58 -5.15 -3.05 4.96
N THR A 59 -5.62 -2.14 4.15
CA THR A 59 -6.80 -1.33 4.56
C THR A 59 -8.09 -2.10 4.29
N PHE A 60 -8.60 -2.79 5.27
CA PHE A 60 -9.86 -3.57 5.08
C PHE A 60 -11.04 -2.77 5.65
N PRO A 61 -12.25 -3.03 5.17
CA PRO A 61 -13.43 -2.30 5.67
C PRO A 61 -13.41 -2.28 7.20
N SER A 62 -13.74 -1.17 7.80
CA SER A 62 -13.73 -1.09 9.28
C SER A 62 -12.27 -1.21 9.75
N ARG A 63 -12.05 -1.54 10.99
CA ARG A 63 -10.66 -1.67 11.49
C ARG A 63 -9.83 -2.52 10.52
N GLY A 64 -8.81 -1.95 9.94
CA GLY A 64 -7.97 -2.73 8.99
C GLY A 64 -7.39 -3.96 9.69
N ASN A 65 -7.50 -5.11 9.07
CA ASN A 65 -6.96 -6.34 9.71
C ASN A 65 -5.48 -6.13 10.06
N LEU A 66 -4.87 -5.15 9.47
CA LEU A 66 -3.43 -4.89 9.77
C LEU A 66 -3.06 -3.47 9.33
N ASP A 67 -3.18 -2.52 10.22
CA ASP A 67 -2.84 -1.11 9.85
C ASP A 67 -1.46 -1.09 9.19
N ASP A 68 -1.04 0.04 8.72
CA ASP A 68 0.30 0.13 8.07
C ASP A 68 1.35 -0.49 8.99
N PHE A 69 2.46 -0.91 8.44
CA PHE A 69 3.53 -1.51 9.28
C PHE A 69 4.85 -1.48 8.53
N PHE A 70 5.08 -0.46 7.74
CA PHE A 70 6.36 -0.38 6.97
C PHE A 70 7.53 -0.48 7.94
N HIS A 71 8.50 -1.30 7.64
CA HIS A 71 9.68 -1.43 8.55
C HIS A 71 10.88 -1.95 7.75
N ARG A 72 10.85 -3.19 7.36
CA ARG A 72 11.99 -3.75 6.58
C ARG A 72 11.98 -3.17 5.17
N ASP A 73 12.13 -1.87 5.07
CA ASP A 73 12.13 -1.20 3.74
C ASP A 73 13.08 0.01 3.79
N LYS A 74 13.48 0.52 2.66
CA LYS A 74 14.40 1.69 2.67
C LYS A 74 13.69 2.91 3.26
N ASP A 75 13.97 3.22 4.50
CA ASP A 75 13.31 4.40 5.15
C ASP A 75 14.21 4.94 6.25
N ASP A 76 15.36 5.46 5.90
CA ASP A 76 16.28 6.00 6.93
C ASP A 76 15.69 7.27 7.53
N PHE A 77 16.35 8.39 7.37
CA PHE A 77 15.81 9.66 7.94
C PHE A 77 15.48 9.46 9.42
N PHE A 78 14.26 9.06 9.71
CA PHE A 78 13.88 8.85 11.14
C PHE A 78 12.55 8.10 11.19
N THR A 79 12.24 7.52 12.32
CA THR A 79 10.96 6.76 12.44
C THR A 79 9.79 7.71 12.17
N MET A 1 -20.51 21.30 -5.22
CA MET A 1 -19.94 22.29 -4.27
C MET A 1 -18.46 21.94 -4.01
N ILE A 2 -17.57 22.48 -4.80
CA ILE A 2 -16.13 22.20 -4.60
C ILE A 2 -15.70 22.67 -3.21
N ASP A 3 -14.53 22.27 -2.77
CA ASP A 3 -14.06 22.70 -1.42
C ASP A 3 -12.54 22.59 -1.37
N ASN A 4 -11.95 22.89 -0.24
CA ASN A 4 -10.46 22.79 -0.12
C ASN A 4 -10.04 21.34 -0.27
N GLU A 5 -9.72 20.92 -1.46
CA GLU A 5 -9.30 19.50 -1.67
C GLU A 5 -7.92 19.28 -1.02
N LYS A 6 -6.89 19.22 -1.82
CA LYS A 6 -5.53 19.01 -1.25
C LYS A 6 -5.55 17.77 -0.36
N VAL A 7 -6.10 16.69 -0.85
CA VAL A 7 -6.14 15.44 -0.04
C VAL A 7 -4.72 14.92 0.20
N THR A 8 -4.11 14.35 -0.81
CA THR A 8 -2.73 13.84 -0.65
C THR A 8 -2.12 13.57 -2.03
N SER A 9 -0.89 13.93 -2.22
CA SER A 9 -0.24 13.69 -3.55
C SER A 9 -0.39 12.22 -3.93
N GLY A 10 -0.44 11.93 -5.19
CA GLY A 10 -0.58 10.50 -5.62
C GLY A 10 -0.31 10.38 -7.13
N HIS A 11 0.92 10.54 -7.53
CA HIS A 11 1.24 10.43 -8.98
C HIS A 11 1.17 8.96 -9.40
N THR A 12 0.56 8.67 -10.52
CA THR A 12 0.47 7.26 -10.98
C THR A 12 -0.05 6.38 -9.83
N THR A 13 -0.19 5.10 -10.05
CA THR A 13 -0.68 4.21 -8.95
C THR A 13 0.45 4.01 -7.93
N THR A 14 1.45 4.84 -7.97
CA THR A 14 2.59 4.71 -7.03
C THR A 14 3.52 3.60 -7.52
N THR A 15 4.62 3.38 -6.85
CA THR A 15 5.58 2.33 -7.30
C THR A 15 5.17 0.97 -6.72
N ARG A 16 5.28 -0.06 -7.49
CA ARG A 16 4.91 -1.42 -7.01
C ARG A 16 5.71 -2.45 -7.79
N ARG A 17 5.92 -3.64 -7.23
CA ARG A 17 6.74 -4.73 -7.89
C ARG A 17 8.11 -4.80 -7.22
N SER A 18 8.98 -3.86 -7.50
CA SER A 18 10.35 -3.88 -6.86
C SER A 18 10.20 -4.17 -5.36
N CYS A 19 9.02 -4.01 -4.87
CA CYS A 19 8.74 -4.30 -3.43
C CYS A 19 7.32 -4.86 -3.35
N SER A 20 7.04 -5.67 -2.35
CA SER A 20 5.67 -6.24 -2.25
C SER A 20 4.67 -5.13 -1.95
N LYS A 21 3.69 -4.96 -2.79
CA LYS A 21 2.67 -3.89 -2.55
C LYS A 21 1.28 -4.47 -2.82
N VAL A 22 0.46 -4.50 -1.80
CA VAL A 22 -0.92 -5.02 -1.92
C VAL A 22 -1.89 -3.94 -1.47
N ILE A 23 -2.74 -3.44 -2.35
CA ILE A 23 -3.70 -2.36 -1.96
C ILE A 23 -5.13 -2.88 -2.11
N THR A 24 -5.81 -3.08 -1.01
CA THR A 24 -7.22 -3.57 -1.05
C THR A 24 -8.10 -2.60 -0.25
N LYS A 25 -8.97 -1.86 -0.90
CA LYS A 25 -9.87 -0.93 -0.16
C LYS A 25 -11.29 -1.31 -0.53
N THR A 26 -12.01 -1.90 0.38
CA THR A 26 -13.41 -2.32 0.06
C THR A 26 -14.38 -1.36 0.76
N VAL A 27 -15.19 -0.64 0.01
CA VAL A 27 -16.16 0.31 0.65
C VAL A 27 -17.58 -0.26 0.59
N THR A 28 -18.12 -0.61 1.73
CA THR A 28 -19.51 -1.16 1.78
C THR A 28 -20.45 -0.13 2.40
N ASN A 29 -21.26 0.52 1.60
CA ASN A 29 -22.20 1.56 2.15
C ASN A 29 -23.59 0.95 2.30
N ALA A 30 -24.11 0.94 3.49
CA ALA A 30 -25.47 0.36 3.75
C ALA A 30 -26.48 0.90 2.72
N ASP A 31 -26.12 1.92 1.97
CA ASP A 31 -27.10 2.47 0.99
C ASP A 31 -27.26 1.49 -0.17
N GLY A 32 -26.50 0.42 -0.18
CA GLY A 32 -26.62 -0.60 -1.28
C GLY A 32 -25.47 -0.46 -2.28
N ARG A 33 -24.51 0.39 -2.00
CA ARG A 33 -23.36 0.56 -2.94
C ARG A 33 -22.19 -0.29 -2.47
N THR A 34 -21.42 -0.79 -3.39
CA THR A 34 -20.25 -1.63 -3.01
C THR A 34 -19.18 -1.59 -4.10
N GLU A 35 -18.05 -1.01 -3.81
CA GLU A 35 -16.92 -0.94 -4.80
C GLU A 35 -15.76 -1.76 -4.24
N THR A 36 -14.92 -2.31 -5.08
CA THR A 36 -13.78 -3.12 -4.58
C THR A 36 -12.52 -2.66 -5.29
N THR A 37 -11.62 -2.06 -4.57
CA THR A 37 -10.34 -1.63 -5.18
C THR A 37 -9.31 -2.67 -4.77
N LYS A 38 -8.85 -3.46 -5.69
CA LYS A 38 -7.85 -4.52 -5.36
C LYS A 38 -6.71 -4.50 -6.38
N GLU A 39 -5.52 -4.17 -5.93
CA GLU A 39 -4.34 -4.13 -6.84
C GLU A 39 -3.20 -4.91 -6.18
N VAL A 40 -3.09 -6.19 -6.45
CA VAL A 40 -1.99 -7.00 -5.81
C VAL A 40 -0.82 -7.13 -6.80
N VAL A 41 0.35 -6.66 -6.42
CA VAL A 41 1.54 -6.78 -7.32
C VAL A 41 2.73 -7.28 -6.49
N LYS A 42 3.13 -8.51 -6.68
CA LYS A 42 4.27 -9.09 -5.89
C LYS A 42 5.42 -9.46 -6.84
N SER A 43 6.60 -8.97 -6.58
CA SER A 43 7.76 -9.29 -7.46
C SER A 43 8.14 -10.77 -7.30
N GLU A 44 7.46 -11.65 -7.98
CA GLU A 44 7.78 -13.10 -7.88
C GLU A 44 9.31 -13.30 -7.92
N ASP A 45 10.02 -12.31 -8.41
CA ASP A 45 11.51 -12.40 -8.48
C ASP A 45 12.11 -11.46 -7.42
N GLY A 46 13.40 -11.53 -7.21
CA GLY A 46 14.03 -10.66 -6.18
C GLY A 46 13.80 -9.19 -6.53
N SER A 47 14.70 -8.32 -6.14
CA SER A 47 14.56 -6.87 -6.44
C SER A 47 15.49 -6.08 -5.50
N ASP A 48 15.56 -4.79 -5.66
CA ASP A 48 16.46 -3.97 -4.79
C ASP A 48 15.69 -2.79 -4.19
N CYS A 49 15.30 -2.90 -2.94
CA CYS A 49 14.55 -1.80 -2.27
C CYS A 49 15.47 -1.15 -1.23
N GLY A 50 15.43 0.15 -1.12
CA GLY A 50 16.33 0.85 -0.14
C GLY A 50 16.28 0.14 1.23
N ASP A 51 15.33 -0.72 1.43
CA ASP A 51 15.24 -1.44 2.74
C ASP A 51 14.11 -2.48 2.70
N ALA A 52 13.74 -2.94 1.54
CA ALA A 52 12.62 -3.92 1.47
C ALA A 52 11.34 -3.17 1.77
N ASP A 53 11.13 -2.08 1.06
CA ASP A 53 9.92 -1.21 1.29
C ASP A 53 8.74 -2.04 1.77
N PHE A 54 8.56 -3.22 1.25
CA PHE A 54 7.42 -4.09 1.67
C PHE A 54 6.15 -3.24 1.79
N ASP A 55 5.89 -2.71 2.95
CA ASP A 55 4.67 -1.85 3.13
C ASP A 55 3.41 -2.66 2.78
N TRP A 56 3.35 -3.90 3.20
CA TRP A 56 2.16 -4.75 2.88
C TRP A 56 0.86 -3.93 3.01
N HIS A 57 0.20 -3.99 4.15
CA HIS A 57 -1.05 -3.21 4.30
C HIS A 57 -1.54 -3.26 5.75
N HIS A 58 -2.48 -2.42 6.11
CA HIS A 58 -3.02 -2.40 7.51
C HIS A 58 -4.10 -1.33 7.63
N THR A 59 -4.61 -1.12 8.81
CA THR A 59 -5.65 -0.07 9.02
C THR A 59 -6.70 -0.14 7.91
N PHE A 60 -7.64 -1.04 8.02
CA PHE A 60 -8.72 -1.14 6.98
C PHE A 60 -10.00 -0.46 7.53
N PRO A 61 -10.87 0.00 6.64
CA PRO A 61 -12.11 0.65 7.08
C PRO A 61 -12.90 -0.29 8.00
N SER A 62 -13.07 -1.52 7.61
CA SER A 62 -13.83 -2.48 8.46
C SER A 62 -13.16 -2.58 9.83
N ARG A 63 -12.03 -3.23 9.91
CA ARG A 63 -11.33 -3.36 11.21
C ARG A 63 -9.99 -4.08 11.01
N GLY A 64 -9.11 -3.49 10.25
CA GLY A 64 -7.79 -4.13 10.00
C GLY A 64 -7.99 -5.54 9.45
N ASN A 65 -8.17 -5.67 8.16
CA ASN A 65 -8.36 -7.01 7.56
C ASN A 65 -7.00 -7.68 7.35
N LEU A 66 -6.07 -6.99 6.74
CA LEU A 66 -4.72 -7.59 6.51
C LEU A 66 -3.99 -7.61 7.86
N ASP A 67 -3.64 -8.78 8.34
CA ASP A 67 -2.93 -8.87 9.64
C ASP A 67 -1.45 -8.53 9.44
N ASP A 68 -1.11 -7.85 8.38
CA ASP A 68 0.32 -7.49 8.16
C ASP A 68 0.70 -6.35 9.10
N PHE A 69 1.81 -5.70 8.83
CA PHE A 69 2.24 -4.59 9.72
C PHE A 69 3.66 -4.17 9.32
N PHE A 70 4.10 -4.61 8.16
CA PHE A 70 5.46 -4.27 7.71
C PHE A 70 5.74 -2.77 7.93
N HIS A 71 5.23 -1.93 7.07
CA HIS A 71 5.48 -0.47 7.23
C HIS A 71 6.99 -0.23 7.28
N ARG A 72 7.76 -1.12 6.70
CA ARG A 72 9.25 -0.96 6.71
C ARG A 72 9.70 -0.34 5.38
N ASP A 73 10.36 0.78 5.43
CA ASP A 73 10.84 1.43 4.18
C ASP A 73 11.76 2.60 4.52
N LYS A 74 12.36 3.21 3.53
CA LYS A 74 13.27 4.37 3.80
C LYS A 74 12.45 5.65 3.95
N ASP A 75 12.51 6.28 5.10
CA ASP A 75 11.73 7.52 5.31
C ASP A 75 12.14 8.17 6.62
N ASP A 76 12.79 9.29 6.58
CA ASP A 76 13.23 9.98 7.83
C ASP A 76 12.00 10.31 8.68
N PHE A 77 11.89 9.74 9.84
CA PHE A 77 10.72 10.03 10.70
C PHE A 77 10.76 11.50 11.15
N PHE A 78 9.85 12.29 10.66
CA PHE A 78 9.84 13.74 11.05
C PHE A 78 9.70 13.85 12.56
N THR A 79 9.98 15.01 13.10
CA THR A 79 9.87 15.18 14.59
C THR A 79 8.39 15.14 14.99
N MET A 1 8.95 18.79 -21.54
CA MET A 1 7.89 17.82 -21.19
C MET A 1 7.07 18.37 -20.02
N ILE A 2 6.72 17.53 -19.07
CA ILE A 2 5.92 18.02 -17.91
C ILE A 2 4.68 18.76 -18.42
N ASP A 3 3.64 18.05 -18.75
CA ASP A 3 2.41 18.71 -19.26
C ASP A 3 1.75 19.50 -18.12
N ASN A 4 0.46 19.56 -18.10
CA ASN A 4 -0.24 20.32 -17.02
C ASN A 4 -1.74 20.01 -17.05
N GLU A 5 -2.32 19.73 -15.92
CA GLU A 5 -3.77 19.41 -15.89
C GLU A 5 -4.23 19.29 -14.43
N LYS A 6 -5.46 18.88 -14.21
CA LYS A 6 -5.95 18.73 -12.81
C LYS A 6 -5.25 17.55 -12.15
N VAL A 7 -3.97 17.43 -12.35
CA VAL A 7 -3.20 16.30 -11.74
C VAL A 7 -3.66 16.06 -10.30
N THR A 8 -3.89 14.83 -9.94
CA THR A 8 -4.34 14.50 -8.56
C THR A 8 -3.99 13.05 -8.25
N SER A 9 -3.64 12.76 -7.02
CA SER A 9 -3.31 11.35 -6.65
C SER A 9 -3.04 11.29 -5.14
N GLY A 10 -1.96 11.89 -4.69
CA GLY A 10 -1.64 11.86 -3.24
C GLY A 10 -0.27 12.50 -3.01
N HIS A 11 -0.04 13.66 -3.57
CA HIS A 11 1.28 14.33 -3.38
C HIS A 11 2.40 13.34 -3.72
N THR A 12 3.38 13.21 -2.87
CA THR A 12 4.50 12.28 -3.14
C THR A 12 3.93 10.90 -3.50
N THR A 13 2.93 10.46 -2.78
CA THR A 13 2.33 9.12 -3.06
C THR A 13 3.33 8.02 -2.72
N THR A 14 3.42 7.01 -3.53
CA THR A 14 4.39 5.91 -3.26
C THR A 14 4.62 5.08 -4.52
N THR A 15 5.69 4.34 -4.57
CA THR A 15 5.99 3.50 -5.78
C THR A 15 5.63 2.04 -5.46
N ARG A 16 4.92 1.39 -6.35
CA ARG A 16 4.53 -0.04 -6.13
C ARG A 16 5.13 -0.89 -7.27
N ARG A 17 5.24 -2.18 -7.07
CA ARG A 17 5.83 -3.08 -8.11
C ARG A 17 7.36 -3.03 -8.02
N SER A 18 7.87 -2.63 -6.88
CA SER A 18 9.35 -2.56 -6.65
C SER A 18 9.59 -3.24 -5.30
N CYS A 19 8.50 -3.46 -4.63
CA CYS A 19 8.49 -4.17 -3.33
C CYS A 19 7.14 -4.86 -3.23
N SER A 20 6.93 -5.76 -2.32
CA SER A 20 5.60 -6.40 -2.25
C SER A 20 4.59 -5.34 -1.82
N LYS A 21 3.60 -5.06 -2.65
CA LYS A 21 2.58 -4.04 -2.29
C LYS A 21 1.19 -4.57 -2.62
N VAL A 22 0.41 -4.77 -1.61
CA VAL A 22 -0.98 -5.30 -1.80
C VAL A 22 -1.99 -4.38 -1.11
N ILE A 23 -2.91 -3.82 -1.86
CA ILE A 23 -3.92 -2.89 -1.26
C ILE A 23 -5.33 -3.44 -1.54
N THR A 24 -6.00 -3.89 -0.52
CA THR A 24 -7.39 -4.43 -0.67
C THR A 24 -8.34 -3.66 0.25
N LYS A 25 -9.23 -2.88 -0.31
CA LYS A 25 -10.20 -2.12 0.52
C LYS A 25 -11.59 -2.53 0.07
N THR A 26 -12.30 -3.28 0.86
CA THR A 26 -13.66 -3.72 0.43
C THR A 26 -14.70 -2.87 1.17
N VAL A 27 -15.50 -2.11 0.46
CA VAL A 27 -16.54 -1.25 1.13
C VAL A 27 -17.93 -1.86 0.93
N THR A 28 -18.52 -2.33 2.00
CA THR A 28 -19.89 -2.93 1.92
C THR A 28 -20.91 -1.98 2.56
N ASN A 29 -21.69 -1.28 1.77
CA ASN A 29 -22.69 -0.33 2.35
C ASN A 29 -24.06 -1.01 2.37
N ALA A 30 -24.63 -1.17 3.53
CA ALA A 30 -25.95 -1.83 3.66
C ALA A 30 -26.95 -1.26 2.65
N ASP A 31 -26.65 -0.15 2.03
CA ASP A 31 -27.63 0.42 1.05
C ASP A 31 -27.66 -0.46 -0.21
N GLY A 32 -26.79 -1.42 -0.30
CA GLY A 32 -26.78 -2.33 -1.50
C GLY A 32 -25.62 -1.99 -2.43
N ARG A 33 -24.75 -1.11 -2.03
CA ARG A 33 -23.59 -0.75 -2.91
C ARG A 33 -22.37 -1.58 -2.52
N THR A 34 -21.46 -1.77 -3.43
CA THR A 34 -20.25 -2.58 -3.11
C THR A 34 -19.10 -2.22 -4.05
N GLU A 35 -18.06 -1.63 -3.53
CA GLU A 35 -16.87 -1.25 -4.36
C GLU A 35 -15.68 -2.06 -3.84
N THR A 36 -14.80 -2.53 -4.70
CA THR A 36 -13.64 -3.32 -4.21
C THR A 36 -12.37 -2.77 -4.85
N THR A 37 -11.52 -2.20 -4.06
CA THR A 37 -10.23 -1.68 -4.59
C THR A 37 -9.19 -2.74 -4.28
N LYS A 38 -8.71 -3.44 -5.27
CA LYS A 38 -7.69 -4.51 -5.04
C LYS A 38 -6.46 -4.26 -5.91
N GLU A 39 -5.79 -3.16 -5.69
CA GLU A 39 -4.56 -2.87 -6.50
C GLU A 39 -3.42 -3.76 -6.00
N VAL A 40 -3.33 -4.99 -6.48
CA VAL A 40 -2.25 -5.90 -6.02
C VAL A 40 -1.11 -5.94 -7.05
N VAL A 41 0.07 -5.55 -6.66
CA VAL A 41 1.24 -5.59 -7.61
C VAL A 41 2.45 -6.17 -6.87
N LYS A 42 2.88 -7.36 -7.24
CA LYS A 42 4.06 -7.99 -6.56
C LYS A 42 5.25 -8.01 -7.52
N SER A 43 6.30 -7.31 -7.17
CA SER A 43 7.50 -7.29 -8.06
C SER A 43 8.12 -8.68 -8.13
N GLU A 44 9.09 -8.86 -8.97
CA GLU A 44 9.76 -10.19 -9.10
C GLU A 44 11.23 -9.96 -9.44
N ASP A 45 12.10 -10.86 -9.06
CA ASP A 45 13.54 -10.70 -9.37
C ASP A 45 13.98 -9.26 -9.05
N GLY A 46 13.37 -8.65 -8.07
CA GLY A 46 13.75 -7.25 -7.71
C GLY A 46 13.25 -6.92 -6.31
N SER A 47 13.56 -5.75 -5.82
CA SER A 47 13.12 -5.36 -4.45
C SER A 47 13.20 -3.83 -4.31
N ASP A 48 12.74 -3.28 -3.21
CA ASP A 48 12.82 -1.80 -3.04
C ASP A 48 12.79 -1.51 -1.55
N CYS A 49 12.92 -2.54 -0.77
CA CYS A 49 12.93 -2.44 0.71
C CYS A 49 14.33 -2.90 1.15
N GLY A 50 14.83 -2.50 2.31
CA GLY A 50 16.22 -2.93 2.73
C GLY A 50 16.61 -4.30 2.13
N ASP A 51 16.02 -5.37 2.59
CA ASP A 51 16.39 -6.70 2.01
C ASP A 51 15.30 -7.73 2.32
N ALA A 52 14.14 -7.59 1.71
CA ALA A 52 13.05 -8.57 1.97
C ALA A 52 11.86 -8.24 1.06
N ASP A 53 11.33 -7.05 1.20
CA ASP A 53 10.13 -6.62 0.40
C ASP A 53 8.88 -6.99 1.20
N PHE A 54 7.89 -6.14 1.21
CA PHE A 54 6.65 -6.47 1.99
C PHE A 54 5.71 -5.26 2.02
N ASP A 55 4.68 -5.35 2.82
CA ASP A 55 3.68 -4.23 2.94
C ASP A 55 2.60 -4.65 3.93
N TRP A 56 2.45 -3.93 5.02
CA TRP A 56 1.41 -4.30 6.05
C TRP A 56 0.29 -3.24 6.04
N HIS A 57 0.38 -2.26 5.19
CA HIS A 57 -0.69 -1.21 5.15
C HIS A 57 -1.88 -1.75 4.33
N HIS A 58 -2.85 -2.33 4.99
CA HIS A 58 -4.03 -2.85 4.25
C HIS A 58 -5.11 -3.28 5.25
N THR A 59 -5.60 -4.48 5.14
CA THR A 59 -6.68 -4.96 6.07
C THR A 59 -8.01 -4.34 5.61
N PHE A 60 -9.12 -4.94 5.94
CA PHE A 60 -10.42 -4.37 5.51
C PHE A 60 -10.72 -3.11 6.35
N PRO A 61 -11.40 -2.12 5.78
CA PRO A 61 -11.73 -0.90 6.52
C PRO A 61 -12.53 -1.25 7.78
N SER A 62 -13.31 -2.30 7.72
CA SER A 62 -14.13 -2.71 8.90
C SER A 62 -13.26 -2.66 10.16
N ARG A 63 -12.02 -3.08 10.06
CA ARG A 63 -11.11 -3.07 11.25
C ARG A 63 -10.13 -1.90 11.11
N GLY A 64 -10.54 -0.85 10.47
CA GLY A 64 -9.62 0.33 10.32
C GLY A 64 -8.33 -0.12 9.63
N ASN A 65 -8.17 0.19 8.38
CA ASN A 65 -6.92 -0.22 7.66
C ASN A 65 -5.69 0.18 8.47
N LEU A 66 -4.57 -0.43 8.18
CA LEU A 66 -3.31 -0.10 8.92
C LEU A 66 -2.60 1.05 8.19
N ASP A 67 -3.00 2.26 8.43
CA ASP A 67 -2.35 3.41 7.74
C ASP A 67 -0.84 3.32 7.96
N ASP A 68 -0.13 2.74 7.03
CA ASP A 68 1.36 2.62 7.18
C ASP A 68 2.02 2.60 5.80
N PHE A 69 2.76 1.57 5.49
CA PHE A 69 3.42 1.50 4.17
C PHE A 69 4.35 0.26 4.15
N PHE A 70 5.28 0.18 5.06
CA PHE A 70 6.19 -0.99 5.09
C PHE A 70 6.68 -1.21 6.53
N HIS A 71 7.23 -2.37 6.82
CA HIS A 71 7.72 -2.64 8.19
C HIS A 71 8.67 -3.84 8.16
N ARG A 72 8.25 -4.91 7.54
CA ARG A 72 9.12 -6.12 7.47
C ARG A 72 10.26 -5.86 6.49
N ASP A 73 11.31 -5.21 6.95
CA ASP A 73 12.45 -4.93 6.05
C ASP A 73 13.65 -4.45 6.88
N LYS A 74 14.84 -4.59 6.36
CA LYS A 74 16.04 -4.15 7.11
C LYS A 74 17.27 -4.24 6.21
N ASP A 75 18.40 -3.78 6.69
CA ASP A 75 19.63 -3.84 5.85
C ASP A 75 20.86 -3.76 6.76
N ASP A 76 22.04 -3.88 6.19
CA ASP A 76 23.27 -3.80 7.02
C ASP A 76 23.32 -2.47 7.76
N PHE A 77 24.26 -2.30 8.64
CA PHE A 77 24.37 -1.01 9.39
C PHE A 77 24.73 0.11 8.41
N PHE A 78 24.22 1.29 8.65
CA PHE A 78 24.54 2.42 7.74
C PHE A 78 24.06 3.73 8.38
N THR A 79 23.69 3.69 9.62
CA THR A 79 23.21 4.94 10.30
C THR A 79 23.20 4.71 11.82
N MET A 1 4.94 18.38 -11.30
CA MET A 1 4.64 19.82 -11.07
C MET A 1 5.25 20.65 -12.20
N ILE A 2 6.55 20.71 -12.29
CA ILE A 2 7.20 21.50 -13.36
C ILE A 2 6.84 20.88 -14.72
N ASP A 3 6.68 21.70 -15.73
CA ASP A 3 6.35 21.16 -17.08
C ASP A 3 7.59 20.53 -17.71
N ASN A 4 8.18 19.57 -17.05
CA ASN A 4 9.39 18.91 -17.60
C ASN A 4 9.72 17.67 -16.79
N GLU A 5 9.16 16.55 -17.15
CA GLU A 5 9.44 15.29 -16.39
C GLU A 5 10.91 14.90 -16.57
N LYS A 6 11.52 14.34 -15.57
CA LYS A 6 12.95 13.94 -15.69
C LYS A 6 13.35 13.11 -14.46
N VAL A 7 13.83 11.92 -14.66
CA VAL A 7 14.23 11.06 -13.51
C VAL A 7 15.37 10.14 -13.94
N THR A 8 16.32 9.91 -13.08
CA THR A 8 17.45 9.01 -13.44
C THR A 8 16.94 7.58 -13.60
N SER A 9 16.79 6.87 -12.52
CA SER A 9 16.29 5.46 -12.61
C SER A 9 14.81 5.47 -13.01
N GLY A 10 13.96 5.98 -12.16
CA GLY A 10 12.51 6.02 -12.48
C GLY A 10 11.72 6.54 -11.28
N HIS A 11 10.47 6.19 -11.18
CA HIS A 11 9.63 6.66 -10.04
C HIS A 11 10.42 6.61 -8.73
N THR A 12 11.10 7.67 -8.40
CA THR A 12 11.90 7.68 -7.15
C THR A 12 10.98 7.97 -5.95
N THR A 13 9.92 8.70 -6.18
CA THR A 13 8.99 9.02 -5.07
C THR A 13 8.37 7.72 -4.54
N THR A 14 7.21 7.37 -5.03
CA THR A 14 6.55 6.12 -4.55
C THR A 14 7.15 4.91 -5.28
N THR A 15 6.84 3.73 -4.83
CA THR A 15 7.38 2.50 -5.49
C THR A 15 6.33 1.39 -5.40
N ARG A 16 6.00 0.77 -6.51
CA ARG A 16 4.98 -0.32 -6.49
C ARG A 16 5.56 -1.54 -7.25
N ARG A 17 5.40 -2.73 -6.71
CA ARG A 17 5.94 -3.99 -7.36
C ARG A 17 7.29 -4.36 -6.74
N SER A 18 8.36 -3.69 -7.11
CA SER A 18 9.71 -4.01 -6.53
C SER A 18 9.57 -4.23 -5.02
N CYS A 19 8.52 -3.69 -4.46
CA CYS A 19 8.24 -3.85 -3.00
C CYS A 19 6.81 -4.36 -2.85
N SER A 20 6.49 -5.04 -1.80
CA SER A 20 5.09 -5.53 -1.66
C SER A 20 4.20 -4.33 -1.31
N LYS A 21 3.25 -4.04 -2.15
CA LYS A 21 2.34 -2.88 -1.90
C LYS A 21 0.91 -3.32 -2.20
N VAL A 22 0.06 -3.28 -1.20
CA VAL A 22 -1.37 -3.69 -1.40
C VAL A 22 -2.30 -2.57 -0.96
N ILE A 23 -3.06 -2.01 -1.87
CA ILE A 23 -4.01 -0.92 -1.50
C ILE A 23 -5.44 -1.39 -1.81
N THR A 24 -6.20 -1.69 -0.79
CA THR A 24 -7.60 -2.18 -0.98
C THR A 24 -8.55 -1.38 -0.10
N LYS A 25 -9.50 -0.71 -0.69
CA LYS A 25 -10.51 0.06 0.10
C LYS A 25 -11.84 -0.56 -0.27
N THR A 26 -12.44 -1.29 0.63
CA THR A 26 -13.74 -1.95 0.31
C THR A 26 -14.84 -1.38 1.21
N VAL A 27 -15.85 -0.78 0.64
CA VAL A 27 -16.95 -0.20 1.46
C VAL A 27 -18.25 -0.95 1.17
N THR A 28 -18.69 -1.75 2.10
CA THR A 28 -19.95 -2.52 1.91
C THR A 28 -21.13 -1.72 2.49
N ASN A 29 -21.96 -1.17 1.65
CA ASN A 29 -23.11 -0.37 2.16
C ASN A 29 -24.36 -1.25 2.22
N ALA A 30 -24.87 -1.48 3.41
CA ALA A 30 -26.08 -2.32 3.58
C ALA A 30 -27.18 -1.87 2.62
N ASP A 31 -27.01 -0.77 1.94
CA ASP A 31 -28.09 -0.31 1.02
C ASP A 31 -28.17 -1.27 -0.17
N GLY A 32 -27.39 -2.32 -0.19
CA GLY A 32 -27.46 -3.30 -1.31
C GLY A 32 -26.40 -2.99 -2.37
N ARG A 33 -25.50 -2.07 -2.11
CA ARG A 33 -24.45 -1.73 -3.12
C ARG A 33 -23.10 -1.60 -2.43
N THR A 34 -22.03 -1.76 -3.16
CA THR A 34 -20.68 -1.66 -2.55
C THR A 34 -19.63 -1.33 -3.61
N GLU A 35 -18.65 -0.54 -3.27
CA GLU A 35 -17.56 -0.18 -4.21
C GLU A 35 -16.27 -0.83 -3.71
N THR A 36 -15.39 -1.28 -4.58
CA THR A 36 -14.13 -1.93 -4.10
C THR A 36 -12.96 -1.34 -4.86
N THR A 37 -12.13 -0.61 -4.18
CA THR A 37 -10.92 -0.05 -4.84
C THR A 37 -9.81 -1.03 -4.53
N LYS A 38 -9.26 -1.68 -5.52
CA LYS A 38 -8.17 -2.67 -5.27
C LYS A 38 -6.98 -2.39 -6.18
N GLU A 39 -5.81 -2.72 -5.73
CA GLU A 39 -4.57 -2.50 -6.54
C GLU A 39 -3.45 -3.34 -5.91
N VAL A 40 -3.33 -4.59 -6.29
CA VAL A 40 -2.26 -5.45 -5.69
C VAL A 40 -1.07 -5.56 -6.65
N VAL A 41 0.08 -5.11 -6.24
CA VAL A 41 1.31 -5.23 -7.10
C VAL A 41 2.45 -5.75 -6.22
N LYS A 42 2.84 -6.99 -6.42
CA LYS A 42 3.95 -7.58 -5.60
C LYS A 42 5.11 -7.99 -6.51
N SER A 43 6.31 -7.64 -6.14
CA SER A 43 7.51 -8.00 -6.98
C SER A 43 7.35 -9.40 -7.58
N GLU A 44 6.95 -9.48 -8.82
CA GLU A 44 6.79 -10.82 -9.47
C GLU A 44 8.17 -11.32 -9.91
N ASP A 45 9.19 -10.53 -9.67
CA ASP A 45 10.57 -10.93 -10.06
C ASP A 45 11.57 -9.99 -9.38
N GLY A 46 11.51 -9.86 -8.08
CA GLY A 46 12.45 -8.95 -7.38
C GLY A 46 12.40 -9.21 -5.88
N SER A 47 11.43 -8.67 -5.19
CA SER A 47 11.33 -8.90 -3.73
C SER A 47 12.66 -8.54 -3.07
N ASP A 48 13.25 -7.44 -3.46
CA ASP A 48 14.57 -7.05 -2.87
C ASP A 48 14.71 -5.52 -2.88
N CYS A 49 13.93 -4.85 -2.07
CA CYS A 49 14.01 -3.35 -2.00
C CYS A 49 14.06 -2.95 -0.52
N GLY A 50 14.86 -1.98 -0.17
CA GLY A 50 14.97 -1.60 1.28
C GLY A 50 16.04 -2.50 1.90
N ASP A 51 16.18 -2.55 3.20
CA ASP A 51 17.22 -3.44 3.78
C ASP A 51 16.78 -4.89 3.60
N ALA A 52 15.75 -5.12 2.83
CA ALA A 52 15.29 -6.52 2.62
C ALA A 52 14.19 -6.55 1.54
N ASP A 53 12.98 -6.18 1.90
CA ASP A 53 11.84 -6.18 0.91
C ASP A 53 10.52 -6.15 1.67
N PHE A 54 9.42 -6.24 0.95
CA PHE A 54 8.08 -6.25 1.61
C PHE A 54 7.69 -4.83 2.04
N ASP A 55 6.75 -4.72 2.97
CA ASP A 55 6.23 -3.42 3.53
C ASP A 55 4.71 -3.32 3.28
N TRP A 56 4.03 -2.45 3.99
CA TRP A 56 2.54 -2.29 3.82
C TRP A 56 1.83 -3.62 4.07
N HIS A 57 0.94 -3.65 5.04
CA HIS A 57 0.20 -4.90 5.39
C HIS A 57 -0.51 -5.49 4.17
N HIS A 58 -1.80 -5.66 4.26
CA HIS A 58 -2.57 -6.26 3.12
C HIS A 58 -3.93 -5.57 2.95
N THR A 59 -4.91 -5.90 3.75
CA THR A 59 -6.26 -5.28 3.59
C THR A 59 -7.07 -5.42 4.88
N PHE A 60 -7.80 -4.38 5.25
CA PHE A 60 -8.64 -4.46 6.50
C PHE A 60 -10.00 -5.07 6.12
N PRO A 61 -10.67 -5.73 7.07
CA PRO A 61 -11.99 -6.35 6.79
C PRO A 61 -13.06 -5.27 6.50
N SER A 62 -13.20 -4.86 5.26
CA SER A 62 -14.23 -3.85 4.90
C SER A 62 -13.93 -2.51 5.57
N ARG A 63 -13.60 -2.51 6.83
CA ARG A 63 -13.31 -1.23 7.54
C ARG A 63 -12.25 -1.50 8.61
N GLY A 64 -11.29 -0.64 8.77
CA GLY A 64 -10.25 -0.87 9.81
C GLY A 64 -9.14 0.17 9.64
N ASN A 65 -8.00 -0.04 10.24
CA ASN A 65 -6.90 0.94 10.11
C ASN A 65 -5.55 0.23 10.28
N LEU A 66 -5.30 -0.79 9.50
CA LEU A 66 -4.01 -1.51 9.63
C LEU A 66 -2.87 -0.50 9.42
N ASP A 67 -2.91 0.21 8.32
CA ASP A 67 -1.84 1.22 8.05
C ASP A 67 -0.48 0.52 8.01
N ASP A 68 0.47 1.04 7.29
CA ASP A 68 1.81 0.39 7.22
C ASP A 68 2.26 0.03 8.64
N PHE A 69 3.09 -0.96 8.76
CA PHE A 69 3.57 -1.36 10.11
C PHE A 69 4.85 -2.17 9.95
N PHE A 70 4.88 -3.01 8.95
CA PHE A 70 6.10 -3.81 8.72
C PHE A 70 7.29 -2.87 8.57
N HIS A 71 7.25 -2.02 7.58
CA HIS A 71 8.37 -1.05 7.37
C HIS A 71 9.69 -1.81 7.27
N ARG A 72 9.64 -3.06 6.91
CA ARG A 72 10.90 -3.85 6.78
C ARG A 72 11.67 -3.34 5.57
N ASP A 73 11.98 -2.07 5.54
CA ASP A 73 12.74 -1.51 4.38
C ASP A 73 13.45 -0.22 4.80
N LYS A 74 14.03 -0.21 5.98
CA LYS A 74 14.74 1.01 6.45
C LYS A 74 15.70 1.48 5.36
N ASP A 75 16.12 2.72 5.41
CA ASP A 75 17.06 3.24 4.38
C ASP A 75 17.67 4.56 4.87
N ASP A 76 18.48 5.19 4.06
CA ASP A 76 19.11 6.47 4.48
C ASP A 76 19.59 7.22 3.24
N PHE A 77 18.75 7.37 2.25
CA PHE A 77 19.16 8.10 1.02
C PHE A 77 19.43 9.56 1.35
N PHE A 78 19.19 9.96 2.57
CA PHE A 78 19.43 11.38 2.96
C PHE A 78 20.91 11.69 2.86
N THR A 79 21.37 12.13 1.72
CA THR A 79 22.81 12.46 1.56
C THR A 79 23.19 13.58 2.55
N MET A 1 32.27 18.12 0.42
CA MET A 1 31.42 18.57 -0.72
C MET A 1 30.14 17.73 -0.76
N ILE A 2 30.14 16.67 -1.52
CA ILE A 2 28.93 15.81 -1.61
C ILE A 2 27.73 16.66 -2.00
N ASP A 3 27.80 17.35 -3.11
CA ASP A 3 26.66 18.20 -3.55
C ASP A 3 25.62 17.34 -4.26
N ASN A 4 25.01 16.42 -3.57
CA ASN A 4 23.98 15.56 -4.22
C ASN A 4 22.78 16.41 -4.64
N GLU A 5 21.91 16.71 -3.72
CA GLU A 5 20.72 17.54 -4.06
C GLU A 5 19.99 16.90 -5.25
N LYS A 6 19.13 15.95 -4.97
CA LYS A 6 18.37 15.28 -6.08
C LYS A 6 16.93 15.03 -5.62
N VAL A 7 16.64 15.29 -4.37
CA VAL A 7 15.26 15.07 -3.87
C VAL A 7 14.28 15.94 -4.66
N THR A 8 14.39 17.23 -4.55
CA THR A 8 13.47 18.13 -5.30
C THR A 8 13.38 17.70 -6.76
N SER A 9 12.48 16.81 -7.07
CA SER A 9 12.33 16.35 -8.48
C SER A 9 11.01 15.58 -8.64
N GLY A 10 10.30 15.84 -9.70
CA GLY A 10 9.00 15.13 -9.91
C GLY A 10 8.06 15.43 -8.75
N HIS A 11 7.00 16.15 -9.00
CA HIS A 11 6.04 16.49 -7.91
C HIS A 11 5.54 15.19 -7.27
N THR A 12 5.32 14.17 -8.05
CA THR A 12 4.83 12.89 -7.47
C THR A 12 4.77 11.83 -8.57
N THR A 13 4.70 10.58 -8.21
CA THR A 13 4.65 9.51 -9.25
C THR A 13 4.33 8.17 -8.57
N THR A 14 3.47 7.38 -9.16
CA THR A 14 3.13 6.06 -8.56
C THR A 14 4.18 5.03 -8.96
N THR A 15 4.47 4.10 -8.09
CA THR A 15 5.50 3.05 -8.41
C THR A 15 5.10 1.72 -7.77
N ARG A 16 5.10 0.66 -8.52
CA ARG A 16 4.74 -0.67 -7.96
C ARG A 16 5.45 -1.76 -8.77
N ARG A 17 5.69 -2.91 -8.16
CA ARG A 17 6.42 -4.06 -8.83
C ARG A 17 7.82 -4.19 -8.21
N SER A 18 8.66 -3.19 -8.37
CA SER A 18 10.06 -3.24 -7.78
C SER A 18 10.01 -3.94 -6.42
N CYS A 19 8.89 -3.84 -5.77
CA CYS A 19 8.69 -4.53 -4.46
C CYS A 19 7.24 -4.95 -4.34
N SER A 20 6.93 -5.78 -3.39
CA SER A 20 5.51 -6.22 -3.25
C SER A 20 4.66 -5.00 -2.92
N LYS A 21 3.70 -4.70 -3.77
CA LYS A 21 2.80 -3.52 -3.52
C LYS A 21 1.35 -4.00 -3.67
N VAL A 22 0.63 -4.00 -2.59
CA VAL A 22 -0.79 -4.43 -2.61
C VAL A 22 -1.67 -3.35 -1.99
N ILE A 23 -2.58 -2.79 -2.76
CA ILE A 23 -3.47 -1.71 -2.21
C ILE A 23 -4.93 -2.19 -2.27
N THR A 24 -5.52 -2.45 -1.12
CA THR A 24 -6.94 -2.92 -1.07
C THR A 24 -7.73 -2.03 -0.10
N LYS A 25 -8.63 -1.22 -0.60
CA LYS A 25 -9.47 -0.36 0.29
C LYS A 25 -10.91 -0.70 -0.01
N THR A 26 -11.58 -1.39 0.87
CA THR A 26 -13.00 -1.76 0.61
C THR A 26 -13.90 -0.92 1.51
N VAL A 27 -14.79 -0.14 0.96
CA VAL A 27 -15.69 0.70 1.82
C VAL A 27 -17.10 0.11 1.82
N THR A 28 -17.51 -0.43 2.93
CA THR A 28 -18.88 -1.02 3.03
C THR A 28 -19.79 -0.06 3.81
N ASN A 29 -20.67 0.61 3.13
CA ASN A 29 -21.59 1.58 3.82
C ASN A 29 -22.95 0.94 4.05
N ALA A 30 -23.34 0.80 5.29
CA ALA A 30 -24.65 0.18 5.63
C ALA A 30 -25.76 0.78 4.78
N ASP A 31 -25.51 1.87 4.10
CA ASP A 31 -26.58 2.49 3.28
C ASP A 31 -26.83 1.62 2.04
N GLY A 32 -26.05 0.59 1.84
CA GLY A 32 -26.25 -0.32 0.65
C GLY A 32 -25.20 -0.05 -0.42
N ARG A 33 -24.25 0.82 -0.16
CA ARG A 33 -23.20 1.12 -1.19
C ARG A 33 -21.96 0.26 -0.90
N THR A 34 -21.19 0.01 -1.92
CA THR A 34 -19.97 -0.83 -1.72
C THR A 34 -18.98 -0.60 -2.87
N GLU A 35 -17.83 -0.04 -2.56
CA GLU A 35 -16.78 0.20 -3.61
C GLU A 35 -15.58 -0.66 -3.26
N THR A 36 -14.84 -1.13 -4.24
CA THR A 36 -13.66 -1.99 -3.94
C THR A 36 -12.48 -1.48 -4.75
N THR A 37 -11.50 -0.95 -4.08
CA THR A 37 -10.28 -0.46 -4.78
C THR A 37 -9.21 -1.50 -4.53
N LYS A 38 -8.87 -2.28 -5.51
CA LYS A 38 -7.83 -3.35 -5.33
C LYS A 38 -6.72 -3.19 -6.37
N GLU A 39 -5.54 -3.62 -6.05
CA GLU A 39 -4.39 -3.50 -7.00
C GLU A 39 -3.26 -4.40 -6.51
N VAL A 40 -3.26 -5.68 -6.84
CA VAL A 40 -2.16 -6.57 -6.37
C VAL A 40 -1.06 -6.62 -7.44
N VAL A 41 0.12 -6.16 -7.11
CA VAL A 41 1.25 -6.22 -8.09
C VAL A 41 2.50 -6.73 -7.37
N LYS A 42 2.89 -7.97 -7.62
CA LYS A 42 4.09 -8.56 -6.94
C LYS A 42 5.15 -8.93 -7.98
N SER A 43 6.36 -8.50 -7.79
CA SER A 43 7.44 -8.85 -8.76
C SER A 43 8.05 -10.19 -8.38
N GLU A 44 9.18 -10.53 -8.96
CA GLU A 44 9.84 -11.83 -8.64
C GLU A 44 11.36 -11.63 -8.62
N ASP A 45 11.84 -10.84 -7.70
CA ASP A 45 13.32 -10.60 -7.62
C ASP A 45 13.74 -10.53 -6.14
N GLY A 46 13.86 -11.66 -5.50
CA GLY A 46 14.27 -11.66 -4.07
C GLY A 46 13.24 -10.92 -3.23
N SER A 47 12.90 -11.46 -2.09
CA SER A 47 11.89 -10.78 -1.22
C SER A 47 12.56 -9.67 -0.42
N ASP A 48 12.22 -8.44 -0.67
CA ASP A 48 12.83 -7.30 0.07
C ASP A 48 11.78 -6.21 0.25
N CYS A 49 10.69 -6.55 0.90
CA CYS A 49 9.59 -5.56 1.15
C CYS A 49 9.37 -5.44 2.65
N GLY A 50 9.08 -4.26 3.13
CA GLY A 50 8.87 -4.10 4.60
C GLY A 50 10.22 -4.14 5.30
N ASP A 51 11.21 -4.72 4.67
CA ASP A 51 12.56 -4.82 5.28
C ASP A 51 13.46 -3.70 4.73
N ALA A 52 13.16 -3.18 3.57
CA ALA A 52 14.02 -2.10 3.00
C ALA A 52 13.21 -1.26 2.02
N ASP A 53 12.45 -1.88 1.16
CA ASP A 53 11.63 -1.07 0.19
C ASP A 53 10.47 -0.44 0.95
N PHE A 54 9.24 -0.65 0.55
CA PHE A 54 8.12 -0.04 1.31
C PHE A 54 6.76 -0.43 0.73
N ASP A 55 5.71 0.10 1.31
CA ASP A 55 4.32 -0.20 0.84
C ASP A 55 3.95 -1.64 1.16
N TRP A 56 2.79 -1.85 1.72
CA TRP A 56 2.33 -3.22 2.06
C TRP A 56 0.79 -3.24 2.02
N HIS A 57 0.16 -3.01 3.13
CA HIS A 57 -1.33 -3.01 3.16
C HIS A 57 -1.87 -4.22 2.38
N HIS A 58 -2.14 -5.31 3.07
CA HIS A 58 -2.67 -6.53 2.38
C HIS A 58 -4.01 -6.92 3.02
N THR A 59 -4.86 -7.58 2.28
CA THR A 59 -6.19 -7.98 2.83
C THR A 59 -6.97 -6.73 3.24
N PHE A 60 -8.18 -6.61 2.76
CA PHE A 60 -9.00 -5.39 3.09
C PHE A 60 -9.26 -5.33 4.60
N PRO A 61 -9.51 -4.13 5.12
CA PRO A 61 -9.77 -3.95 6.57
C PRO A 61 -10.91 -4.86 7.03
N SER A 62 -11.93 -5.02 6.23
CA SER A 62 -13.09 -5.89 6.63
C SER A 62 -12.58 -7.16 7.31
N ARG A 63 -11.44 -7.66 6.88
CA ARG A 63 -10.87 -8.90 7.50
C ARG A 63 -9.34 -8.81 7.47
N GLY A 64 -8.80 -7.62 7.56
CA GLY A 64 -7.32 -7.46 7.53
C GLY A 64 -6.76 -7.59 8.94
N ASN A 65 -5.50 -7.26 9.13
CA ASN A 65 -4.90 -7.37 10.49
C ASN A 65 -3.55 -6.64 10.53
N LEU A 66 -2.75 -6.78 9.50
CA LEU A 66 -1.43 -6.08 9.49
C LEU A 66 -1.64 -4.60 9.80
N ASP A 67 -2.69 -4.03 9.27
CA ASP A 67 -2.96 -2.57 9.50
C ASP A 67 -2.10 -1.75 8.52
N ASP A 68 -2.71 -0.89 7.75
CA ASP A 68 -1.94 -0.08 6.77
C ASP A 68 -0.68 0.48 7.42
N PHE A 69 0.32 0.76 6.64
CA PHE A 69 1.59 1.31 7.19
C PHE A 69 2.32 2.07 6.07
N PHE A 70 1.96 3.29 5.83
CA PHE A 70 2.64 4.07 4.75
C PHE A 70 4.15 4.02 4.96
N HIS A 71 4.89 3.83 3.90
CA HIS A 71 6.37 3.76 4.02
C HIS A 71 6.76 2.63 4.97
N ARG A 72 7.95 2.11 4.85
CA ARG A 72 8.40 1.00 5.73
C ARG A 72 9.72 0.43 5.16
N ASP A 73 10.79 0.53 5.90
CA ASP A 73 12.10 0.01 5.40
C ASP A 73 12.99 -0.29 6.61
N LYS A 74 13.42 -1.51 6.78
CA LYS A 74 14.30 -1.84 7.94
C LYS A 74 15.76 -1.58 7.57
N ASP A 75 16.45 -0.81 8.37
CA ASP A 75 17.89 -0.50 8.06
C ASP A 75 18.78 -1.47 8.83
N ASP A 76 19.03 -1.20 10.08
CA ASP A 76 19.90 -2.11 10.89
C ASP A 76 19.58 -1.94 12.38
N PHE A 77 20.52 -2.22 13.24
CA PHE A 77 20.27 -2.06 14.70
C PHE A 77 20.09 -0.59 15.04
N PHE A 78 19.81 -0.28 16.27
CA PHE A 78 19.63 1.15 16.66
C PHE A 78 20.95 1.90 16.49
N THR A 79 21.15 2.52 15.36
CA THR A 79 22.42 3.27 15.13
C THR A 79 23.61 2.35 15.45
N MET A 1 -8.81 15.10 19.01
CA MET A 1 -7.62 15.53 18.23
C MET A 1 -7.25 14.44 17.22
N ILE A 2 -6.43 14.75 16.26
CA ILE A 2 -6.04 13.74 15.23
C ILE A 2 -5.52 12.49 15.96
N ASP A 3 -6.20 11.39 15.83
CA ASP A 3 -5.74 10.14 16.50
C ASP A 3 -4.40 9.71 15.91
N ASN A 4 -4.37 9.39 14.64
CA ASN A 4 -3.09 8.95 14.01
C ASN A 4 -2.20 10.18 13.76
N GLU A 5 -0.95 10.09 14.09
CA GLU A 5 -0.04 11.24 13.87
C GLU A 5 -0.09 11.66 12.40
N LYS A 6 0.17 12.91 12.11
CA LYS A 6 0.14 13.37 10.69
C LYS A 6 0.70 14.79 10.61
N VAL A 7 1.54 15.04 9.64
CA VAL A 7 2.12 16.41 9.51
C VAL A 7 1.05 17.37 9.00
N THR A 8 0.76 17.35 7.73
CA THR A 8 -0.27 18.26 7.18
C THR A 8 -0.74 17.74 5.81
N SER A 9 -0.12 16.70 5.33
CA SER A 9 -0.51 16.14 4.01
C SER A 9 0.17 14.80 3.80
N GLY A 10 0.45 14.45 2.57
CA GLY A 10 1.12 13.14 2.30
C GLY A 10 1.10 12.86 0.80
N HIS A 11 2.16 12.32 0.27
CA HIS A 11 2.19 12.02 -1.18
C HIS A 11 1.20 10.89 -1.49
N THR A 12 0.64 10.88 -2.68
CA THR A 12 -0.32 9.81 -3.02
C THR A 12 0.41 8.50 -3.28
N THR A 13 0.25 7.93 -4.46
CA THR A 13 0.96 6.66 -4.76
C THR A 13 0.97 6.44 -6.28
N THR A 14 1.84 5.60 -6.77
CA THR A 14 1.90 5.35 -8.24
C THR A 14 2.95 4.28 -8.54
N THR A 15 3.87 4.07 -7.64
CA THR A 15 4.94 3.04 -7.89
C THR A 15 4.49 1.66 -7.40
N ARG A 16 4.60 0.67 -8.24
CA ARG A 16 4.20 -0.71 -7.85
C ARG A 16 5.02 -1.70 -8.68
N ARG A 17 5.24 -2.91 -8.17
CA ARG A 17 6.05 -3.98 -8.88
C ARG A 17 7.41 -4.14 -8.18
N SER A 18 8.28 -3.17 -8.33
CA SER A 18 9.66 -3.24 -7.70
C SER A 18 9.60 -3.99 -6.35
N CYS A 19 8.46 -3.93 -5.72
CA CYS A 19 8.27 -4.69 -4.45
C CYS A 19 6.79 -5.09 -4.36
N SER A 20 6.45 -5.94 -3.44
CA SER A 20 5.03 -6.37 -3.33
C SER A 20 4.17 -5.16 -2.94
N LYS A 21 3.23 -4.82 -3.78
CA LYS A 21 2.33 -3.65 -3.47
C LYS A 21 0.90 -4.09 -3.75
N VAL A 22 0.11 -4.15 -2.70
CA VAL A 22 -1.33 -4.55 -2.84
C VAL A 22 -2.20 -3.48 -2.20
N ILE A 23 -3.05 -2.84 -2.98
CA ILE A 23 -3.96 -1.78 -2.42
C ILE A 23 -5.39 -2.30 -2.48
N THR A 24 -5.97 -2.61 -1.34
CA THR A 24 -7.37 -3.13 -1.30
C THR A 24 -8.24 -2.24 -0.40
N LYS A 25 -9.16 -1.51 -0.98
CA LYS A 25 -10.07 -0.64 -0.17
C LYS A 25 -11.47 -1.13 -0.48
N THR A 26 -12.13 -1.79 0.43
CA THR A 26 -13.49 -2.30 0.15
C THR A 26 -14.52 -1.51 0.95
N VAL A 27 -15.43 -0.82 0.30
CA VAL A 27 -16.47 -0.03 1.04
C VAL A 27 -17.83 -0.73 0.91
N THR A 28 -18.34 -1.22 2.01
CA THR A 28 -19.67 -1.93 1.99
C THR A 28 -20.74 -1.04 2.62
N ASN A 29 -21.60 -0.45 1.83
CA ASN A 29 -22.69 0.41 2.39
C ASN A 29 -24.00 -0.37 2.42
N ALA A 30 -24.50 -0.61 3.60
CA ALA A 30 -25.78 -1.36 3.77
C ALA A 30 -26.86 -0.81 2.83
N ASP A 31 -26.61 0.29 2.19
CA ASP A 31 -27.65 0.86 1.29
C ASP A 31 -27.85 -0.06 0.09
N GLY A 32 -27.08 -1.11 -0.03
CA GLY A 32 -27.27 -2.06 -1.17
C GLY A 32 -26.25 -1.79 -2.27
N ARG A 33 -25.26 -0.96 -2.02
CA ARG A 33 -24.23 -0.67 -3.08
C ARG A 33 -22.84 -0.85 -2.49
N THR A 34 -21.88 -1.23 -3.30
CA THR A 34 -20.51 -1.45 -2.76
C THR A 34 -19.48 -1.34 -3.88
N GLU A 35 -18.33 -0.78 -3.56
CA GLU A 35 -17.24 -0.62 -4.58
C GLU A 35 -16.04 -1.44 -4.07
N THR A 36 -15.24 -2.02 -4.95
CA THR A 36 -14.08 -2.82 -4.49
C THR A 36 -12.86 -2.38 -5.27
N THR A 37 -11.92 -1.77 -4.61
CA THR A 37 -10.67 -1.36 -5.30
C THR A 37 -9.65 -2.41 -4.94
N LYS A 38 -9.18 -3.15 -5.89
CA LYS A 38 -8.17 -4.22 -5.59
C LYS A 38 -7.07 -4.21 -6.66
N GLU A 39 -5.94 -3.63 -6.33
CA GLU A 39 -4.79 -3.58 -7.30
C GLU A 39 -3.66 -4.46 -6.77
N VAL A 40 -3.57 -5.70 -7.17
CA VAL A 40 -2.48 -6.59 -6.68
C VAL A 40 -1.31 -6.58 -7.68
N VAL A 41 -0.15 -6.14 -7.25
CA VAL A 41 1.03 -6.13 -8.18
C VAL A 41 2.23 -6.76 -7.46
N LYS A 42 2.59 -7.97 -7.82
CA LYS A 42 3.75 -8.66 -7.16
C LYS A 42 4.85 -8.94 -8.19
N SER A 43 6.05 -8.49 -7.93
CA SER A 43 7.17 -8.74 -8.88
C SER A 43 7.89 -10.02 -8.49
N GLU A 44 9.08 -10.23 -9.00
CA GLU A 44 9.85 -11.47 -8.65
C GLU A 44 11.34 -11.11 -8.55
N ASP A 45 12.08 -11.82 -7.73
CA ASP A 45 13.53 -11.52 -7.58
C ASP A 45 13.72 -10.08 -7.10
N GLY A 46 14.74 -9.83 -6.34
CA GLY A 46 14.97 -8.45 -5.84
C GLY A 46 16.08 -8.46 -4.79
N SER A 47 16.44 -7.31 -4.28
CA SER A 47 17.51 -7.24 -3.24
C SER A 47 16.88 -7.39 -1.85
N ASP A 48 15.85 -6.64 -1.58
CA ASP A 48 15.19 -6.74 -0.25
C ASP A 48 13.77 -6.17 -0.32
N CYS A 49 12.82 -7.00 -0.68
CA CYS A 49 11.40 -6.53 -0.78
C CYS A 49 10.57 -7.28 0.26
N GLY A 50 9.34 -6.86 0.48
CA GLY A 50 8.50 -7.56 1.51
C GLY A 50 9.29 -7.71 2.80
N ASP A 51 10.40 -7.02 2.91
CA ASP A 51 11.23 -7.12 4.14
C ASP A 51 11.88 -5.75 4.42
N ALA A 52 11.87 -4.85 3.46
CA ALA A 52 12.48 -3.53 3.71
C ALA A 52 11.92 -2.52 2.71
N ASP A 53 12.23 -2.69 1.43
CA ASP A 53 11.77 -1.75 0.34
C ASP A 53 10.70 -0.76 0.81
N PHE A 54 9.49 -0.88 0.30
CA PHE A 54 8.40 0.07 0.69
C PHE A 54 7.34 -0.65 1.53
N ASP A 55 6.32 0.06 1.93
CA ASP A 55 5.24 -0.56 2.75
C ASP A 55 3.99 0.33 2.67
N TRP A 56 2.84 -0.20 3.00
CA TRP A 56 1.58 0.61 2.91
C TRP A 56 0.64 0.24 4.05
N HIS A 57 0.24 -1.01 4.12
CA HIS A 57 -0.69 -1.45 5.20
C HIS A 57 -1.89 -0.50 5.25
N HIS A 58 -2.81 -0.74 6.15
CA HIS A 58 -4.01 0.15 6.24
C HIS A 58 -4.67 -0.04 7.61
N THR A 59 -5.70 0.73 7.90
CA THR A 59 -6.40 0.60 9.21
C THR A 59 -7.90 0.84 9.01
N PHE A 60 -8.45 0.35 7.94
CA PHE A 60 -9.91 0.55 7.68
C PHE A 60 -10.72 -0.25 8.71
N PRO A 61 -11.92 0.19 9.04
CA PRO A 61 -12.77 -0.53 10.01
C PRO A 61 -12.88 -2.01 9.60
N SER A 62 -13.21 -2.27 8.37
CA SER A 62 -13.33 -3.69 7.92
C SER A 62 -11.92 -4.27 7.70
N ARG A 63 -11.54 -5.24 8.48
CA ARG A 63 -10.20 -5.85 8.34
C ARG A 63 -9.13 -4.86 8.84
N GLY A 64 -8.87 -4.86 10.12
CA GLY A 64 -7.86 -3.91 10.67
C GLY A 64 -6.46 -4.35 10.23
N ASN A 65 -5.93 -5.39 10.82
CA ASN A 65 -4.58 -5.87 10.44
C ASN A 65 -4.48 -5.98 8.92
N LEU A 66 -3.28 -5.94 8.39
CA LEU A 66 -3.11 -6.04 6.90
C LEU A 66 -1.82 -6.83 6.60
N ASP A 67 -1.36 -7.62 7.53
CA ASP A 67 -0.11 -8.41 7.30
C ASP A 67 1.07 -7.47 7.07
N ASP A 68 1.08 -6.75 5.98
CA ASP A 68 2.21 -5.82 5.70
C ASP A 68 2.58 -5.03 6.96
N PHE A 69 1.86 -3.99 7.25
CA PHE A 69 2.17 -3.17 8.47
C PHE A 69 3.45 -2.36 8.24
N PHE A 70 3.57 -1.23 8.87
CA PHE A 70 4.78 -0.36 8.70
C PHE A 70 6.05 -1.22 8.55
N HIS A 71 6.69 -1.13 7.42
CA HIS A 71 7.92 -1.93 7.19
C HIS A 71 8.76 -1.27 6.09
N ARG A 72 8.52 -0.01 5.85
CA ARG A 72 9.28 0.71 4.78
C ARG A 72 10.78 0.42 4.94
N ASP A 73 11.57 0.74 3.95
CA ASP A 73 13.03 0.47 4.03
C ASP A 73 13.57 0.88 5.41
N LYS A 74 14.79 0.53 5.71
CA LYS A 74 15.39 0.88 7.03
C LYS A 74 16.15 2.20 6.90
N ASP A 75 16.23 2.97 7.95
CA ASP A 75 16.97 4.26 7.88
C ASP A 75 18.47 3.98 7.77
N ASP A 76 19.28 4.80 8.38
CA ASP A 76 20.75 4.59 8.31
C ASP A 76 21.45 5.55 9.27
N PHE A 77 21.85 5.08 10.42
CA PHE A 77 22.54 5.96 11.39
C PHE A 77 23.88 6.40 10.83
N PHE A 78 24.47 7.43 11.36
CA PHE A 78 25.77 7.92 10.85
C PHE A 78 26.85 6.88 11.14
N THR A 79 27.94 6.90 10.42
CA THR A 79 29.02 5.92 10.67
C THR A 79 30.26 6.30 9.86
N MET A 1 -7.09 15.35 -17.05
CA MET A 1 -7.16 14.85 -18.45
C MET A 1 -5.81 14.24 -18.84
N ILE A 2 -5.72 13.69 -20.02
CA ILE A 2 -4.42 13.08 -20.45
C ILE A 2 -3.37 14.19 -20.62
N ASP A 3 -3.76 15.32 -21.14
CA ASP A 3 -2.79 16.43 -21.33
C ASP A 3 -2.41 17.02 -19.97
N ASN A 4 -1.18 17.43 -19.81
CA ASN A 4 -0.76 18.01 -18.50
C ASN A 4 -1.23 19.47 -18.41
N GLU A 5 -1.55 19.92 -17.23
CA GLU A 5 -2.02 21.33 -17.05
C GLU A 5 -0.91 22.14 -16.36
N LYS A 6 -0.59 23.29 -16.91
CA LYS A 6 0.48 24.13 -16.29
C LYS A 6 1.72 23.26 -16.04
N VAL A 7 2.32 23.39 -14.89
CA VAL A 7 3.53 22.58 -14.59
C VAL A 7 3.79 22.59 -13.07
N THR A 8 4.29 21.52 -12.54
CA THR A 8 4.57 21.48 -11.07
C THR A 8 5.35 20.20 -10.74
N SER A 9 6.19 20.26 -9.74
CA SER A 9 6.97 19.05 -9.37
C SER A 9 6.02 17.99 -8.79
N GLY A 10 6.30 17.50 -7.62
CA GLY A 10 5.42 16.47 -7.01
C GLY A 10 5.60 15.14 -7.75
N HIS A 11 6.71 14.50 -7.58
CA HIS A 11 6.95 13.20 -8.28
C HIS A 11 6.05 12.12 -7.68
N THR A 12 5.67 11.15 -8.46
CA THR A 12 4.78 10.07 -7.94
C THR A 12 4.79 8.89 -8.91
N THR A 13 5.89 8.19 -8.98
CA THR A 13 5.96 7.01 -9.92
C THR A 13 5.33 5.79 -9.25
N THR A 14 4.27 5.28 -9.81
CA THR A 14 3.62 4.07 -9.21
C THR A 14 4.45 2.84 -9.53
N THR A 15 4.57 1.93 -8.59
CA THR A 15 5.37 0.69 -8.84
C THR A 15 4.75 -0.48 -8.04
N ARG A 16 4.49 -1.58 -8.69
CA ARG A 16 3.92 -2.76 -7.98
C ARG A 16 4.43 -4.04 -8.67
N ARG A 17 4.63 -5.11 -7.92
CA ARG A 17 5.15 -6.39 -8.53
C ARG A 17 6.68 -6.35 -8.61
N SER A 18 7.30 -5.70 -7.66
CA SER A 18 8.80 -5.62 -7.61
C SER A 18 9.14 -5.37 -6.14
N CYS A 19 8.24 -4.71 -5.50
CA CYS A 19 8.34 -4.40 -4.06
C CYS A 19 7.02 -4.89 -3.45
N SER A 20 6.99 -5.32 -2.23
CA SER A 20 5.67 -5.78 -1.72
C SER A 20 4.74 -4.58 -1.75
N LYS A 21 3.71 -4.63 -2.56
CA LYS A 21 2.76 -3.47 -2.67
C LYS A 21 1.34 -3.97 -2.55
N VAL A 22 0.64 -3.54 -1.53
CA VAL A 22 -0.77 -3.98 -1.34
C VAL A 22 -1.67 -2.75 -1.27
N ILE A 23 -2.52 -2.57 -2.26
CA ILE A 23 -3.45 -1.39 -2.26
C ILE A 23 -4.89 -1.91 -2.38
N THR A 24 -5.65 -1.75 -1.33
CA THR A 24 -7.07 -2.20 -1.32
C THR A 24 -7.93 -1.09 -0.74
N LYS A 25 -8.79 -0.50 -1.52
CA LYS A 25 -9.69 0.57 -1.00
C LYS A 25 -11.10 0.07 -1.23
N THR A 26 -11.76 -0.39 -0.21
CA THR A 26 -13.13 -0.93 -0.39
C THR A 26 -14.12 -0.11 0.43
N VAL A 27 -15.25 0.25 -0.14
CA VAL A 27 -16.26 1.04 0.62
C VAL A 27 -17.55 0.22 0.76
N THR A 28 -17.81 -0.27 1.93
CA THR A 28 -19.04 -1.09 2.16
C THR A 28 -20.18 -0.18 2.58
N ASN A 29 -21.14 0.04 1.73
CA ASN A 29 -22.29 0.93 2.08
C ASN A 29 -23.45 0.09 2.61
N ALA A 30 -23.84 0.30 3.83
CA ALA A 30 -24.96 -0.47 4.45
C ALA A 30 -26.16 -0.54 3.49
N ASP A 31 -26.15 0.22 2.43
CA ASP A 31 -27.32 0.19 1.50
C ASP A 31 -27.36 -1.16 0.78
N GLY A 32 -26.36 -1.99 0.94
CA GLY A 32 -26.37 -3.33 0.28
C GLY A 32 -25.42 -3.34 -0.93
N ARG A 33 -24.60 -2.34 -1.09
CA ARG A 33 -23.65 -2.31 -2.25
C ARG A 33 -22.24 -1.95 -1.77
N THR A 34 -21.24 -2.37 -2.50
CA THR A 34 -19.83 -2.08 -2.09
C THR A 34 -18.92 -2.12 -3.32
N GLU A 35 -17.90 -1.29 -3.32
CA GLU A 35 -16.94 -1.24 -4.47
C GLU A 35 -15.54 -1.60 -3.96
N THR A 36 -14.68 -2.18 -4.78
CA THR A 36 -13.31 -2.53 -4.32
C THR A 36 -12.33 -1.86 -5.26
N THR A 37 -11.60 -0.89 -4.77
CA THR A 37 -10.61 -0.18 -5.63
C THR A 37 -9.23 -0.71 -5.28
N LYS A 38 -8.64 -1.43 -6.20
CA LYS A 38 -7.27 -2.02 -6.00
C LYS A 38 -7.35 -3.22 -5.05
N GLU A 39 -6.30 -3.99 -4.99
CA GLU A 39 -6.28 -5.20 -4.11
C GLU A 39 -4.85 -5.48 -3.64
N VAL A 40 -4.41 -6.70 -3.79
CA VAL A 40 -3.03 -7.07 -3.33
C VAL A 40 -2.14 -7.39 -4.54
N VAL A 41 -0.90 -6.92 -4.53
CA VAL A 41 0.04 -7.22 -5.65
C VAL A 41 1.35 -7.78 -5.08
N LYS A 42 1.53 -9.07 -5.21
CA LYS A 42 2.77 -9.71 -4.68
C LYS A 42 4.00 -9.28 -5.48
N SER A 43 5.16 -9.31 -4.87
CA SER A 43 6.42 -8.93 -5.58
C SER A 43 7.35 -10.13 -5.60
N GLU A 44 7.96 -10.40 -6.73
CA GLU A 44 8.88 -11.57 -6.80
C GLU A 44 10.14 -11.25 -5.99
N ASP A 45 10.51 -10.00 -5.93
CA ASP A 45 11.73 -9.61 -5.16
C ASP A 45 12.92 -10.38 -5.72
N GLY A 46 13.23 -10.18 -6.98
CA GLY A 46 14.39 -10.90 -7.58
C GLY A 46 15.65 -10.04 -7.43
N SER A 47 15.67 -9.17 -6.44
CA SER A 47 16.86 -8.32 -6.23
C SER A 47 16.66 -7.51 -4.95
N ASP A 48 16.09 -6.33 -5.06
CA ASP A 48 15.86 -5.50 -3.84
C ASP A 48 15.15 -4.21 -4.25
N CYS A 49 14.09 -3.85 -3.55
CA CYS A 49 13.35 -2.60 -3.88
C CYS A 49 13.00 -1.85 -2.60
N GLY A 50 12.86 -0.56 -2.68
CA GLY A 50 12.51 0.25 -1.45
C GLY A 50 13.37 -0.22 -0.28
N ASP A 51 14.63 -0.48 -0.52
CA ASP A 51 15.53 -0.96 0.56
C ASP A 51 15.16 -2.39 0.96
N ALA A 52 14.01 -2.85 0.53
CA ALA A 52 13.59 -4.25 0.88
C ALA A 52 12.09 -4.37 0.59
N ASP A 53 11.36 -3.33 0.88
CA ASP A 53 9.89 -3.35 0.65
C ASP A 53 9.31 -2.02 1.16
N PHE A 54 8.54 -1.34 0.37
CA PHE A 54 7.97 -0.03 0.82
C PHE A 54 7.12 -0.22 2.09
N ASP A 55 7.22 -1.33 2.76
CA ASP A 55 6.39 -1.54 4.00
C ASP A 55 4.91 -1.51 3.63
N TRP A 56 4.12 -2.37 4.22
CA TRP A 56 2.65 -2.42 3.93
C TRP A 56 1.89 -1.68 5.04
N HIS A 57 0.73 -2.16 5.40
CA HIS A 57 -0.08 -1.52 6.49
C HIS A 57 -0.88 -0.34 5.94
N HIS A 58 -1.63 0.31 6.81
CA HIS A 58 -2.43 1.50 6.37
C HIS A 58 -3.41 1.10 5.28
N THR A 59 -4.37 1.95 5.01
CA THR A 59 -5.38 1.67 3.95
C THR A 59 -6.37 0.60 4.43
N PHE A 60 -7.11 0.88 5.46
CA PHE A 60 -8.10 -0.13 5.98
C PHE A 60 -9.24 -0.27 4.94
N PRO A 61 -9.43 -1.43 4.33
CA PRO A 61 -10.50 -1.60 3.33
C PRO A 61 -11.88 -1.45 3.95
N SER A 62 -11.99 -0.85 5.12
CA SER A 62 -13.32 -0.70 5.81
C SER A 62 -13.57 -1.92 6.70
N ARG A 63 -12.97 -3.03 6.40
CA ARG A 63 -13.18 -4.25 7.25
C ARG A 63 -12.33 -4.16 8.52
N GLY A 64 -11.37 -3.27 8.55
CA GLY A 64 -10.52 -3.14 9.77
C GLY A 64 -9.47 -4.25 9.80
N ASN A 65 -8.43 -4.06 10.57
CA ASN A 65 -7.37 -5.10 10.66
C ASN A 65 -6.82 -5.44 9.27
N LEU A 66 -5.68 -4.91 8.93
CA LEU A 66 -5.09 -5.20 7.59
C LEU A 66 -4.19 -6.45 7.71
N ASP A 67 -4.59 -7.53 7.11
CA ASP A 67 -3.77 -8.78 7.20
C ASP A 67 -2.38 -8.54 6.64
N ASP A 68 -1.52 -7.89 7.39
CA ASP A 68 -0.14 -7.63 6.91
C ASP A 68 0.78 -7.37 8.10
N PHE A 69 1.57 -6.34 8.04
CA PHE A 69 2.50 -6.04 9.16
C PHE A 69 2.87 -4.56 9.11
N PHE A 70 3.94 -4.19 9.76
CA PHE A 70 4.35 -2.76 9.75
C PHE A 70 5.72 -2.61 10.40
N HIS A 71 6.73 -3.17 9.80
CA HIS A 71 8.10 -3.07 10.40
C HIS A 71 9.13 -3.64 9.42
N ARG A 72 9.43 -2.92 8.37
CA ARG A 72 10.42 -3.43 7.38
C ARG A 72 10.77 -2.32 6.39
N ASP A 73 11.69 -1.46 6.73
CA ASP A 73 12.08 -0.36 5.81
C ASP A 73 13.29 0.38 6.38
N LYS A 74 14.04 1.03 5.54
CA LYS A 74 15.23 1.78 6.04
C LYS A 74 15.80 2.63 4.91
N ASP A 75 15.62 3.93 4.97
CA ASP A 75 16.16 4.80 3.90
C ASP A 75 17.68 4.88 4.02
N ASP A 76 18.39 4.13 3.21
CA ASP A 76 19.88 4.16 3.28
C ASP A 76 20.39 5.43 2.61
N PHE A 77 21.46 5.35 1.88
CA PHE A 77 22.01 6.55 1.21
C PHE A 77 21.03 7.02 0.13
N PHE A 78 20.55 8.24 0.24
CA PHE A 78 19.60 8.76 -0.77
C PHE A 78 19.36 10.24 -0.54
N THR A 79 19.29 11.01 -1.59
CA THR A 79 19.06 12.48 -1.43
C THR A 79 17.72 12.71 -0.75
N MET A 1 1.26 13.71 6.89
CA MET A 1 1.50 13.06 8.21
C MET A 1 1.08 14.00 9.33
N ILE A 2 1.21 15.28 9.13
CA ILE A 2 0.82 16.26 10.19
C ILE A 2 0.83 17.67 9.60
N ASP A 3 1.72 17.94 8.68
CA ASP A 3 1.77 19.29 8.07
C ASP A 3 0.55 19.51 7.18
N ASN A 4 -0.16 18.45 6.87
CA ASN A 4 -1.36 18.59 6.01
C ASN A 4 -2.38 19.51 6.68
N GLU A 5 -3.28 20.06 5.92
CA GLU A 5 -4.30 20.98 6.52
C GLU A 5 -5.19 20.19 7.48
N LYS A 6 -5.68 19.05 7.05
CA LYS A 6 -6.56 18.24 7.94
C LYS A 6 -6.71 16.83 7.35
N VAL A 7 -6.22 16.62 6.15
CA VAL A 7 -6.33 15.27 5.52
C VAL A 7 -5.02 14.94 4.80
N THR A 8 -4.58 13.71 4.88
CA THR A 8 -3.30 13.33 4.21
C THR A 8 -3.50 13.31 2.69
N SER A 9 -4.55 12.69 2.23
CA SER A 9 -4.80 12.63 0.76
C SER A 9 -3.57 12.05 0.07
N GLY A 10 -3.60 11.96 -1.24
CA GLY A 10 -2.42 11.41 -1.98
C GLY A 10 -1.96 10.13 -1.30
N HIS A 11 -0.71 9.76 -1.49
CA HIS A 11 -0.16 8.52 -0.87
C HIS A 11 1.21 8.82 -0.26
N THR A 12 1.64 10.04 -0.34
CA THR A 12 2.97 10.40 0.24
C THR A 12 4.03 9.42 -0.26
N THR A 13 4.30 9.42 -1.53
CA THR A 13 5.33 8.49 -2.09
C THR A 13 4.93 7.03 -1.82
N THR A 14 4.85 6.24 -2.84
CA THR A 14 4.46 4.81 -2.65
C THR A 14 4.80 4.02 -3.92
N THR A 15 5.91 3.34 -3.92
CA THR A 15 6.30 2.57 -5.14
C THR A 15 5.69 1.16 -5.08
N ARG A 16 5.57 0.52 -6.21
CA ARG A 16 4.98 -0.84 -6.25
C ARG A 16 5.58 -1.59 -7.45
N ARG A 17 5.62 -2.90 -7.40
CA ARG A 17 6.22 -3.71 -8.53
C ARG A 17 7.74 -3.82 -8.33
N SER A 18 8.18 -3.82 -7.10
CA SER A 18 9.63 -3.97 -6.78
C SER A 18 9.68 -4.89 -5.57
N CYS A 19 8.59 -4.91 -4.88
CA CYS A 19 8.41 -5.80 -3.70
C CYS A 19 6.93 -6.12 -3.59
N SER A 20 6.55 -7.00 -2.71
CA SER A 20 5.11 -7.32 -2.59
C SER A 20 4.34 -6.09 -2.09
N LYS A 21 3.49 -5.54 -2.92
CA LYS A 21 2.69 -4.34 -2.52
C LYS A 21 1.25 -4.58 -2.98
N VAL A 22 0.33 -4.60 -2.06
CA VAL A 22 -1.11 -4.83 -2.40
C VAL A 22 -1.99 -3.78 -1.72
N ILE A 23 -2.73 -2.99 -2.48
CA ILE A 23 -3.63 -1.96 -1.85
C ILE A 23 -5.08 -2.34 -2.13
N THR A 24 -5.80 -2.75 -1.12
CA THR A 24 -7.24 -3.13 -1.28
C THR A 24 -8.09 -2.39 -0.24
N LYS A 25 -8.94 -1.48 -0.67
CA LYS A 25 -9.84 -0.76 0.29
C LYS A 25 -11.25 -1.07 -0.15
N THR A 26 -11.97 -1.86 0.58
CA THR A 26 -13.35 -2.23 0.17
C THR A 26 -14.37 -1.53 1.08
N VAL A 27 -15.22 -0.69 0.53
CA VAL A 27 -16.24 0.03 1.36
C VAL A 27 -17.61 -0.60 1.13
N THR A 28 -18.16 -1.23 2.13
CA THR A 28 -19.50 -1.87 2.00
C THR A 28 -20.55 -1.07 2.78
N ASN A 29 -21.38 -0.31 2.11
CA ASN A 29 -22.41 0.50 2.82
C ASN A 29 -23.76 -0.24 2.76
N ALA A 30 -24.24 -0.66 3.91
CA ALA A 30 -25.53 -1.40 3.97
C ALA A 30 -26.62 -0.68 3.19
N ASP A 31 -26.39 0.54 2.76
CA ASP A 31 -27.46 1.27 2.02
C ASP A 31 -27.67 0.64 0.65
N GLY A 32 -26.88 -0.35 0.30
CA GLY A 32 -27.07 -1.03 -1.04
C GLY A 32 -26.01 -0.58 -2.04
N ARG A 33 -25.01 0.16 -1.59
CA ARG A 33 -23.94 0.62 -2.54
C ARG A 33 -22.57 0.32 -1.94
N THR A 34 -21.62 -0.02 -2.77
CA THR A 34 -20.25 -0.36 -2.26
C THR A 34 -19.19 0.02 -3.31
N GLU A 35 -18.03 0.42 -2.86
CA GLU A 35 -16.91 0.78 -3.79
C GLU A 35 -15.76 -0.18 -3.50
N THR A 36 -14.99 -0.59 -4.49
CA THR A 36 -13.88 -1.53 -4.24
C THR A 36 -12.63 -1.01 -4.91
N THR A 37 -11.65 -0.62 -4.14
CA THR A 37 -10.37 -0.15 -4.72
C THR A 37 -9.40 -1.30 -4.56
N LYS A 38 -9.02 -1.92 -5.65
CA LYS A 38 -8.09 -3.08 -5.58
C LYS A 38 -6.84 -2.80 -6.43
N GLU A 39 -5.72 -3.33 -6.03
CA GLU A 39 -4.47 -3.11 -6.81
C GLU A 39 -3.41 -4.11 -6.33
N VAL A 40 -3.41 -5.32 -6.86
CA VAL A 40 -2.39 -6.32 -6.42
C VAL A 40 -1.16 -6.20 -7.32
N VAL A 41 -0.01 -5.88 -6.75
CA VAL A 41 1.24 -5.76 -7.56
C VAL A 41 2.37 -6.51 -6.85
N LYS A 42 2.76 -7.65 -7.35
CA LYS A 42 3.86 -8.46 -6.70
C LYS A 42 5.08 -8.53 -7.62
N SER A 43 6.21 -8.10 -7.13
CA SER A 43 7.45 -8.16 -7.96
C SER A 43 8.04 -9.57 -7.87
N GLU A 44 9.17 -9.80 -8.48
CA GLU A 44 9.77 -11.17 -8.41
C GLU A 44 11.26 -11.10 -8.79
N ASP A 45 11.99 -12.15 -8.51
CA ASP A 45 13.44 -12.21 -8.87
C ASP A 45 14.20 -11.00 -8.30
N GLY A 46 15.26 -11.25 -7.57
CA GLY A 46 16.08 -10.13 -7.01
C GLY A 46 15.78 -9.93 -5.53
N SER A 47 16.56 -9.10 -4.87
CA SER A 47 16.35 -8.83 -3.41
C SER A 47 15.78 -7.41 -3.26
N ASP A 48 14.97 -7.20 -2.26
CA ASP A 48 14.36 -5.85 -2.01
C ASP A 48 13.05 -6.06 -1.24
N CYS A 49 12.99 -7.04 -0.37
CA CYS A 49 11.73 -7.30 0.39
C CYS A 49 12.06 -7.68 1.84
N GLY A 50 11.32 -7.13 2.77
CA GLY A 50 11.56 -7.45 4.21
C GLY A 50 12.91 -6.84 4.63
N ASP A 51 13.86 -6.82 3.76
CA ASP A 51 15.18 -6.21 4.11
C ASP A 51 14.98 -4.72 4.30
N ALA A 52 14.29 -4.07 3.39
CA ALA A 52 14.07 -2.61 3.53
C ALA A 52 12.74 -2.25 2.86
N ASP A 53 12.60 -2.53 1.58
CA ASP A 53 11.32 -2.17 0.90
C ASP A 53 10.12 -2.84 1.59
N PHE A 54 9.80 -4.06 1.24
CA PHE A 54 8.63 -4.73 1.89
C PHE A 54 7.37 -3.92 1.61
N ASP A 55 6.94 -3.12 2.54
CA ASP A 55 5.72 -2.28 2.31
C ASP A 55 4.52 -3.18 2.01
N TRP A 56 3.51 -3.13 2.84
CA TRP A 56 2.29 -3.98 2.61
C TRP A 56 1.06 -3.14 2.99
N HIS A 57 0.51 -3.41 4.14
CA HIS A 57 -0.70 -2.66 4.60
C HIS A 57 -1.84 -2.85 3.59
N HIS A 58 -3.05 -2.80 4.07
CA HIS A 58 -4.21 -2.99 3.16
C HIS A 58 -5.50 -2.66 3.93
N THR A 59 -6.06 -1.51 3.70
CA THR A 59 -7.31 -1.15 4.43
C THR A 59 -8.33 -2.27 4.30
N PHE A 60 -8.32 -3.22 5.20
CA PHE A 60 -9.30 -4.34 5.11
C PHE A 60 -10.60 -3.88 5.80
N PRO A 61 -11.71 -4.47 5.44
CA PRO A 61 -13.01 -4.10 6.03
C PRO A 61 -12.94 -4.18 7.56
N SER A 62 -13.94 -3.65 8.22
CA SER A 62 -13.96 -3.66 9.71
C SER A 62 -13.50 -5.03 10.23
N ARG A 63 -13.53 -6.04 9.40
CA ARG A 63 -13.08 -7.38 9.85
C ARG A 63 -11.59 -7.36 10.20
N GLY A 64 -11.23 -6.70 11.26
CA GLY A 64 -9.80 -6.65 11.66
C GLY A 64 -9.00 -5.80 10.66
N ASN A 65 -7.77 -5.50 10.97
CA ASN A 65 -6.95 -4.67 10.05
C ASN A 65 -5.45 -4.92 10.33
N LEU A 66 -4.68 -5.17 9.32
CA LEU A 66 -3.21 -5.42 9.53
C LEU A 66 -2.46 -4.10 9.53
N ASP A 67 -2.05 -3.63 10.68
CA ASP A 67 -1.31 -2.34 10.75
C ASP A 67 0.19 -2.61 10.67
N ASP A 68 0.64 -3.22 9.60
CA ASP A 68 2.10 -3.51 9.46
C ASP A 68 2.87 -2.20 9.35
N PHE A 69 2.96 -1.66 8.16
CA PHE A 69 3.70 -0.39 7.97
C PHE A 69 3.20 0.29 6.70
N PHE A 70 3.24 1.59 6.65
CA PHE A 70 2.75 2.30 5.43
C PHE A 70 3.80 2.21 4.31
N HIS A 71 5.06 2.17 4.65
CA HIS A 71 6.12 2.09 3.60
C HIS A 71 7.47 1.85 4.26
N ARG A 72 7.79 0.61 4.57
CA ARG A 72 9.10 0.32 5.21
C ARG A 72 10.21 0.48 4.17
N ASP A 73 11.22 1.25 4.46
CA ASP A 73 12.32 1.43 3.48
C ASP A 73 13.47 2.21 4.13
N LYS A 74 14.64 2.16 3.56
CA LYS A 74 15.80 2.89 4.15
C LYS A 74 15.98 4.23 3.42
N ASP A 75 17.01 4.95 3.73
CA ASP A 75 17.23 6.27 3.05
C ASP A 75 18.59 6.83 3.47
N ASP A 76 19.64 6.41 2.79
CA ASP A 76 21.00 6.93 3.15
C ASP A 76 21.18 8.33 2.56
N PHE A 77 22.03 8.48 1.59
CA PHE A 77 22.26 9.81 0.97
C PHE A 77 22.75 10.80 2.04
N PHE A 78 23.53 11.77 1.64
CA PHE A 78 24.05 12.76 2.63
C PHE A 78 24.46 14.04 1.91
N THR A 79 24.11 15.18 2.44
CA THR A 79 24.48 16.46 1.77
C THR A 79 26.00 16.64 1.85
N MET A 1 19.86 22.86 -2.71
CA MET A 1 19.79 23.89 -1.63
C MET A 1 19.79 25.28 -2.27
N ILE A 2 19.46 25.37 -3.53
CA ILE A 2 19.46 26.70 -4.20
C ILE A 2 18.17 27.43 -3.86
N ASP A 3 17.08 27.08 -4.48
CA ASP A 3 15.79 27.77 -4.19
C ASP A 3 15.19 27.19 -2.90
N ASN A 4 13.90 27.04 -2.84
CA ASN A 4 13.26 26.49 -1.62
C ASN A 4 13.87 25.13 -1.30
N GLU A 5 13.93 24.77 -0.06
CA GLU A 5 14.53 23.45 0.32
C GLU A 5 13.58 22.33 -0.12
N LYS A 6 12.76 21.85 0.77
CA LYS A 6 11.82 20.75 0.40
C LYS A 6 10.84 20.52 1.55
N VAL A 7 9.71 21.18 1.51
CA VAL A 7 8.71 20.99 2.60
C VAL A 7 8.14 19.57 2.54
N THR A 8 7.41 19.18 3.53
CA THR A 8 6.83 17.80 3.53
C THR A 8 5.77 17.69 2.43
N SER A 9 5.02 16.62 2.42
CA SER A 9 3.97 16.47 1.38
C SER A 9 3.07 15.30 1.74
N GLY A 10 2.40 14.73 0.78
CA GLY A 10 1.49 13.58 1.08
C GLY A 10 0.72 13.19 -0.19
N HIS A 11 -0.55 12.95 -0.07
CA HIS A 11 -1.35 12.56 -1.26
C HIS A 11 -0.67 11.41 -2.00
N THR A 12 -1.08 10.20 -1.73
CA THR A 12 -0.46 9.02 -2.41
C THR A 12 1.06 9.10 -2.29
N THR A 13 1.73 9.53 -3.34
CA THR A 13 3.21 9.63 -3.28
C THR A 13 3.79 8.27 -2.87
N THR A 14 3.63 7.28 -3.69
CA THR A 14 4.18 5.94 -3.36
C THR A 14 4.27 5.09 -4.64
N THR A 15 5.09 4.08 -4.64
CA THR A 15 5.24 3.21 -5.85
C THR A 15 5.04 1.75 -5.45
N ARG A 16 4.48 0.96 -6.34
CA ARG A 16 4.24 -0.49 -6.04
C ARG A 16 5.17 -1.34 -6.92
N ARG A 17 5.37 -2.59 -6.53
CA ARG A 17 6.30 -3.55 -7.27
C ARG A 17 7.62 -3.62 -6.49
N SER A 18 8.57 -4.40 -6.94
CA SER A 18 9.91 -4.48 -6.20
C SER A 18 9.66 -5.00 -4.76
N CYS A 19 8.65 -4.48 -4.12
CA CYS A 19 8.30 -4.89 -2.74
C CYS A 19 6.85 -5.36 -2.76
N SER A 20 6.41 -6.07 -1.76
CA SER A 20 5.00 -6.54 -1.78
C SER A 20 4.08 -5.40 -1.36
N LYS A 21 3.19 -5.00 -2.23
CA LYS A 21 2.24 -3.88 -1.90
C LYS A 21 0.83 -4.31 -2.30
N VAL A 22 -0.01 -4.54 -1.33
CA VAL A 22 -1.41 -4.96 -1.63
C VAL A 22 -2.39 -3.98 -1.00
N ILE A 23 -3.18 -3.31 -1.80
CA ILE A 23 -4.17 -2.32 -1.26
C ILE A 23 -5.58 -2.76 -1.69
N THR A 24 -6.38 -3.22 -0.75
CA THR A 24 -7.77 -3.67 -1.06
C THR A 24 -8.76 -2.94 -0.13
N LYS A 25 -9.58 -2.08 -0.66
CA LYS A 25 -10.60 -1.38 0.18
C LYS A 25 -11.95 -1.69 -0.41
N THR A 26 -12.75 -2.48 0.26
CA THR A 26 -14.08 -2.84 -0.30
C THR A 26 -15.16 -2.09 0.51
N VAL A 27 -15.92 -1.23 -0.13
CA VAL A 27 -16.99 -0.48 0.61
C VAL A 27 -18.38 -1.02 0.26
N THR A 28 -19.03 -1.65 1.19
CA THR A 28 -20.40 -2.20 0.95
C THR A 28 -21.43 -1.34 1.66
N ASN A 29 -22.17 -0.54 0.94
CA ASN A 29 -23.20 0.34 1.58
C ASN A 29 -24.58 -0.31 1.45
N ALA A 30 -25.17 -0.68 2.56
CA ALA A 30 -26.52 -1.32 2.53
C ALA A 30 -27.49 -0.53 1.66
N ASP A 31 -27.15 0.67 1.28
CA ASP A 31 -28.09 1.47 0.44
C ASP A 31 -28.14 0.88 -0.98
N GLY A 32 -27.43 -0.19 -1.22
CA GLY A 32 -27.45 -0.83 -2.58
C GLY A 32 -26.22 -0.45 -3.39
N ARG A 33 -25.32 0.33 -2.82
CA ARG A 33 -24.09 0.73 -3.58
C ARG A 33 -22.95 -0.20 -3.20
N THR A 34 -22.00 -0.35 -4.08
CA THR A 34 -20.85 -1.25 -3.78
C THR A 34 -19.64 -0.89 -4.65
N GLU A 35 -18.55 -0.52 -4.01
CA GLU A 35 -17.30 -0.18 -4.75
C GLU A 35 -16.23 -1.17 -4.29
N THR A 36 -15.36 -1.62 -5.18
CA THR A 36 -14.32 -2.60 -4.76
C THR A 36 -12.98 -2.10 -5.28
N THR A 37 -12.11 -1.70 -4.39
CA THR A 37 -10.77 -1.24 -4.81
C THR A 37 -9.83 -2.41 -4.54
N LYS A 38 -9.24 -2.96 -5.56
CA LYS A 38 -8.32 -4.11 -5.37
C LYS A 38 -6.97 -3.80 -6.05
N GLU A 39 -6.39 -2.68 -5.74
CA GLU A 39 -5.08 -2.33 -6.36
C GLU A 39 -4.01 -3.27 -5.77
N VAL A 40 -3.88 -4.46 -6.32
CA VAL A 40 -2.86 -5.43 -5.78
C VAL A 40 -1.69 -5.55 -6.77
N VAL A 41 -0.48 -5.35 -6.29
CA VAL A 41 0.72 -5.48 -7.17
C VAL A 41 1.80 -6.26 -6.41
N LYS A 42 2.10 -7.46 -6.83
CA LYS A 42 3.14 -8.29 -6.13
C LYS A 42 4.31 -8.58 -7.07
N SER A 43 5.51 -8.28 -6.64
CA SER A 43 6.72 -8.56 -7.47
C SER A 43 7.44 -9.77 -6.89
N GLU A 44 7.18 -10.94 -7.41
CA GLU A 44 7.86 -12.17 -6.87
C GLU A 44 9.27 -12.28 -7.46
N ASP A 45 9.48 -11.78 -8.65
CA ASP A 45 10.83 -11.88 -9.26
C ASP A 45 11.84 -11.10 -8.41
N GLY A 46 11.67 -9.81 -8.30
CA GLY A 46 12.62 -8.99 -7.50
C GLY A 46 12.46 -9.31 -6.01
N SER A 47 13.38 -8.83 -5.20
CA SER A 47 13.31 -9.07 -3.74
C SER A 47 14.18 -8.04 -3.01
N ASP A 48 14.19 -6.82 -3.47
CA ASP A 48 15.02 -5.78 -2.84
C ASP A 48 14.30 -4.43 -3.00
N CYS A 49 14.50 -3.48 -2.12
CA CYS A 49 13.82 -2.17 -2.31
C CYS A 49 14.67 -1.07 -1.67
N GLY A 50 14.80 0.05 -2.34
CA GLY A 50 15.54 1.19 -1.75
C GLY A 50 14.48 2.13 -1.18
N ASP A 51 13.81 1.71 -0.13
CA ASP A 51 12.73 2.53 0.48
C ASP A 51 11.86 1.60 1.36
N ALA A 52 11.64 0.37 0.92
CA ALA A 52 10.81 -0.56 1.74
C ALA A 52 10.74 -1.95 1.10
N ASP A 53 11.56 -2.86 1.56
CA ASP A 53 11.54 -4.27 0.99
C ASP A 53 10.32 -5.02 1.54
N PHE A 54 9.80 -5.94 0.76
CA PHE A 54 8.61 -6.72 1.20
C PHE A 54 7.51 -5.77 1.65
N ASP A 55 7.52 -5.36 2.91
CA ASP A 55 6.46 -4.43 3.41
C ASP A 55 5.09 -5.09 3.27
N TRP A 56 4.21 -4.82 4.20
CA TRP A 56 2.83 -5.42 4.13
C TRP A 56 1.86 -4.44 3.49
N HIS A 57 1.36 -3.50 4.26
CA HIS A 57 0.40 -2.50 3.72
C HIS A 57 -0.92 -3.19 3.36
N HIS A 58 -1.86 -3.20 4.27
CA HIS A 58 -3.16 -3.87 4.00
C HIS A 58 -4.14 -3.54 5.14
N THR A 59 -5.28 -3.01 4.81
CA THR A 59 -6.27 -2.68 5.89
C THR A 59 -7.69 -2.72 5.32
N PHE A 60 -8.56 -3.49 5.92
CA PHE A 60 -9.98 -3.58 5.42
C PHE A 60 -10.85 -2.61 6.26
N PRO A 61 -11.96 -2.17 5.71
CA PRO A 61 -12.87 -1.25 6.44
C PRO A 61 -13.42 -1.96 7.69
N SER A 62 -14.02 -3.09 7.52
CA SER A 62 -14.60 -3.83 8.69
C SER A 62 -13.55 -3.98 9.79
N ARG A 63 -12.43 -4.60 9.49
CA ARG A 63 -11.39 -4.77 10.54
C ARG A 63 -10.10 -5.28 9.90
N GLY A 64 -9.05 -4.52 9.99
CA GLY A 64 -7.75 -4.97 9.38
C GLY A 64 -6.64 -4.03 9.84
N ASN A 65 -6.35 -4.01 11.12
CA ASN A 65 -5.28 -3.12 11.64
C ASN A 65 -3.91 -3.76 11.40
N LEU A 66 -3.62 -4.11 10.18
CA LEU A 66 -2.30 -4.74 9.89
C LEU A 66 -1.23 -3.64 9.80
N ASP A 67 -1.42 -2.56 10.52
CA ASP A 67 -0.43 -1.46 10.49
C ASP A 67 0.02 -1.18 9.06
N ASP A 68 1.25 -0.80 8.87
CA ASP A 68 1.75 -0.52 7.50
C ASP A 68 3.26 -0.24 7.56
N PHE A 69 3.96 -0.46 6.48
CA PHE A 69 5.42 -0.21 6.46
C PHE A 69 6.06 -0.77 7.74
N PHE A 70 6.05 -2.07 7.89
CA PHE A 70 6.65 -2.68 9.11
C PHE A 70 7.04 -4.14 8.83
N HIS A 71 8.03 -4.34 8.00
CA HIS A 71 8.47 -5.73 7.68
C HIS A 71 9.97 -5.73 7.40
N ARG A 72 10.43 -4.79 6.63
CA ARG A 72 11.89 -4.72 6.31
C ARG A 72 12.27 -3.28 5.95
N ASP A 73 12.92 -2.59 6.85
CA ASP A 73 13.31 -1.17 6.57
C ASP A 73 14.49 -0.78 7.46
N LYS A 74 15.15 0.30 7.15
CA LYS A 74 16.32 0.74 7.98
C LYS A 74 16.29 2.27 8.10
N ASP A 75 15.49 2.79 9.00
CA ASP A 75 15.43 4.27 9.16
C ASP A 75 16.74 4.78 9.76
N ASP A 76 17.70 5.10 8.94
CA ASP A 76 19.00 5.60 9.46
C ASP A 76 19.81 6.19 8.30
N PHE A 77 19.54 5.76 7.10
CA PHE A 77 20.30 6.29 5.94
C PHE A 77 21.79 6.07 6.16
N PHE A 78 22.15 5.13 7.00
CA PHE A 78 23.59 4.86 7.27
C PHE A 78 24.26 6.11 7.86
N THR A 79 24.53 7.09 7.04
CA THR A 79 25.18 8.32 7.55
C THR A 79 24.14 9.15 8.31
N MET A 1 -12.64 11.90 -7.32
CA MET A 1 -13.02 13.35 -7.40
C MET A 1 -12.30 14.00 -8.57
N ILE A 2 -12.43 15.29 -8.72
CA ILE A 2 -11.75 15.99 -9.85
C ILE A 2 -11.75 17.50 -9.58
N ASP A 3 -10.59 18.08 -9.42
CA ASP A 3 -10.52 19.55 -9.15
C ASP A 3 -10.44 20.31 -10.46
N ASN A 4 -10.54 21.60 -10.42
CA ASN A 4 -10.46 22.41 -11.68
C ASN A 4 -9.04 22.31 -12.25
N GLU A 5 -8.20 21.53 -11.64
CA GLU A 5 -6.81 21.40 -12.15
C GLU A 5 -6.17 20.14 -11.55
N LYS A 6 -5.26 19.53 -12.25
CA LYS A 6 -4.59 18.31 -11.72
C LYS A 6 -3.73 18.68 -10.51
N VAL A 7 -2.58 19.26 -10.75
CA VAL A 7 -1.69 19.65 -9.61
C VAL A 7 -1.43 18.42 -8.74
N THR A 8 -0.68 17.48 -9.24
CA THR A 8 -0.38 16.25 -8.44
C THR A 8 0.53 16.61 -7.28
N SER A 9 1.78 16.90 -7.55
CA SER A 9 2.73 17.27 -6.47
C SER A 9 2.84 16.10 -5.48
N GLY A 10 3.98 15.47 -5.42
CA GLY A 10 4.15 14.33 -4.48
C GLY A 10 5.62 13.89 -4.48
N HIS A 11 6.24 13.89 -3.33
CA HIS A 11 7.68 13.47 -3.27
C HIS A 11 7.78 11.96 -3.46
N THR A 12 7.81 11.22 -2.37
CA THR A 12 7.91 9.73 -2.49
C THR A 12 7.52 9.09 -1.16
N THR A 13 6.40 8.43 -1.12
CA THR A 13 5.95 7.77 0.16
C THR A 13 4.99 6.62 -0.15
N THR A 14 4.98 6.14 -1.36
CA THR A 14 4.07 5.02 -1.70
C THR A 14 4.48 4.40 -3.03
N THR A 15 5.60 3.73 -3.07
CA THR A 15 6.05 3.09 -4.35
C THR A 15 5.50 1.66 -4.43
N ARG A 16 4.88 1.33 -5.54
CA ARG A 16 4.29 -0.04 -5.70
C ARG A 16 5.05 -0.77 -6.82
N ARG A 17 5.13 -2.08 -6.75
CA ARG A 17 5.86 -2.87 -7.80
C ARG A 17 7.39 -2.82 -7.57
N SER A 18 7.85 -3.48 -6.54
CA SER A 18 9.32 -3.51 -6.23
C SER A 18 9.47 -4.32 -4.94
N CYS A 19 8.37 -4.44 -4.27
CA CYS A 19 8.28 -5.21 -3.00
C CYS A 19 6.88 -5.80 -2.96
N SER A 20 6.60 -6.74 -2.11
CA SER A 20 5.20 -7.26 -2.11
C SER A 20 4.32 -6.12 -1.61
N LYS A 21 3.50 -5.57 -2.47
CA LYS A 21 2.62 -4.44 -2.06
C LYS A 21 1.19 -4.73 -2.50
N VAL A 22 0.32 -4.94 -1.56
CA VAL A 22 -1.10 -5.22 -1.87
C VAL A 22 -1.97 -4.21 -1.12
N ILE A 23 -2.69 -3.36 -1.82
CA ILE A 23 -3.56 -2.35 -1.14
C ILE A 23 -4.99 -2.43 -1.70
N THR A 24 -5.89 -2.95 -0.90
CA THR A 24 -7.32 -3.08 -1.31
C THR A 24 -8.21 -2.46 -0.23
N LYS A 25 -9.08 -1.57 -0.59
CA LYS A 25 -10.02 -0.95 0.40
C LYS A 25 -11.41 -1.25 -0.09
N THR A 26 -12.12 -2.12 0.56
CA THR A 26 -13.49 -2.46 0.08
C THR A 26 -14.54 -1.82 1.00
N VAL A 27 -15.36 -0.95 0.48
CA VAL A 27 -16.41 -0.29 1.33
C VAL A 27 -17.78 -0.85 0.97
N THR A 28 -18.38 -1.60 1.87
CA THR A 28 -19.73 -2.19 1.60
C THR A 28 -20.79 -1.45 2.42
N ASN A 29 -21.58 -0.61 1.79
CA ASN A 29 -22.64 0.14 2.53
C ASN A 29 -23.98 -0.57 2.35
N ALA A 30 -24.53 -1.08 3.41
CA ALA A 30 -25.83 -1.81 3.34
C ALA A 30 -26.91 -0.96 2.69
N ASP A 31 -26.69 0.32 2.51
CA ASP A 31 -27.75 1.17 1.91
C ASP A 31 -27.90 0.84 0.41
N GLY A 32 -27.25 -0.19 -0.06
CA GLY A 32 -27.37 -0.56 -1.50
C GLY A 32 -26.13 -0.14 -2.29
N ARG A 33 -25.22 0.57 -1.66
CA ARG A 33 -23.98 1.01 -2.38
C ARG A 33 -22.87 -0.01 -2.11
N THR A 34 -21.97 -0.15 -3.03
CA THR A 34 -20.85 -1.12 -2.85
C THR A 34 -19.66 -0.74 -3.73
N GLU A 35 -18.57 -0.34 -3.12
CA GLU A 35 -17.34 0.03 -3.87
C GLU A 35 -16.26 -1.00 -3.53
N THR A 36 -15.44 -1.40 -4.48
CA THR A 36 -14.39 -2.40 -4.17
C THR A 36 -13.07 -1.89 -4.72
N THR A 37 -12.14 -1.57 -3.87
CA THR A 37 -10.82 -1.12 -4.33
C THR A 37 -9.90 -2.31 -4.17
N LYS A 38 -9.44 -2.86 -5.24
CA LYS A 38 -8.54 -4.06 -5.16
C LYS A 38 -7.24 -3.74 -5.90
N GLU A 39 -6.56 -2.70 -5.49
CA GLU A 39 -5.29 -2.34 -6.17
C GLU A 39 -4.18 -3.28 -5.66
N VAL A 40 -4.02 -4.44 -6.26
CA VAL A 40 -2.94 -5.38 -5.81
C VAL A 40 -1.75 -5.27 -6.76
N VAL A 41 -0.55 -5.12 -6.23
CA VAL A 41 0.64 -5.00 -7.11
C VAL A 41 1.73 -5.98 -6.68
N LYS A 42 1.91 -7.05 -7.42
CA LYS A 42 2.94 -8.06 -7.07
C LYS A 42 4.34 -7.42 -7.13
N SER A 43 5.27 -7.93 -6.37
CA SER A 43 6.64 -7.37 -6.40
C SER A 43 7.19 -7.45 -7.84
N GLU A 44 8.47 -7.27 -8.02
CA GLU A 44 9.07 -7.33 -9.39
C GLU A 44 9.85 -8.64 -9.54
N ASP A 45 9.25 -9.74 -9.15
CA ASP A 45 9.96 -11.04 -9.26
C ASP A 45 11.33 -10.94 -8.58
N GLY A 46 11.34 -10.45 -7.37
CA GLY A 46 12.63 -10.30 -6.63
C GLY A 46 12.36 -9.75 -5.24
N SER A 47 13.37 -9.21 -4.60
CA SER A 47 13.16 -8.63 -3.24
C SER A 47 14.43 -7.92 -2.78
N ASP A 48 14.75 -6.81 -3.40
CA ASP A 48 15.98 -6.04 -3.01
C ASP A 48 15.60 -4.59 -2.72
N CYS A 49 14.50 -4.39 -2.03
CA CYS A 49 14.05 -3.01 -1.71
C CYS A 49 13.77 -2.93 -0.20
N GLY A 50 14.18 -1.86 0.46
CA GLY A 50 13.92 -1.75 1.93
C GLY A 50 14.23 -3.09 2.61
N ASP A 51 15.39 -3.64 2.35
CA ASP A 51 15.78 -4.95 2.92
C ASP A 51 14.88 -6.04 2.33
N ALA A 52 13.68 -6.18 2.83
CA ALA A 52 12.77 -7.23 2.27
C ALA A 52 11.37 -7.04 2.84
N ASP A 53 10.89 -5.82 2.86
CA ASP A 53 9.51 -5.55 3.39
C ASP A 53 9.20 -4.06 3.25
N PHE A 54 9.20 -3.53 2.06
CA PHE A 54 8.91 -2.08 1.89
C PHE A 54 7.44 -1.79 2.19
N ASP A 55 6.72 -2.73 2.75
CA ASP A 55 5.29 -2.47 3.05
C ASP A 55 4.70 -3.65 3.85
N TRP A 56 3.66 -3.40 4.58
CA TRP A 56 3.02 -4.50 5.38
C TRP A 56 1.51 -4.24 5.45
N HIS A 57 1.05 -3.13 4.94
CA HIS A 57 -0.42 -2.85 4.96
C HIS A 57 -1.14 -4.00 4.24
N HIS A 58 -1.65 -4.95 4.97
CA HIS A 58 -2.37 -6.08 4.31
C HIS A 58 -3.23 -6.81 5.33
N THR A 59 -4.43 -7.17 4.96
CA THR A 59 -5.32 -7.89 5.92
C THR A 59 -6.55 -8.43 5.16
N PHE A 60 -7.31 -9.28 5.79
CA PHE A 60 -8.52 -9.86 5.13
C PHE A 60 -9.58 -8.75 4.99
N PRO A 61 -10.51 -8.90 4.07
CA PRO A 61 -11.57 -7.91 3.86
C PRO A 61 -12.21 -7.55 5.22
N SER A 62 -12.97 -6.48 5.26
CA SER A 62 -13.61 -6.05 6.54
C SER A 62 -12.54 -5.32 7.35
N ARG A 63 -11.39 -5.16 6.77
CA ARG A 63 -10.27 -4.47 7.48
C ARG A 63 -10.75 -3.12 8.02
N GLY A 64 -9.84 -2.34 8.53
CA GLY A 64 -10.22 -1.01 9.09
C GLY A 64 -9.04 -0.04 8.93
N ASN A 65 -7.89 -0.43 9.38
CA ASN A 65 -6.70 0.47 9.25
C ASN A 65 -5.42 -0.28 9.66
N LEU A 66 -4.63 -0.67 8.69
CA LEU A 66 -3.37 -1.40 9.01
C LEU A 66 -2.21 -0.40 9.12
N ASP A 67 -2.03 0.21 10.25
CA ASP A 67 -0.92 1.20 10.39
C ASP A 67 0.38 0.54 9.93
N ASP A 68 0.67 0.58 8.66
CA ASP A 68 1.91 -0.05 8.12
C ASP A 68 3.03 0.98 8.11
N PHE A 69 3.57 1.30 6.97
CA PHE A 69 4.67 2.30 6.92
C PHE A 69 5.04 2.56 5.45
N PHE A 70 4.70 1.68 4.57
CA PHE A 70 5.03 1.87 3.13
C PHE A 70 6.54 2.10 3.00
N HIS A 71 7.29 1.77 4.01
CA HIS A 71 8.77 1.97 3.95
C HIS A 71 9.43 1.14 5.05
N ARG A 72 8.76 0.11 5.52
CA ARG A 72 9.34 -0.74 6.59
C ARG A 72 10.59 -1.44 6.05
N ASP A 73 11.63 -1.51 6.84
CA ASP A 73 12.90 -2.19 6.40
C ASP A 73 13.24 -3.31 7.38
N LYS A 74 12.77 -4.49 7.13
CA LYS A 74 13.05 -5.63 8.06
C LYS A 74 14.57 -5.81 8.17
N ASP A 75 15.12 -5.56 9.34
CA ASP A 75 16.59 -5.73 9.52
C ASP A 75 16.89 -7.19 9.84
N ASP A 76 17.78 -7.80 9.10
CA ASP A 76 18.12 -9.23 9.36
C ASP A 76 18.81 -9.34 10.72
N PHE A 77 19.43 -10.46 10.99
CA PHE A 77 20.12 -10.63 12.30
C PHE A 77 20.97 -11.90 12.26
N PHE A 78 20.66 -12.82 11.39
CA PHE A 78 21.45 -14.07 11.30
C PHE A 78 22.76 -13.80 10.57
N THR A 79 23.62 -14.78 10.46
CA THR A 79 24.90 -14.57 9.75
C THR A 79 25.53 -15.93 9.43
N MET A 1 -11.44 -0.64 -31.97
CA MET A 1 -12.64 0.08 -32.47
C MET A 1 -13.07 1.13 -31.45
N ILE A 2 -12.18 1.57 -30.62
CA ILE A 2 -12.54 2.60 -29.61
C ILE A 2 -11.27 3.13 -28.93
N ASP A 3 -11.34 4.29 -28.33
CA ASP A 3 -10.15 4.86 -27.65
C ASP A 3 -10.61 5.78 -26.52
N ASN A 4 -11.26 6.86 -26.85
CA ASN A 4 -11.75 7.79 -25.80
C ASN A 4 -12.85 7.10 -24.99
N GLU A 5 -12.77 7.17 -23.69
CA GLU A 5 -13.81 6.52 -22.84
C GLU A 5 -13.53 6.86 -21.38
N LYS A 6 -12.28 7.09 -21.05
CA LYS A 6 -11.92 7.44 -19.65
C LYS A 6 -10.50 8.02 -19.64
N VAL A 7 -10.35 9.23 -19.19
CA VAL A 7 -8.99 9.84 -19.17
C VAL A 7 -8.15 9.18 -18.07
N THR A 8 -6.89 8.95 -18.35
CA THR A 8 -6.02 8.30 -17.32
C THR A 8 -6.20 9.01 -15.98
N SER A 9 -6.20 8.28 -14.91
CA SER A 9 -6.36 8.91 -13.57
C SER A 9 -5.04 9.52 -13.12
N GLY A 10 -3.95 8.85 -13.36
CA GLY A 10 -2.62 9.39 -12.95
C GLY A 10 -2.66 9.73 -11.46
N HIS A 11 -3.48 9.05 -10.71
CA HIS A 11 -3.56 9.31 -9.25
C HIS A 11 -2.41 8.60 -8.53
N THR A 12 -2.29 7.32 -8.71
CA THR A 12 -1.20 6.57 -8.05
C THR A 12 0.11 6.81 -8.81
N THR A 13 0.46 8.06 -9.03
CA THR A 13 1.72 8.35 -9.76
C THR A 13 2.92 8.09 -8.85
N THR A 14 3.38 6.86 -8.80
CA THR A 14 4.54 6.52 -7.93
C THR A 14 5.27 5.31 -8.51
N THR A 15 5.40 4.26 -7.74
CA THR A 15 6.09 3.04 -8.23
C THR A 15 5.45 1.82 -7.57
N ARG A 16 5.11 0.80 -8.31
CA ARG A 16 4.49 -0.41 -7.68
C ARG A 16 4.82 -1.63 -8.55
N ARG A 17 4.82 -2.81 -7.94
CA ARG A 17 5.15 -4.08 -8.68
C ARG A 17 6.64 -4.37 -8.54
N SER A 18 7.41 -3.45 -8.01
CA SER A 18 8.86 -3.73 -7.83
C SER A 18 8.98 -4.73 -6.69
N CYS A 19 8.36 -4.43 -5.58
CA CYS A 19 8.34 -5.33 -4.39
C CYS A 19 6.87 -5.60 -4.12
N SER A 20 6.49 -6.14 -3.00
CA SER A 20 5.04 -6.33 -2.77
C SER A 20 4.40 -4.95 -2.56
N LYS A 21 3.29 -4.67 -3.18
CA LYS A 21 2.64 -3.33 -3.00
C LYS A 21 1.13 -3.50 -3.12
N VAL A 22 0.41 -3.44 -2.02
CA VAL A 22 -1.07 -3.62 -2.07
C VAL A 22 -1.80 -2.40 -1.50
N ILE A 23 -2.61 -1.76 -2.31
CA ILE A 23 -3.41 -0.58 -1.85
C ILE A 23 -4.88 -0.86 -2.17
N THR A 24 -5.73 -1.01 -1.19
CA THR A 24 -7.17 -1.31 -1.45
C THR A 24 -8.07 -0.25 -0.81
N LYS A 25 -9.07 0.19 -1.54
CA LYS A 25 -10.05 1.17 -1.00
C LYS A 25 -11.39 0.47 -1.08
N THR A 26 -12.00 0.16 0.04
CA THR A 26 -13.31 -0.56 0.00
C THR A 26 -14.41 0.34 0.54
N VAL A 27 -15.51 0.48 -0.17
CA VAL A 27 -16.63 1.34 0.31
C VAL A 27 -17.90 0.50 0.46
N THR A 28 -18.31 0.26 1.69
CA THR A 28 -19.54 -0.55 1.93
C THR A 28 -20.75 0.39 2.02
N ASN A 29 -21.61 0.39 1.05
CA ASN A 29 -22.80 1.28 1.09
C ASN A 29 -23.99 0.52 1.69
N ALA A 30 -24.44 0.94 2.84
CA ALA A 30 -25.59 0.25 3.51
C ALA A 30 -26.78 0.13 2.56
N ASP A 31 -26.77 0.81 1.45
CA ASP A 31 -27.93 0.72 0.52
C ASP A 31 -27.94 -0.66 -0.14
N GLY A 32 -27.08 -1.56 0.30
CA GLY A 32 -27.04 -2.93 -0.29
C GLY A 32 -25.92 -3.05 -1.33
N ARG A 33 -25.23 -1.98 -1.62
CA ARG A 33 -24.14 -2.04 -2.64
C ARG A 33 -22.80 -2.17 -1.94
N THR A 34 -21.83 -2.71 -2.62
CA THR A 34 -20.48 -2.88 -2.01
C THR A 34 -19.41 -3.00 -3.11
N GLU A 35 -18.56 -2.02 -3.21
CA GLU A 35 -17.47 -2.05 -4.23
C GLU A 35 -16.15 -2.29 -3.50
N THR A 36 -15.23 -3.05 -4.06
CA THR A 36 -13.95 -3.30 -3.36
C THR A 36 -12.82 -3.08 -4.35
N THR A 37 -12.03 -2.07 -4.15
CA THR A 37 -10.89 -1.84 -5.06
C THR A 37 -9.69 -2.44 -4.37
N LYS A 38 -9.10 -3.45 -4.92
CA LYS A 38 -7.91 -4.10 -4.27
C LYS A 38 -6.71 -4.00 -5.22
N GLU A 39 -6.13 -2.84 -5.32
CA GLU A 39 -4.96 -2.68 -6.22
C GLU A 39 -3.80 -3.53 -5.71
N VAL A 40 -3.85 -4.83 -5.92
CA VAL A 40 -2.74 -5.70 -5.46
C VAL A 40 -1.64 -5.67 -6.52
N VAL A 41 -0.43 -5.31 -6.16
CA VAL A 41 0.66 -5.27 -7.20
C VAL A 41 1.90 -6.03 -6.69
N LYS A 42 2.09 -7.22 -7.18
CA LYS A 42 3.25 -8.07 -6.73
C LYS A 42 4.35 -8.09 -7.82
N SER A 43 5.57 -8.31 -7.41
CA SER A 43 6.70 -8.34 -8.38
C SER A 43 7.01 -9.82 -8.77
N GLU A 44 8.19 -10.33 -8.46
CA GLU A 44 8.51 -11.74 -8.82
C GLU A 44 9.96 -12.01 -8.41
N ASP A 45 10.21 -12.26 -7.15
CA ASP A 45 11.60 -12.53 -6.68
C ASP A 45 12.46 -11.29 -6.94
N GLY A 46 13.28 -10.92 -6.00
CA GLY A 46 14.16 -9.72 -6.20
C GLY A 46 14.72 -9.26 -4.85
N SER A 47 15.65 -8.34 -4.87
CA SER A 47 16.24 -7.84 -3.60
C SER A 47 15.53 -6.55 -3.17
N ASP A 48 14.30 -6.38 -3.57
CA ASP A 48 13.53 -5.16 -3.20
C ASP A 48 12.52 -5.54 -2.13
N CYS A 49 12.69 -6.70 -1.55
CA CYS A 49 11.77 -7.17 -0.49
C CYS A 49 12.61 -7.82 0.60
N GLY A 50 12.33 -7.57 1.86
CA GLY A 50 13.16 -8.16 2.95
C GLY A 50 14.25 -7.14 3.33
N ASP A 51 14.68 -6.34 2.39
CA ASP A 51 15.72 -5.31 2.67
C ASP A 51 15.07 -3.92 2.79
N ALA A 52 14.30 -3.52 1.81
CA ALA A 52 13.65 -2.18 1.88
C ALA A 52 12.22 -2.32 2.43
N ASP A 53 11.64 -3.48 2.26
CA ASP A 53 10.25 -3.71 2.76
C ASP A 53 9.34 -2.56 2.33
N PHE A 54 8.93 -2.54 1.10
CA PHE A 54 8.02 -1.45 0.64
C PHE A 54 6.79 -1.39 1.56
N ASP A 55 6.31 -0.22 1.84
CA ASP A 55 5.12 -0.08 2.75
C ASP A 55 4.05 -1.13 2.38
N TRP A 56 4.07 -2.26 3.03
CA TRP A 56 3.07 -3.32 2.72
C TRP A 56 1.66 -2.71 2.63
N HIS A 57 1.03 -2.46 3.76
CA HIS A 57 -0.34 -1.85 3.72
C HIS A 57 -1.31 -2.75 2.95
N HIS A 58 -2.39 -3.13 3.58
CA HIS A 58 -3.40 -4.00 2.92
C HIS A 58 -4.61 -4.13 3.85
N THR A 59 -5.40 -5.15 3.69
CA THR A 59 -6.59 -5.33 4.57
C THR A 59 -7.51 -4.11 4.46
N PHE A 60 -8.72 -4.32 4.03
CA PHE A 60 -9.67 -3.17 3.90
C PHE A 60 -10.00 -2.64 5.30
N PRO A 61 -10.44 -1.40 5.39
CA PRO A 61 -10.78 -0.80 6.70
C PRO A 61 -11.74 -1.72 7.47
N SER A 62 -12.70 -2.30 6.79
CA SER A 62 -13.65 -3.20 7.50
C SER A 62 -12.92 -4.46 7.99
N ARG A 63 -11.92 -4.29 8.81
CA ARG A 63 -11.17 -5.46 9.35
C ARG A 63 -9.96 -4.94 10.15
N GLY A 64 -9.34 -3.87 9.71
CA GLY A 64 -8.15 -3.29 10.44
C GLY A 64 -7.27 -4.42 11.00
N ASN A 65 -6.35 -4.92 10.22
CA ASN A 65 -5.48 -6.01 10.74
C ASN A 65 -4.33 -6.27 9.77
N LEU A 66 -3.13 -5.87 10.14
CA LEU A 66 -1.96 -6.10 9.25
C LEU A 66 -0.67 -5.72 9.99
N ASP A 67 0.23 -6.66 10.16
CA ASP A 67 1.50 -6.35 10.88
C ASP A 67 2.12 -5.08 10.30
N ASP A 68 2.64 -5.14 9.11
CA ASP A 68 3.27 -3.92 8.50
C ASP A 68 2.23 -3.15 7.68
N PHE A 69 2.41 -1.86 7.60
CA PHE A 69 1.46 -1.01 6.84
C PHE A 69 2.07 0.38 6.70
N PHE A 70 3.01 0.71 7.54
CA PHE A 70 3.66 2.04 7.45
C PHE A 70 4.98 2.03 8.21
N HIS A 71 6.05 1.72 7.54
CA HIS A 71 7.38 1.69 8.22
C HIS A 71 8.48 1.85 7.17
N ARG A 72 8.31 1.22 6.03
CA ARG A 72 9.33 1.32 4.95
C ARG A 72 10.70 0.86 5.45
N ASP A 73 11.12 -0.30 5.04
CA ASP A 73 12.46 -0.82 5.47
C ASP A 73 12.55 -0.81 7.00
N LYS A 74 13.67 -1.22 7.53
CA LYS A 74 13.85 -1.26 9.00
C LYS A 74 15.33 -0.99 9.32
N ASP A 75 15.62 -0.40 10.45
CA ASP A 75 17.04 -0.10 10.80
C ASP A 75 17.92 -1.33 10.56
N ASP A 76 18.21 -2.07 11.61
CA ASP A 76 19.08 -3.28 11.46
C ASP A 76 18.20 -4.52 11.30
N PHE A 77 18.81 -5.67 11.20
CA PHE A 77 18.02 -6.92 11.03
C PHE A 77 18.91 -8.12 11.33
N PHE A 78 19.93 -7.93 12.13
CA PHE A 78 20.84 -9.07 12.46
C PHE A 78 21.60 -8.75 13.75
N THR A 79 22.61 -9.52 14.06
CA THR A 79 23.39 -9.26 15.30
C THR A 79 24.14 -7.94 15.16
N MET A 1 -16.86 18.52 5.41
CA MET A 1 -15.67 17.64 5.23
C MET A 1 -15.99 16.53 4.24
N ILE A 2 -17.11 16.63 3.58
CA ILE A 2 -17.49 15.58 2.58
C ILE A 2 -16.48 15.58 1.43
N ASP A 3 -15.96 16.73 1.09
CA ASP A 3 -14.98 16.80 -0.03
C ASP A 3 -15.55 16.09 -1.25
N ASN A 4 -15.08 14.92 -1.55
CA ASN A 4 -15.60 14.18 -2.74
C ASN A 4 -15.51 15.08 -3.97
N GLU A 5 -14.35 15.60 -4.26
CA GLU A 5 -14.21 16.49 -5.45
C GLU A 5 -12.72 16.76 -5.69
N LYS A 6 -11.93 16.74 -4.66
CA LYS A 6 -10.47 17.01 -4.83
C LYS A 6 -10.28 18.31 -5.62
N VAL A 7 -9.05 18.68 -5.86
CA VAL A 7 -8.78 19.94 -6.62
C VAL A 7 -7.48 19.78 -7.41
N THR A 8 -6.43 20.47 -7.02
CA THR A 8 -5.14 20.35 -7.75
C THR A 8 -4.80 18.87 -7.95
N SER A 9 -4.49 18.17 -6.89
CA SER A 9 -4.16 16.73 -7.02
C SER A 9 -4.13 16.08 -5.63
N GLY A 10 -3.92 14.80 -5.57
CA GLY A 10 -3.89 14.10 -4.25
C GLY A 10 -2.55 14.40 -3.56
N HIS A 11 -2.02 15.57 -3.75
CA HIS A 11 -0.73 15.92 -3.10
C HIS A 11 0.31 14.84 -3.43
N THR A 12 1.21 14.58 -2.53
CA THR A 12 2.25 13.54 -2.79
C THR A 12 1.56 12.22 -3.12
N THR A 13 1.51 11.86 -4.37
CA THR A 13 0.87 10.57 -4.76
C THR A 13 1.62 9.40 -4.13
N THR A 14 1.80 8.33 -4.85
CA THR A 14 2.52 7.16 -4.29
C THR A 14 3.06 6.29 -5.42
N THR A 15 4.26 5.81 -5.30
CA THR A 15 4.84 4.96 -6.38
C THR A 15 4.48 3.49 -6.12
N ARG A 16 4.55 2.67 -7.14
CA ARG A 16 4.20 1.23 -6.98
C ARG A 16 5.20 0.40 -7.80
N ARG A 17 5.48 -0.82 -7.38
CA ARG A 17 6.48 -1.69 -8.07
C ARG A 17 7.85 -1.37 -7.46
N SER A 18 8.94 -1.74 -8.07
CA SER A 18 10.30 -1.43 -7.44
C SER A 18 10.44 -2.24 -6.14
N CYS A 19 9.38 -2.33 -5.39
CA CYS A 19 9.37 -3.11 -4.14
C CYS A 19 7.96 -3.69 -3.95
N SER A 20 7.78 -4.60 -3.04
CA SER A 20 6.41 -5.17 -2.87
C SER A 20 5.49 -4.07 -2.35
N LYS A 21 4.51 -3.71 -3.13
CA LYS A 21 3.56 -2.63 -2.71
C LYS A 21 2.13 -3.10 -2.97
N VAL A 22 1.33 -3.19 -1.94
CA VAL A 22 -0.09 -3.62 -2.11
C VAL A 22 -0.99 -2.56 -1.48
N ILE A 23 -1.80 -1.88 -2.25
CA ILE A 23 -2.71 -0.84 -1.66
C ILE A 23 -4.14 -1.11 -2.14
N THR A 24 -4.97 -1.57 -1.24
CA THR A 24 -6.39 -1.87 -1.54
C THR A 24 -7.28 -1.19 -0.50
N LYS A 25 -8.26 -0.45 -0.94
CA LYS A 25 -9.21 0.20 0.01
C LYS A 25 -10.57 -0.36 -0.30
N THR A 26 -11.09 -1.21 0.53
CA THR A 26 -12.43 -1.81 0.25
C THR A 26 -13.43 -1.34 1.31
N VAL A 27 -14.47 -0.66 0.91
CA VAL A 27 -15.49 -0.18 1.90
C VAL A 27 -16.76 -1.00 1.75
N THR A 28 -17.05 -1.82 2.73
CA THR A 28 -18.29 -2.67 2.66
C THR A 28 -19.39 -2.03 3.51
N ASN A 29 -20.37 -1.41 2.88
CA ASN A 29 -21.47 -0.76 3.65
C ASN A 29 -22.69 -1.68 3.68
N ALA A 30 -23.03 -2.15 4.85
CA ALA A 30 -24.20 -3.07 4.99
C ALA A 30 -25.47 -2.47 4.36
N ASP A 31 -25.44 -1.21 4.02
CA ASP A 31 -26.67 -0.60 3.42
C ASP A 31 -26.88 -1.15 2.01
N GLY A 32 -26.07 -2.08 1.57
CA GLY A 32 -26.24 -2.67 0.20
C GLY A 32 -25.19 -2.12 -0.76
N ARG A 33 -24.37 -1.20 -0.32
CA ARG A 33 -23.32 -0.62 -1.22
C ARG A 33 -22.00 -1.34 -0.97
N THR A 34 -21.20 -1.48 -1.98
CA THR A 34 -19.89 -2.17 -1.81
C THR A 34 -18.90 -1.75 -2.89
N GLU A 35 -17.87 -1.04 -2.51
CA GLU A 35 -16.82 -0.61 -3.49
C GLU A 35 -15.55 -1.40 -3.16
N THR A 36 -14.77 -1.78 -4.14
CA THR A 36 -13.53 -2.55 -3.86
C THR A 36 -12.38 -1.93 -4.61
N THR A 37 -11.45 -1.36 -3.91
CA THR A 37 -10.26 -0.78 -4.57
C THR A 37 -9.16 -1.80 -4.35
N LYS A 38 -8.70 -2.42 -5.41
CA LYS A 38 -7.63 -3.47 -5.27
C LYS A 38 -6.46 -3.14 -6.19
N GLU A 39 -5.80 -2.03 -5.96
CA GLU A 39 -4.63 -1.69 -6.81
C GLU A 39 -3.40 -2.38 -6.21
N VAL A 40 -3.12 -3.60 -6.63
CA VAL A 40 -1.96 -4.36 -6.06
C VAL A 40 -0.83 -4.42 -7.09
N VAL A 41 0.39 -4.17 -6.67
CA VAL A 41 1.56 -4.25 -7.60
C VAL A 41 2.69 -5.02 -6.90
N LYS A 42 2.94 -6.25 -7.29
CA LYS A 42 4.02 -7.05 -6.63
C LYS A 42 5.09 -7.46 -7.63
N SER A 43 6.34 -7.26 -7.28
CA SER A 43 7.46 -7.64 -8.20
C SER A 43 7.84 -9.10 -7.94
N GLU A 44 8.90 -9.57 -8.57
CA GLU A 44 9.34 -10.98 -8.37
C GLU A 44 10.76 -10.99 -7.80
N ASP A 45 10.92 -11.44 -6.58
CA ASP A 45 12.30 -11.45 -5.97
C ASP A 45 12.37 -12.52 -4.87
N GLY A 46 11.57 -12.40 -3.84
CA GLY A 46 11.61 -13.42 -2.74
C GLY A 46 10.95 -12.85 -1.48
N SER A 47 11.32 -13.33 -0.33
CA SER A 47 10.73 -12.80 0.93
C SER A 47 11.48 -11.54 1.35
N ASP A 48 12.22 -10.96 0.43
CA ASP A 48 12.99 -9.72 0.73
C ASP A 48 12.57 -8.66 -0.29
N CYS A 49 13.18 -7.50 -0.27
CA CYS A 49 12.81 -6.44 -1.25
C CYS A 49 14.09 -5.72 -1.69
N GLY A 50 14.19 -5.29 -2.91
CA GLY A 50 15.43 -4.59 -3.33
C GLY A 50 15.46 -3.19 -2.71
N ASP A 51 14.69 -2.25 -3.20
CA ASP A 51 14.70 -0.90 -2.60
C ASP A 51 14.28 -0.98 -1.14
N ALA A 52 13.02 -1.13 -0.88
CA ALA A 52 12.54 -1.22 0.54
C ALA A 52 11.06 -1.57 0.54
N ASP A 53 10.71 -2.76 0.96
CA ASP A 53 9.27 -3.14 0.98
C ASP A 53 8.53 -2.21 1.94
N PHE A 54 7.87 -1.20 1.43
CA PHE A 54 7.15 -0.25 2.33
C PHE A 54 5.69 -0.67 2.52
N ASP A 55 5.25 -0.74 3.76
CA ASP A 55 3.83 -1.13 4.05
C ASP A 55 3.49 -2.48 3.39
N TRP A 56 2.40 -3.11 3.82
CA TRP A 56 2.00 -4.42 3.23
C TRP A 56 0.49 -4.41 2.96
N HIS A 57 -0.28 -3.78 3.81
CA HIS A 57 -1.76 -3.74 3.60
C HIS A 57 -2.32 -5.16 3.40
N HIS A 58 -2.98 -5.70 4.39
CA HIS A 58 -3.56 -7.06 4.22
C HIS A 58 -4.61 -7.03 3.11
N THR A 59 -5.44 -8.04 3.02
CA THR A 59 -6.48 -8.05 1.94
C THR A 59 -7.67 -7.19 2.37
N PHE A 60 -8.16 -7.35 3.57
CA PHE A 60 -9.32 -6.54 4.04
C PHE A 60 -8.80 -5.40 4.94
N PRO A 61 -8.91 -4.15 4.53
CA PRO A 61 -8.42 -3.05 5.36
C PRO A 61 -9.14 -3.10 6.71
N SER A 62 -10.29 -3.73 6.74
CA SER A 62 -11.09 -3.84 7.99
C SER A 62 -11.94 -2.57 8.13
N ARG A 63 -12.41 -2.07 7.02
CA ARG A 63 -13.25 -0.83 7.03
C ARG A 63 -12.35 0.41 7.13
N GLY A 64 -11.45 0.58 6.20
CA GLY A 64 -10.54 1.76 6.23
C GLY A 64 -9.24 1.41 6.95
N ASN A 65 -8.25 2.26 6.86
CA ASN A 65 -6.95 1.98 7.54
C ASN A 65 -6.40 0.64 7.05
N LEU A 66 -5.44 0.09 7.74
CA LEU A 66 -4.88 -1.23 7.32
C LEU A 66 -3.96 -1.75 8.41
N ASP A 67 -4.38 -1.63 9.65
CA ASP A 67 -3.54 -2.10 10.80
C ASP A 67 -2.78 -3.38 10.44
N ASP A 68 -1.59 -3.23 9.92
CA ASP A 68 -0.79 -4.42 9.54
C ASP A 68 0.63 -3.97 9.18
N PHE A 69 0.80 -3.36 8.02
CA PHE A 69 2.15 -2.90 7.61
C PHE A 69 3.16 -4.01 7.88
N PHE A 70 2.90 -5.19 7.38
CA PHE A 70 3.83 -6.33 7.62
C PHE A 70 5.28 -5.88 7.39
N HIS A 71 5.68 -5.72 6.16
CA HIS A 71 7.07 -5.28 5.89
C HIS A 71 7.19 -3.78 6.14
N ARG A 72 8.39 -3.29 6.31
CA ARG A 72 8.57 -1.84 6.57
C ARG A 72 10.01 -1.45 6.25
N ASP A 73 10.20 -0.52 5.34
CA ASP A 73 11.59 -0.10 4.99
C ASP A 73 12.43 0.10 6.25
N LYS A 74 13.61 -0.46 6.29
CA LYS A 74 14.47 -0.31 7.49
C LYS A 74 14.72 1.17 7.78
N ASP A 75 14.77 1.55 9.03
CA ASP A 75 15.00 2.98 9.39
C ASP A 75 16.50 3.23 9.53
N ASP A 76 17.14 2.59 10.47
CA ASP A 76 18.60 2.79 10.67
C ASP A 76 18.90 4.28 10.80
N PHE A 77 20.13 4.62 11.06
CA PHE A 77 20.50 6.06 11.20
C PHE A 77 20.51 6.71 9.82
N PHE A 78 20.31 8.01 9.76
CA PHE A 78 20.33 8.70 8.44
C PHE A 78 21.77 8.85 7.96
N THR A 79 21.99 9.67 6.97
CA THR A 79 23.38 9.85 6.45
C THR A 79 23.40 11.02 5.45
N MET A 1 9.98 12.95 5.42
CA MET A 1 11.41 13.15 5.10
C MET A 1 11.55 13.58 3.63
N ILE A 2 11.86 14.82 3.39
CA ILE A 2 12.00 15.30 2.00
C ILE A 2 13.14 14.55 1.32
N ASP A 3 13.52 14.97 0.13
CA ASP A 3 14.63 14.27 -0.58
C ASP A 3 15.04 15.09 -1.80
N ASN A 4 16.32 15.31 -1.98
CA ASN A 4 16.79 16.10 -3.14
C ASN A 4 16.39 15.39 -4.44
N GLU A 5 15.27 15.75 -5.00
CA GLU A 5 14.83 15.09 -6.26
C GLU A 5 13.62 15.84 -6.83
N LYS A 6 13.74 16.36 -8.02
CA LYS A 6 12.61 17.11 -8.63
C LYS A 6 11.50 16.12 -9.01
N VAL A 7 10.28 16.43 -8.67
CA VAL A 7 9.15 15.52 -9.01
C VAL A 7 9.25 15.12 -10.48
N THR A 8 9.13 13.85 -10.77
CA THR A 8 9.21 13.39 -12.19
C THR A 8 8.71 11.95 -12.29
N SER A 9 9.18 11.09 -11.44
CA SER A 9 8.72 9.67 -11.48
C SER A 9 7.44 9.51 -10.65
N GLY A 10 6.46 8.85 -11.19
CA GLY A 10 5.19 8.66 -10.43
C GLY A 10 4.59 10.03 -10.08
N HIS A 11 4.67 10.42 -8.84
CA HIS A 11 4.11 11.75 -8.45
C HIS A 11 4.41 12.02 -6.97
N THR A 12 5.39 12.84 -6.70
CA THR A 12 5.72 13.13 -5.27
C THR A 12 5.91 11.81 -4.50
N THR A 13 6.91 11.06 -4.84
CA THR A 13 7.13 9.76 -4.14
C THR A 13 5.88 8.90 -4.27
N THR A 14 5.54 8.16 -3.24
CA THR A 14 4.32 7.30 -3.31
C THR A 14 4.30 6.54 -4.64
N THR A 15 4.87 5.36 -4.67
CA THR A 15 4.89 4.55 -5.93
C THR A 15 4.53 3.09 -5.59
N ARG A 16 4.10 2.33 -6.56
CA ARG A 16 3.74 0.90 -6.30
C ARG A 16 4.28 0.06 -7.46
N ARG A 17 4.51 -1.22 -7.22
CA ARG A 17 5.07 -2.14 -8.26
C ARG A 17 6.60 -2.13 -8.20
N SER A 18 7.16 -1.30 -7.35
CA SER A 18 8.64 -1.27 -7.21
C SER A 18 9.02 -2.44 -6.31
N CYS A 19 8.42 -2.50 -5.15
CA CYS A 19 8.68 -3.59 -4.18
C CYS A 19 7.32 -4.30 -4.01
N SER A 20 7.14 -5.23 -3.12
CA SER A 20 5.78 -5.84 -3.01
C SER A 20 4.83 -4.77 -2.46
N LYS A 21 3.71 -4.55 -3.11
CA LYS A 21 2.74 -3.52 -2.59
C LYS A 21 1.31 -4.00 -2.84
N VAL A 22 0.64 -4.38 -1.79
CA VAL A 22 -0.76 -4.88 -1.91
C VAL A 22 -1.74 -3.94 -1.18
N ILE A 23 -2.71 -3.41 -1.90
CA ILE A 23 -3.71 -2.49 -1.27
C ILE A 23 -5.11 -3.07 -1.46
N THR A 24 -5.76 -3.47 -0.39
CA THR A 24 -7.13 -4.05 -0.49
C THR A 24 -8.09 -3.24 0.38
N LYS A 25 -9.03 -2.54 -0.22
CA LYS A 25 -10.02 -1.75 0.53
C LYS A 25 -11.38 -2.28 0.16
N THR A 26 -12.09 -2.89 1.06
CA THR A 26 -13.43 -3.43 0.69
C THR A 26 -14.50 -2.54 1.31
N VAL A 27 -15.31 -1.91 0.50
CA VAL A 27 -16.39 -1.00 1.04
C VAL A 27 -17.76 -1.64 0.85
N THR A 28 -18.39 -2.03 1.92
CA THR A 28 -19.75 -2.67 1.82
C THR A 28 -20.82 -1.67 2.27
N ASN A 29 -21.58 -1.13 1.36
CA ASN A 29 -22.65 -0.15 1.74
C ASN A 29 -23.98 -0.90 1.85
N ALA A 30 -24.54 -0.95 3.03
CA ALA A 30 -25.84 -1.66 3.24
C ALA A 30 -26.87 -1.23 2.19
N ASP A 31 -26.64 -0.17 1.48
CA ASP A 31 -27.64 0.26 0.47
C ASP A 31 -27.65 -0.72 -0.70
N GLY A 32 -26.88 -1.77 -0.61
CA GLY A 32 -26.85 -2.81 -1.70
C GLY A 32 -25.65 -2.59 -2.62
N ARG A 33 -24.84 -1.60 -2.37
CA ARG A 33 -23.65 -1.35 -3.24
C ARG A 33 -22.41 -2.00 -2.62
N THR A 34 -21.48 -2.37 -3.44
CA THR A 34 -20.25 -3.01 -2.90
C THR A 34 -19.11 -2.90 -3.92
N GLU A 35 -18.09 -2.13 -3.60
CA GLU A 35 -16.92 -1.97 -4.52
C GLU A 35 -15.69 -2.55 -3.81
N THR A 36 -14.74 -3.09 -4.53
CA THR A 36 -13.54 -3.68 -3.87
C THR A 36 -12.30 -3.17 -4.60
N THR A 37 -11.51 -2.38 -3.94
CA THR A 37 -10.26 -1.90 -4.58
C THR A 37 -9.17 -2.87 -4.17
N LYS A 38 -8.61 -3.59 -5.10
CA LYS A 38 -7.54 -4.58 -4.76
C LYS A 38 -6.39 -4.42 -5.76
N GLU A 39 -5.70 -3.32 -5.71
CA GLU A 39 -4.57 -3.09 -6.64
C GLU A 39 -3.31 -3.81 -6.12
N VAL A 40 -3.05 -5.02 -6.58
CA VAL A 40 -1.84 -5.75 -6.09
C VAL A 40 -0.76 -5.76 -7.18
N VAL A 41 0.39 -5.20 -6.91
CA VAL A 41 1.50 -5.17 -7.91
C VAL A 41 2.81 -5.63 -7.25
N LYS A 42 3.30 -6.79 -7.62
CA LYS A 42 4.57 -7.31 -7.01
C LYS A 42 5.65 -7.33 -8.08
N SER A 43 6.66 -6.50 -7.94
CA SER A 43 7.74 -6.46 -8.96
C SER A 43 8.28 -7.86 -9.23
N GLU A 44 8.77 -8.09 -10.43
CA GLU A 44 9.32 -9.43 -10.79
C GLU A 44 10.25 -9.93 -9.68
N ASP A 45 10.33 -11.23 -9.49
CA ASP A 45 11.24 -11.77 -8.44
C ASP A 45 10.81 -11.28 -7.05
N GLY A 46 10.98 -12.09 -6.04
CA GLY A 46 10.60 -11.67 -4.66
C GLY A 46 11.44 -10.45 -4.27
N SER A 47 12.16 -10.53 -3.18
CA SER A 47 12.99 -9.36 -2.74
C SER A 47 13.75 -8.78 -3.94
N ASP A 48 13.76 -7.48 -4.06
CA ASP A 48 14.48 -6.83 -5.20
C ASP A 48 14.47 -5.32 -4.98
N CYS A 49 14.06 -4.90 -3.80
CA CYS A 49 13.99 -3.43 -3.48
C CYS A 49 15.00 -3.10 -2.38
N GLY A 50 15.64 -1.96 -2.48
CA GLY A 50 16.64 -1.56 -1.45
C GLY A 50 15.93 -1.28 -0.11
N ASP A 51 14.94 -0.42 -0.13
CA ASP A 51 14.20 -0.10 1.14
C ASP A 51 13.95 -1.38 1.94
N ALA A 52 13.65 -2.46 1.28
CA ALA A 52 13.38 -3.76 1.97
C ALA A 52 11.89 -3.83 2.32
N ASP A 53 11.08 -4.09 1.34
CA ASP A 53 9.61 -4.18 1.55
C ASP A 53 9.13 -3.05 2.48
N PHE A 54 8.65 -1.98 1.92
CA PHE A 54 8.15 -0.85 2.76
C PHE A 54 7.18 -1.39 3.81
N ASP A 55 6.65 -0.53 4.64
CA ASP A 55 5.68 -0.99 5.69
C ASP A 55 4.58 -1.84 5.03
N TRP A 56 4.55 -3.11 5.32
CA TRP A 56 3.53 -4.00 4.71
C TRP A 56 2.19 -3.88 5.46
N HIS A 57 1.41 -2.88 5.13
CA HIS A 57 0.09 -2.71 5.81
C HIS A 57 -0.71 -4.01 5.65
N HIS A 58 -1.89 -4.09 6.20
CA HIS A 58 -2.69 -5.37 6.08
C HIS A 58 -4.19 -5.07 5.99
N THR A 59 -4.89 -5.79 5.16
CA THR A 59 -6.35 -5.59 4.99
C THR A 59 -7.05 -5.47 6.35
N PHE A 60 -7.69 -4.35 6.58
CA PHE A 60 -8.44 -4.14 7.87
C PHE A 60 -9.95 -4.32 7.57
N PRO A 61 -10.66 -5.17 8.31
CA PRO A 61 -12.10 -5.36 8.04
C PRO A 61 -12.85 -4.03 8.22
N SER A 62 -12.96 -3.25 7.18
CA SER A 62 -13.68 -1.95 7.30
C SER A 62 -13.25 -1.22 8.57
N ARG A 63 -11.99 -0.88 8.68
CA ARG A 63 -11.52 -0.18 9.91
C ARG A 63 -10.15 0.45 9.65
N GLY A 64 -10.13 1.71 9.30
CA GLY A 64 -8.82 2.40 9.04
C GLY A 64 -8.54 2.44 7.53
N ASN A 65 -7.30 2.34 7.16
CA ASN A 65 -6.96 2.37 5.70
C ASN A 65 -5.57 1.78 5.47
N LEU A 66 -5.29 0.65 6.06
CA LEU A 66 -3.94 0.02 5.89
C LEU A 66 -2.90 0.97 6.51
N ASP A 67 -3.05 1.35 7.75
CA ASP A 67 -2.05 2.26 8.36
C ASP A 67 -0.66 1.69 8.14
N ASP A 68 0.36 2.49 8.24
CA ASP A 68 1.72 1.94 8.02
C ASP A 68 1.97 0.77 8.96
N PHE A 69 2.68 -0.22 8.50
CA PHE A 69 2.96 -1.41 9.37
C PHE A 69 4.24 -1.13 10.17
N PHE A 70 4.90 -2.15 10.63
CA PHE A 70 6.15 -1.93 11.43
C PHE A 70 7.05 -3.17 11.33
N HIS A 71 7.44 -3.54 10.14
CA HIS A 71 8.31 -4.73 9.98
C HIS A 71 8.78 -4.82 8.52
N ARG A 72 9.32 -3.75 8.00
CA ARG A 72 9.79 -3.79 6.58
C ARG A 72 10.66 -5.02 6.36
N ASP A 73 11.00 -5.30 5.13
CA ASP A 73 11.85 -6.49 4.82
C ASP A 73 11.12 -7.75 5.29
N LYS A 74 11.62 -8.90 4.93
CA LYS A 74 10.98 -10.18 5.35
C LYS A 74 12.05 -11.23 5.61
N ASP A 75 13.07 -11.26 4.80
CA ASP A 75 14.16 -12.26 4.99
C ASP A 75 15.06 -11.81 6.15
N ASP A 76 15.16 -12.60 7.19
CA ASP A 76 16.02 -12.21 8.34
C ASP A 76 16.40 -13.47 9.13
N PHE A 77 15.61 -14.50 9.04
CA PHE A 77 15.93 -15.75 9.78
C PHE A 77 16.14 -15.42 11.26
N PHE A 78 16.88 -16.25 11.96
CA PHE A 78 17.12 -15.98 13.40
C PHE A 78 17.89 -14.66 13.56
N THR A 79 17.77 -14.02 14.68
CA THR A 79 18.48 -12.74 14.89
C THR A 79 18.22 -11.81 13.71
N MET A 1 16.14 30.74 -4.14
CA MET A 1 15.32 31.82 -4.75
C MET A 1 14.93 31.42 -6.18
N ILE A 2 15.60 30.43 -6.72
CA ILE A 2 15.29 30.00 -8.11
C ILE A 2 13.78 29.73 -8.22
N ASP A 3 13.25 28.90 -7.35
CA ASP A 3 11.79 28.60 -7.41
C ASP A 3 11.31 28.16 -6.03
N ASN A 4 10.03 28.22 -5.78
CA ASN A 4 9.50 27.79 -4.46
C ASN A 4 9.58 26.28 -4.33
N GLU A 5 8.94 25.71 -3.34
CA GLU A 5 8.98 24.24 -3.17
C GLU A 5 7.99 23.83 -2.09
N LYS A 6 8.13 22.64 -1.55
CA LYS A 6 7.19 22.20 -0.49
C LYS A 6 7.78 20.99 0.24
N VAL A 7 7.42 20.79 1.48
CA VAL A 7 7.96 19.63 2.24
C VAL A 7 7.57 18.33 1.55
N THR A 8 8.26 17.26 1.84
CA THR A 8 7.93 15.97 1.20
C THR A 8 6.62 15.42 1.78
N SER A 9 5.96 14.56 1.07
CA SER A 9 4.68 14.00 1.58
C SER A 9 4.27 12.78 0.72
N GLY A 10 4.49 11.60 1.24
CA GLY A 10 4.12 10.39 0.45
C GLY A 10 2.61 10.36 0.23
N HIS A 11 2.18 10.56 -0.99
CA HIS A 11 0.71 10.54 -1.28
C HIS A 11 0.49 10.59 -2.80
N THR A 12 0.80 11.70 -3.41
CA THR A 12 0.60 11.82 -4.88
C THR A 12 1.58 10.89 -5.62
N THR A 13 1.83 9.73 -5.08
CA THR A 13 2.77 8.80 -5.75
C THR A 13 2.75 7.45 -5.02
N THR A 14 2.66 6.37 -5.75
CA THR A 14 2.64 5.04 -5.09
C THR A 14 2.88 3.95 -6.14
N THR A 15 3.93 3.19 -5.97
CA THR A 15 4.25 2.09 -6.93
C THR A 15 3.83 0.75 -6.31
N ARG A 16 3.37 -0.17 -7.12
CA ARG A 16 2.95 -1.51 -6.59
C ARG A 16 3.42 -2.60 -7.57
N ARG A 17 3.58 -3.81 -7.09
CA ARG A 17 4.06 -4.92 -7.98
C ARG A 17 5.59 -4.91 -8.01
N SER A 18 6.21 -3.97 -7.34
CA SER A 18 7.70 -3.91 -7.31
C SER A 18 8.16 -4.89 -6.23
N CYS A 19 7.70 -4.70 -5.02
CA CYS A 19 8.05 -5.61 -3.87
C CYS A 19 6.70 -6.13 -3.39
N SER A 20 6.60 -6.73 -2.24
CA SER A 20 5.24 -7.18 -1.81
C SER A 20 4.42 -5.92 -1.49
N LYS A 21 3.30 -5.73 -2.14
CA LYS A 21 2.46 -4.52 -1.87
C LYS A 21 0.98 -4.90 -1.91
N VAL A 22 0.25 -4.58 -0.88
CA VAL A 22 -1.21 -4.91 -0.84
C VAL A 22 -2.03 -3.62 -0.69
N ILE A 23 -2.82 -3.29 -1.68
CA ILE A 23 -3.68 -2.06 -1.60
C ILE A 23 -5.11 -2.42 -2.02
N THR A 24 -6.02 -2.40 -1.08
CA THR A 24 -7.46 -2.75 -1.35
C THR A 24 -8.36 -1.65 -0.81
N LYS A 25 -9.23 -1.10 -1.63
CA LYS A 25 -10.19 -0.06 -1.15
C LYS A 25 -11.56 -0.63 -1.45
N THR A 26 -12.32 -0.98 -0.45
CA THR A 26 -13.66 -1.57 -0.69
C THR A 26 -14.75 -0.59 -0.22
N VAL A 27 -15.63 -0.17 -1.10
CA VAL A 27 -16.72 0.76 -0.70
C VAL A 27 -18.06 0.01 -0.68
N THR A 28 -18.59 -0.21 0.49
CA THR A 28 -19.89 -0.93 0.62
C THR A 28 -21.00 0.06 0.99
N ASN A 29 -21.87 0.37 0.06
CA ASN A 29 -22.99 1.33 0.37
C ASN A 29 -24.26 0.53 0.67
N ALA A 30 -24.90 0.84 1.77
CA ALA A 30 -26.14 0.12 2.18
C ALA A 30 -27.11 -0.01 1.01
N ASP A 31 -26.86 0.65 -0.08
CA ASP A 31 -27.80 0.54 -1.23
C ASP A 31 -27.70 -0.86 -1.83
N GLY A 32 -26.80 -1.68 -1.33
CA GLY A 32 -26.69 -3.08 -1.84
C GLY A 32 -25.56 -3.20 -2.88
N ARG A 33 -24.72 -2.20 -3.00
CA ARG A 33 -23.60 -2.28 -4.01
C ARG A 33 -22.24 -2.38 -3.30
N THR A 34 -21.30 -3.07 -3.91
CA THR A 34 -19.96 -3.22 -3.27
C THR A 34 -18.88 -3.30 -4.37
N GLU A 35 -18.05 -2.30 -4.45
CA GLU A 35 -16.95 -2.28 -5.47
C GLU A 35 -15.61 -2.50 -4.75
N THR A 36 -14.64 -3.13 -5.38
CA THR A 36 -13.32 -3.34 -4.70
C THR A 36 -12.30 -2.56 -5.50
N THR A 37 -11.76 -1.52 -4.93
CA THR A 37 -10.74 -0.71 -5.66
C THR A 37 -9.37 -1.21 -5.23
N LYS A 38 -8.65 -1.84 -6.12
CA LYS A 38 -7.29 -2.37 -5.81
C LYS A 38 -7.42 -3.59 -4.91
N GLU A 39 -6.36 -4.35 -4.79
CA GLU A 39 -6.40 -5.57 -3.95
C GLU A 39 -4.97 -5.97 -3.57
N VAL A 40 -4.55 -7.16 -3.95
CA VAL A 40 -3.16 -7.62 -3.60
C VAL A 40 -2.27 -7.52 -4.84
N VAL A 41 -1.09 -6.94 -4.69
CA VAL A 41 -0.16 -6.81 -5.86
C VAL A 41 1.22 -7.36 -5.47
N LYS A 42 1.57 -8.51 -5.99
CA LYS A 42 2.88 -9.16 -5.63
C LYS A 42 3.92 -8.94 -6.75
N SER A 43 5.18 -9.04 -6.40
CA SER A 43 6.28 -8.85 -7.40
C SER A 43 7.14 -10.11 -7.45
N GLU A 44 7.72 -10.41 -8.58
CA GLU A 44 8.58 -11.63 -8.67
C GLU A 44 9.98 -11.30 -8.12
N ASP A 45 10.54 -10.19 -8.53
CA ASP A 45 11.90 -9.81 -8.04
C ASP A 45 12.20 -8.36 -8.43
N GLY A 46 13.27 -7.81 -7.92
CA GLY A 46 13.63 -6.40 -8.26
C GLY A 46 14.69 -5.90 -7.29
N SER A 47 15.08 -4.64 -7.41
CA SER A 47 16.11 -4.08 -6.49
C SER A 47 15.42 -3.25 -5.41
N ASP A 48 14.11 -3.19 -5.45
CA ASP A 48 13.34 -2.40 -4.44
C ASP A 48 12.59 -3.40 -3.56
N CYS A 49 13.07 -4.61 -3.48
CA CYS A 49 12.41 -5.63 -2.63
C CYS A 49 13.48 -6.50 -1.97
N GLY A 50 13.31 -6.82 -0.72
CA GLY A 50 14.35 -7.65 -0.02
C GLY A 50 15.51 -6.75 0.39
N ASP A 51 15.91 -5.85 -0.47
CA ASP A 51 17.04 -4.93 -0.13
C ASP A 51 16.49 -3.69 0.58
N ALA A 52 15.19 -3.47 0.50
CA ALA A 52 14.58 -2.29 1.16
C ALA A 52 13.43 -2.77 2.05
N ASP A 53 12.49 -3.45 1.45
CA ASP A 53 11.32 -3.99 2.21
C ASP A 53 10.31 -2.86 2.46
N PHE A 54 9.56 -2.50 1.46
CA PHE A 54 8.55 -1.41 1.63
C PHE A 54 7.73 -1.67 2.90
N ASP A 55 6.86 -0.77 3.26
CA ASP A 55 6.02 -0.97 4.49
C ASP A 55 4.66 -1.57 4.11
N TRP A 56 4.34 -2.72 4.64
CA TRP A 56 3.03 -3.35 4.32
C TRP A 56 1.94 -2.77 5.22
N HIS A 57 0.95 -3.57 5.56
CA HIS A 57 -0.16 -3.09 6.43
C HIS A 57 -1.11 -2.22 5.60
N HIS A 58 -2.28 -1.96 6.10
CA HIS A 58 -3.25 -1.12 5.34
C HIS A 58 -4.35 -0.63 6.28
N THR A 59 -5.52 -0.38 5.75
CA THR A 59 -6.64 0.10 6.62
C THR A 59 -7.97 -0.10 5.89
N PHE A 60 -8.82 -0.96 6.40
CA PHE A 60 -10.13 -1.20 5.73
C PHE A 60 -11.14 -0.16 6.26
N PRO A 61 -12.13 0.21 5.45
CA PRO A 61 -13.14 1.18 5.88
C PRO A 61 -13.83 0.69 7.17
N SER A 62 -14.26 -0.54 7.18
CA SER A 62 -14.94 -1.08 8.40
C SER A 62 -13.98 -1.03 9.59
N ARG A 63 -13.10 -1.99 9.70
CA ARG A 63 -12.13 -2.00 10.84
C ARG A 63 -10.81 -2.63 10.39
N GLY A 64 -9.77 -1.86 10.31
CA GLY A 64 -8.45 -2.41 9.87
C GLY A 64 -8.11 -3.65 10.71
N ASN A 65 -7.44 -4.60 10.13
CA ASN A 65 -7.07 -5.83 10.88
C ASN A 65 -6.09 -6.66 10.05
N LEU A 66 -4.92 -6.13 9.80
CA LEU A 66 -3.90 -6.88 8.99
C LEU A 66 -2.81 -7.41 9.92
N ASP A 67 -2.47 -6.66 10.94
CA ASP A 67 -1.43 -7.11 11.89
C ASP A 67 -0.12 -7.42 11.13
N ASP A 68 0.75 -6.46 11.02
CA ASP A 68 2.03 -6.69 10.30
C ASP A 68 2.95 -5.48 10.46
N PHE A 69 2.84 -4.51 9.60
CA PHE A 69 3.70 -3.29 9.71
C PHE A 69 5.18 -3.72 9.69
N PHE A 70 6.07 -2.80 9.47
CA PHE A 70 7.51 -3.15 9.43
C PHE A 70 8.35 -1.87 9.41
N HIS A 71 8.98 -1.57 8.30
CA HIS A 71 9.81 -0.34 8.22
C HIS A 71 10.24 -0.13 6.76
N ARG A 72 9.46 0.58 5.99
CA ARG A 72 9.81 0.81 4.55
C ARG A 72 11.31 1.05 4.38
N ASP A 73 11.91 0.40 3.42
CA ASP A 73 13.37 0.57 3.18
C ASP A 73 14.14 0.65 4.50
N LYS A 74 14.62 -0.46 4.98
CA LYS A 74 15.38 -0.44 6.27
C LYS A 74 16.85 -0.17 5.97
N ASP A 75 17.31 1.02 6.26
CA ASP A 75 18.74 1.36 5.98
C ASP A 75 19.13 2.61 6.76
N ASP A 76 20.38 2.72 7.13
CA ASP A 76 20.83 3.92 7.88
C ASP A 76 22.35 3.91 7.99
N PHE A 77 23.01 4.80 7.30
CA PHE A 77 24.50 4.84 7.37
C PHE A 77 24.99 6.23 6.94
N PHE A 78 25.56 6.97 7.86
CA PHE A 78 26.05 8.33 7.51
C PHE A 78 27.23 8.21 6.54
N THR A 79 27.65 9.31 5.98
CA THR A 79 28.80 9.25 5.02
C THR A 79 30.09 8.96 5.78
N MET A 1 -20.00 17.29 -5.92
CA MET A 1 -19.38 16.99 -4.61
C MET A 1 -17.91 16.59 -4.81
N ILE A 2 -17.28 17.12 -5.83
CA ILE A 2 -15.86 16.77 -6.08
C ILE A 2 -14.98 17.32 -4.97
N ASP A 3 -14.53 16.48 -4.08
CA ASP A 3 -13.67 16.96 -2.96
C ASP A 3 -12.34 17.48 -3.52
N ASN A 4 -11.39 17.73 -2.66
CA ASN A 4 -10.07 18.24 -3.15
C ASN A 4 -8.99 17.91 -2.12
N GLU A 5 -7.77 18.29 -2.37
CA GLU A 5 -6.67 18.00 -1.40
C GLU A 5 -5.44 18.82 -1.77
N LYS A 6 -4.92 19.58 -0.83
CA LYS A 6 -3.71 20.40 -1.12
C LYS A 6 -3.95 21.24 -2.37
N VAL A 7 -3.00 22.06 -2.75
CA VAL A 7 -3.19 22.91 -3.95
C VAL A 7 -3.03 22.05 -5.20
N THR A 8 -1.94 21.33 -5.32
CA THR A 8 -1.75 20.47 -6.52
C THR A 8 -2.69 19.27 -6.46
N SER A 9 -3.51 19.08 -7.45
CA SER A 9 -4.44 17.93 -7.44
C SER A 9 -3.69 16.65 -7.83
N GLY A 10 -3.15 15.95 -6.87
CA GLY A 10 -2.40 14.70 -7.18
C GLY A 10 -1.89 14.08 -5.89
N HIS A 11 -0.69 13.54 -5.91
CA HIS A 11 -0.13 12.92 -4.67
C HIS A 11 -1.13 11.93 -4.10
N THR A 12 -1.88 11.26 -4.95
CA THR A 12 -2.88 10.28 -4.44
C THR A 12 -2.18 8.97 -4.08
N THR A 13 -2.33 7.97 -4.88
CA THR A 13 -1.67 6.66 -4.59
C THR A 13 -0.18 6.75 -4.96
N THR A 14 0.68 6.28 -4.09
CA THR A 14 2.13 6.34 -4.41
C THR A 14 2.45 5.41 -5.59
N THR A 15 3.63 4.87 -5.63
CA THR A 15 4.00 3.97 -6.76
C THR A 15 3.61 2.53 -6.40
N ARG A 16 3.18 1.76 -7.37
CA ARG A 16 2.78 0.34 -7.10
C ARG A 16 3.35 -0.53 -8.22
N ARG A 17 3.68 -1.76 -7.93
CA ARG A 17 4.26 -2.69 -8.96
C ARG A 17 5.78 -2.47 -9.04
N SER A 18 6.33 -1.61 -8.23
CA SER A 18 7.81 -1.40 -8.26
C SER A 18 8.43 -2.54 -7.46
N CYS A 19 8.03 -2.68 -6.23
CA CYS A 19 8.55 -3.78 -5.35
C CYS A 19 7.30 -4.55 -4.93
N SER A 20 7.34 -5.47 -4.00
CA SER A 20 6.04 -6.12 -3.64
C SER A 20 5.15 -5.05 -3.02
N LYS A 21 3.96 -4.89 -3.53
CA LYS A 21 3.03 -3.84 -2.97
C LYS A 21 1.61 -4.39 -2.96
N VAL A 22 0.93 -4.29 -1.84
CA VAL A 22 -0.47 -4.79 -1.75
C VAL A 22 -1.38 -3.66 -1.27
N ILE A 23 -2.29 -3.22 -2.10
CA ILE A 23 -3.23 -2.10 -1.69
C ILE A 23 -4.68 -2.55 -1.91
N THR A 24 -5.41 -2.75 -0.83
CA THR A 24 -6.83 -3.19 -0.93
C THR A 24 -7.72 -2.23 -0.13
N LYS A 25 -8.68 -1.59 -0.78
CA LYS A 25 -9.62 -0.68 -0.06
C LYS A 25 -11.00 -1.24 -0.29
N THR A 26 -11.61 -1.80 0.71
CA THR A 26 -12.97 -2.40 0.51
C THR A 26 -14.02 -1.53 1.20
N VAL A 27 -14.97 -0.98 0.46
CA VAL A 27 -16.03 -0.13 1.08
C VAL A 27 -17.35 -0.88 1.13
N THR A 28 -17.80 -1.22 2.31
CA THR A 28 -19.09 -1.96 2.45
C THR A 28 -20.16 -1.04 3.03
N ASN A 29 -21.09 -0.60 2.21
CA ASN A 29 -22.17 0.32 2.72
C ASN A 29 -23.43 -0.50 3.02
N ALA A 30 -23.83 -0.56 4.25
CA ALA A 30 -25.03 -1.34 4.65
C ALA A 30 -26.23 -0.99 3.76
N ASP A 31 -26.16 0.06 2.98
CA ASP A 31 -27.32 0.42 2.13
C ASP A 31 -27.50 -0.60 1.01
N GLY A 32 -26.68 -1.64 0.98
CA GLY A 32 -26.82 -2.69 -0.08
C GLY A 32 -25.74 -2.53 -1.15
N ARG A 33 -24.90 -1.53 -1.02
CA ARG A 33 -23.82 -1.34 -2.03
C ARG A 33 -22.54 -2.01 -1.55
N THR A 34 -21.68 -2.40 -2.45
CA THR A 34 -20.42 -3.07 -2.03
C THR A 34 -19.36 -2.95 -3.13
N GLU A 35 -18.27 -2.31 -2.82
CA GLU A 35 -17.15 -2.15 -3.80
C GLU A 35 -15.92 -2.83 -3.18
N THR A 36 -15.10 -3.49 -3.96
CA THR A 36 -13.89 -4.16 -3.39
C THR A 36 -12.69 -3.75 -4.22
N THR A 37 -11.80 -3.01 -3.65
CA THR A 37 -10.58 -2.62 -4.39
C THR A 37 -9.50 -3.56 -3.95
N LYS A 38 -8.98 -4.35 -4.85
CA LYS A 38 -7.91 -5.32 -4.47
C LYS A 38 -6.81 -5.28 -5.54
N GLU A 39 -6.09 -4.19 -5.63
CA GLU A 39 -5.02 -4.08 -6.65
C GLU A 39 -3.70 -4.63 -6.08
N VAL A 40 -3.37 -5.88 -6.35
CA VAL A 40 -2.09 -6.46 -5.83
C VAL A 40 -1.08 -6.53 -6.99
N VAL A 41 0.08 -5.93 -6.85
CA VAL A 41 1.09 -5.97 -7.95
C VAL A 41 2.48 -6.34 -7.41
N LYS A 42 2.97 -7.51 -7.75
CA LYS A 42 4.32 -7.94 -7.27
C LYS A 42 5.25 -8.13 -8.48
N SER A 43 6.35 -7.42 -8.53
CA SER A 43 7.28 -7.58 -9.70
C SER A 43 8.58 -6.81 -9.46
N GLU A 44 9.66 -7.25 -10.05
CA GLU A 44 10.98 -6.54 -9.86
C GLU A 44 11.33 -6.54 -8.36
N ASP A 45 12.53 -6.16 -8.01
CA ASP A 45 12.95 -6.14 -6.57
C ASP A 45 13.00 -4.68 -6.07
N GLY A 46 13.42 -4.46 -4.86
CA GLY A 46 13.50 -3.06 -4.34
C GLY A 46 14.17 -3.03 -2.96
N SER A 47 14.34 -1.85 -2.42
CA SER A 47 14.99 -1.71 -1.09
C SER A 47 14.43 -2.75 -0.12
N ASP A 48 13.21 -3.17 -0.34
CA ASP A 48 12.59 -4.20 0.56
C ASP A 48 11.64 -5.07 -0.28
N CYS A 49 12.15 -6.12 -0.85
CA CYS A 49 11.31 -7.02 -1.71
C CYS A 49 11.51 -8.49 -1.28
N GLY A 50 10.56 -9.36 -1.57
CA GLY A 50 10.71 -10.81 -1.18
C GLY A 50 11.32 -10.93 0.23
N ASP A 51 12.64 -10.94 0.36
CA ASP A 51 13.25 -11.05 1.72
C ASP A 51 12.57 -10.03 2.64
N ALA A 52 11.85 -9.10 2.07
CA ALA A 52 11.14 -8.07 2.87
C ALA A 52 9.95 -7.57 2.05
N ASP A 53 9.50 -6.36 2.27
CA ASP A 53 8.34 -5.86 1.48
C ASP A 53 8.20 -4.34 1.66
N PHE A 54 8.37 -3.58 0.61
CA PHE A 54 8.23 -2.11 0.74
C PHE A 54 6.75 -1.74 0.73
N ASP A 55 6.06 -1.99 1.82
CA ASP A 55 4.61 -1.65 1.85
C ASP A 55 4.09 -1.80 3.28
N TRP A 56 3.22 -0.91 3.69
CA TRP A 56 2.66 -0.98 5.08
C TRP A 56 2.34 -2.43 5.48
N HIS A 57 1.19 -2.89 5.12
CA HIS A 57 0.79 -4.30 5.41
C HIS A 57 0.79 -4.58 6.92
N HIS A 58 -0.38 -4.62 7.51
CA HIS A 58 -0.50 -4.91 8.97
C HIS A 58 -1.97 -4.89 9.39
N THR A 59 -2.89 -4.83 8.46
CA THR A 59 -4.33 -4.79 8.85
C THR A 59 -5.18 -5.50 7.79
N PHE A 60 -6.36 -5.92 8.17
CA PHE A 60 -7.25 -6.62 7.20
C PHE A 60 -8.09 -5.59 6.44
N PRO A 61 -8.47 -5.87 5.22
CA PRO A 61 -9.28 -4.92 4.43
C PRO A 61 -10.56 -4.56 5.22
N SER A 62 -11.35 -3.65 4.72
CA SER A 62 -12.60 -3.26 5.43
C SER A 62 -12.25 -2.39 6.65
N ARG A 63 -11.42 -1.42 6.47
CA ARG A 63 -11.04 -0.54 7.61
C ARG A 63 -10.33 0.72 7.09
N GLY A 64 -10.94 1.40 6.16
CA GLY A 64 -10.31 2.63 5.60
C GLY A 64 -8.86 2.32 5.20
N ASN A 65 -8.66 1.86 3.99
CA ASN A 65 -7.29 1.55 3.53
C ASN A 65 -6.61 0.65 4.58
N LEU A 66 -5.31 0.45 4.44
CA LEU A 66 -4.58 -0.42 5.42
C LEU A 66 -3.24 0.24 5.79
N ASP A 67 -3.07 1.51 5.49
CA ASP A 67 -1.80 2.20 5.84
C ASP A 67 -1.38 1.81 7.26
N ASP A 68 -0.13 1.46 7.46
CA ASP A 68 0.31 1.07 8.83
C ASP A 68 1.80 1.36 9.01
N PHE A 69 2.68 0.67 8.33
CA PHE A 69 4.13 0.97 8.53
C PHE A 69 4.95 0.14 7.55
N PHE A 70 5.33 0.72 6.44
CA PHE A 70 6.10 -0.04 5.43
C PHE A 70 7.51 -0.32 5.97
N HIS A 71 8.43 -0.62 5.09
CA HIS A 71 9.83 -0.91 5.52
C HIS A 71 9.85 -2.17 6.38
N ARG A 72 8.72 -2.81 6.56
CA ARG A 72 8.67 -4.05 7.40
C ARG A 72 9.81 -4.99 6.98
N ASP A 73 10.90 -4.99 7.72
CA ASP A 73 12.04 -5.88 7.39
C ASP A 73 12.04 -7.09 8.32
N LYS A 74 11.76 -8.26 7.80
CA LYS A 74 11.73 -9.48 8.65
C LYS A 74 10.70 -9.32 9.76
N ASP A 75 9.76 -10.22 9.85
CA ASP A 75 8.71 -10.13 10.91
C ASP A 75 8.11 -11.51 11.16
N ASP A 76 8.84 -12.37 11.81
CA ASP A 76 8.31 -13.74 12.07
C ASP A 76 7.29 -13.68 13.22
N PHE A 77 7.63 -13.01 14.29
CA PHE A 77 6.68 -12.90 15.43
C PHE A 77 7.06 -11.69 16.29
N PHE A 78 8.27 -11.24 16.19
CA PHE A 78 8.70 -10.06 16.99
C PHE A 78 10.04 -9.54 16.46
N THR A 79 11.12 -10.07 16.94
CA THR A 79 12.46 -9.60 16.47
C THR A 79 12.50 -9.67 14.94
N MET A 1 -14.50 9.59 6.99
CA MET A 1 -15.80 10.31 6.96
C MET A 1 -15.65 11.66 7.67
N ILE A 2 -14.82 11.73 8.68
CA ILE A 2 -14.64 13.02 9.40
C ILE A 2 -13.83 13.98 8.53
N ASP A 3 -14.22 15.22 8.49
CA ASP A 3 -13.48 16.21 7.65
C ASP A 3 -12.17 16.59 8.37
N ASN A 4 -11.31 15.64 8.59
CA ASN A 4 -10.02 15.94 9.28
C ASN A 4 -9.17 16.85 8.39
N GLU A 5 -9.40 16.82 7.10
CA GLU A 5 -8.61 17.68 6.18
C GLU A 5 -9.23 17.65 4.78
N LYS A 6 -9.29 18.78 4.14
CA LYS A 6 -9.89 18.82 2.76
C LYS A 6 -9.00 18.04 1.80
N VAL A 7 -9.57 17.52 0.75
CA VAL A 7 -8.75 16.75 -0.23
C VAL A 7 -9.52 16.60 -1.54
N THR A 8 -8.83 16.48 -2.65
CA THR A 8 -9.52 16.34 -3.96
C THR A 8 -8.66 15.50 -4.90
N SER A 9 -7.37 15.58 -4.76
CA SER A 9 -6.47 14.80 -5.66
C SER A 9 -5.06 14.79 -5.07
N GLY A 10 -4.41 13.65 -5.05
CA GLY A 10 -3.03 13.59 -4.49
C GLY A 10 -2.42 12.22 -4.77
N HIS A 11 -3.07 11.42 -5.56
CA HIS A 11 -2.52 10.06 -5.87
C HIS A 11 -1.33 10.20 -6.82
N THR A 12 -1.59 10.31 -8.09
CA THR A 12 -0.47 10.44 -9.08
C THR A 12 0.59 9.38 -8.79
N THR A 13 1.58 9.72 -8.01
CA THR A 13 2.66 8.73 -7.70
C THR A 13 2.17 7.81 -6.57
N THR A 14 1.32 6.87 -6.88
CA THR A 14 0.82 5.94 -5.82
C THR A 14 1.91 4.94 -5.44
N THR A 15 1.59 3.68 -5.43
CA THR A 15 2.61 2.64 -5.06
C THR A 15 2.56 1.49 -6.08
N ARG A 16 3.69 1.08 -6.56
CA ARG A 16 3.74 -0.04 -7.54
C ARG A 16 5.14 -0.67 -7.55
N ARG A 17 5.24 -1.94 -7.91
CA ARG A 17 6.58 -2.60 -8.02
C ARG A 17 7.57 -2.06 -6.96
N SER A 18 8.86 -2.22 -7.19
CA SER A 18 9.88 -1.70 -6.20
C SER A 18 9.79 -2.50 -4.90
N CYS A 19 8.60 -2.87 -4.51
CA CYS A 19 8.41 -3.67 -3.28
C CYS A 19 7.08 -4.41 -3.42
N SER A 20 6.78 -5.36 -2.59
CA SER A 20 5.47 -6.03 -2.74
C SER A 20 4.41 -4.97 -2.49
N LYS A 21 3.63 -4.63 -3.50
CA LYS A 21 2.62 -3.53 -3.30
C LYS A 21 1.31 -3.85 -4.01
N VAL A 22 0.29 -4.09 -3.24
CA VAL A 22 -1.06 -4.38 -3.80
C VAL A 22 -1.97 -3.23 -3.36
N ILE A 23 -2.91 -2.81 -4.19
CA ILE A 23 -3.80 -1.68 -3.77
C ILE A 23 -5.24 -2.17 -3.62
N THR A 24 -5.68 -2.35 -2.39
CA THR A 24 -7.06 -2.82 -2.10
C THR A 24 -7.75 -1.78 -1.22
N LYS A 25 -8.83 -1.22 -1.70
CA LYS A 25 -9.60 -0.22 -0.91
C LYS A 25 -10.98 -0.80 -0.74
N THR A 26 -11.33 -1.19 0.45
CA THR A 26 -12.69 -1.79 0.67
C THR A 26 -13.51 -0.80 1.47
N VAL A 27 -14.70 -0.47 1.01
CA VAL A 27 -15.56 0.48 1.78
C VAL A 27 -17.01 -0.01 1.80
N THR A 28 -17.45 -0.51 2.93
CA THR A 28 -18.85 -1.00 3.02
C THR A 28 -19.73 0.16 3.50
N ASN A 29 -20.82 0.43 2.83
CA ASN A 29 -21.70 1.56 3.26
C ASN A 29 -22.73 1.02 4.25
N ALA A 30 -22.88 1.67 5.37
CA ALA A 30 -23.84 1.19 6.40
C ALA A 30 -25.19 0.83 5.76
N ASP A 31 -25.46 1.25 4.56
CA ASP A 31 -26.77 0.89 3.96
C ASP A 31 -26.78 -0.59 3.56
N GLY A 32 -25.63 -1.23 3.54
CA GLY A 32 -25.58 -2.69 3.16
C GLY A 32 -24.92 -2.85 1.78
N ARG A 33 -24.30 -1.82 1.27
CA ARG A 33 -23.63 -1.93 -0.07
C ARG A 33 -22.15 -2.21 0.15
N THR A 34 -21.47 -2.71 -0.86
CA THR A 34 -20.01 -3.03 -0.71
C THR A 34 -19.26 -2.78 -2.01
N GLU A 35 -18.33 -1.85 -2.00
CA GLU A 35 -17.51 -1.55 -3.21
C GLU A 35 -16.03 -1.79 -2.86
N THR A 36 -15.35 -2.65 -3.60
CA THR A 36 -13.91 -2.94 -3.29
C THR A 36 -13.09 -2.84 -4.57
N THR A 37 -12.10 -1.98 -4.57
CA THR A 37 -11.19 -1.86 -5.76
C THR A 37 -9.90 -2.61 -5.44
N LYS A 38 -9.74 -3.78 -5.97
CA LYS A 38 -8.51 -4.59 -5.69
C LYS A 38 -7.48 -4.43 -6.81
N GLU A 39 -6.22 -4.53 -6.47
CA GLU A 39 -5.14 -4.42 -7.48
C GLU A 39 -3.95 -5.26 -6.96
N VAL A 40 -3.11 -5.79 -7.82
CA VAL A 40 -1.95 -6.59 -7.33
C VAL A 40 -0.67 -6.27 -8.13
N VAL A 41 0.33 -5.67 -7.52
CA VAL A 41 1.61 -5.38 -8.26
C VAL A 41 2.71 -6.22 -7.61
N LYS A 42 3.57 -6.82 -8.40
CA LYS A 42 4.69 -7.66 -7.84
C LYS A 42 6.02 -7.28 -8.46
N SER A 43 6.95 -6.78 -7.69
CA SER A 43 8.27 -6.41 -8.28
C SER A 43 9.01 -7.69 -8.69
N GLU A 44 8.35 -8.56 -9.40
CA GLU A 44 9.01 -9.83 -9.85
C GLU A 44 9.48 -10.64 -8.64
N ASP A 45 8.60 -10.93 -7.72
CA ASP A 45 8.97 -11.73 -6.52
C ASP A 45 10.25 -11.20 -5.88
N GLY A 46 10.12 -10.48 -4.77
CA GLY A 46 11.33 -9.93 -4.09
C GLY A 46 11.22 -10.15 -2.58
N SER A 47 11.94 -11.12 -2.06
CA SER A 47 11.90 -11.38 -0.59
C SER A 47 12.68 -10.27 0.12
N ASP A 48 13.48 -9.55 -0.61
CA ASP A 48 14.28 -8.44 -0.01
C ASP A 48 14.18 -7.23 -0.94
N CYS A 49 13.24 -6.36 -0.68
CA CYS A 49 13.04 -5.16 -1.55
C CYS A 49 13.30 -3.88 -0.73
N GLY A 50 13.92 -2.90 -1.33
CA GLY A 50 14.20 -1.63 -0.59
C GLY A 50 15.07 -1.92 0.64
N ASP A 51 16.16 -2.63 0.46
CA ASP A 51 17.05 -2.94 1.61
C ASP A 51 16.32 -3.82 2.63
N ALA A 52 15.04 -4.04 2.46
CA ALA A 52 14.30 -4.89 3.43
C ALA A 52 12.83 -5.01 3.02
N ASP A 53 12.06 -3.97 3.20
CA ASP A 53 10.62 -4.04 2.82
C ASP A 53 10.02 -2.63 2.83
N PHE A 54 9.65 -2.10 1.68
CA PHE A 54 9.06 -0.74 1.67
C PHE A 54 7.55 -0.83 1.92
N ASP A 55 7.15 -0.72 3.16
CA ASP A 55 5.70 -0.79 3.50
C ASP A 55 5.10 -2.10 2.95
N TRP A 56 3.89 -2.44 3.34
CA TRP A 56 3.25 -3.70 2.84
C TRP A 56 2.09 -3.32 1.92
N HIS A 57 1.05 -2.74 2.49
CA HIS A 57 -0.15 -2.30 1.69
C HIS A 57 -1.15 -3.46 1.57
N HIS A 58 -2.30 -3.31 2.19
CA HIS A 58 -3.33 -4.39 2.13
C HIS A 58 -4.61 -3.88 2.81
N THR A 59 -5.67 -4.64 2.75
CA THR A 59 -6.93 -4.20 3.38
C THR A 59 -7.91 -5.38 3.43
N PHE A 60 -8.53 -5.62 4.57
CA PHE A 60 -9.48 -6.76 4.67
C PHE A 60 -10.74 -6.43 3.84
N PRO A 61 -11.41 -7.45 3.29
CA PRO A 61 -12.63 -7.22 2.49
C PRO A 61 -13.74 -6.57 3.34
N SER A 62 -13.41 -5.76 4.31
CA SER A 62 -14.47 -5.12 5.12
C SER A 62 -13.89 -3.97 5.94
N ARG A 63 -13.64 -2.86 5.32
CA ARG A 63 -13.07 -1.69 6.05
C ARG A 63 -11.72 -2.04 6.68
N GLY A 64 -10.73 -1.20 6.52
CA GLY A 64 -9.40 -1.49 7.10
C GLY A 64 -8.37 -0.54 6.49
N ASN A 65 -7.85 0.39 7.25
CA ASN A 65 -6.83 1.32 6.70
C ASN A 65 -5.45 0.71 6.80
N LEU A 66 -5.13 -0.20 5.91
CA LEU A 66 -3.78 -0.85 5.94
C LEU A 66 -3.51 -1.35 7.37
N ASP A 67 -3.96 -2.53 7.70
CA ASP A 67 -3.72 -3.08 9.05
C ASP A 67 -2.51 -4.03 9.00
N ASP A 68 -1.91 -4.17 7.85
CA ASP A 68 -0.73 -5.07 7.73
C ASP A 68 0.35 -4.62 8.71
N PHE A 69 1.40 -4.00 8.22
CA PHE A 69 2.47 -3.55 9.14
C PHE A 69 3.46 -2.68 8.37
N PHE A 70 3.11 -1.45 8.15
CA PHE A 70 4.04 -0.57 7.41
C PHE A 70 5.29 -0.34 8.27
N HIS A 71 6.44 -0.74 7.79
CA HIS A 71 7.68 -0.55 8.60
C HIS A 71 8.91 -0.57 7.68
N ARG A 72 9.24 0.54 7.07
CA ARG A 72 10.43 0.58 6.19
C ARG A 72 11.66 0.12 6.98
N ASP A 73 12.67 -0.38 6.32
CA ASP A 73 13.88 -0.83 7.06
C ASP A 73 13.47 -1.94 8.06
N LYS A 74 14.38 -2.40 8.89
CA LYS A 74 14.03 -3.46 9.89
C LYS A 74 14.26 -2.93 11.30
N ASP A 75 13.64 -3.51 12.29
CA ASP A 75 13.83 -3.01 13.68
C ASP A 75 15.30 -3.18 14.08
N ASP A 76 15.91 -4.26 13.67
CA ASP A 76 17.35 -4.48 14.02
C ASP A 76 17.52 -4.48 15.55
N PHE A 77 18.56 -5.10 16.03
CA PHE A 77 18.79 -5.14 17.51
C PHE A 77 20.27 -5.43 17.77
N PHE A 78 20.85 -4.81 18.75
CA PHE A 78 22.29 -5.06 19.06
C PHE A 78 22.42 -6.35 19.86
N THR A 79 22.26 -6.26 21.16
CA THR A 79 22.39 -7.49 22.00
C THR A 79 21.17 -8.39 21.76
N MET A 1 -4.93 22.56 6.30
CA MET A 1 -5.73 23.81 6.22
C MET A 1 -6.56 23.80 4.94
N ILE A 2 -6.13 24.51 3.92
CA ILE A 2 -6.90 24.54 2.65
C ILE A 2 -6.63 23.25 1.86
N ASP A 3 -7.62 22.41 1.71
CA ASP A 3 -7.41 21.15 0.95
C ASP A 3 -8.77 20.47 0.72
N ASN A 4 -9.22 20.41 -0.50
CA ASN A 4 -10.52 19.76 -0.79
C ASN A 4 -10.73 19.66 -2.29
N GLU A 5 -9.99 18.80 -2.95
CA GLU A 5 -10.14 18.65 -4.42
C GLU A 5 -9.30 17.47 -4.90
N LYS A 6 -9.31 17.20 -6.18
CA LYS A 6 -8.52 16.06 -6.71
C LYS A 6 -7.02 16.36 -6.55
N VAL A 7 -6.25 16.18 -7.60
CA VAL A 7 -4.80 16.46 -7.51
C VAL A 7 -4.20 15.69 -6.33
N THR A 8 -3.59 14.57 -6.59
CA THR A 8 -2.98 13.78 -5.49
C THR A 8 -1.99 12.77 -6.08
N SER A 9 -1.24 12.11 -5.24
CA SER A 9 -0.26 11.11 -5.75
C SER A 9 0.63 11.76 -6.81
N GLY A 10 0.64 13.06 -6.88
CA GLY A 10 1.48 13.76 -7.89
C GLY A 10 2.85 14.08 -7.29
N HIS A 11 3.47 15.14 -7.73
CA HIS A 11 4.81 15.50 -7.19
C HIS A 11 5.73 14.28 -7.26
N THR A 12 5.91 13.58 -6.17
CA THR A 12 6.80 12.39 -6.18
C THR A 12 6.15 11.28 -7.03
N THR A 13 6.03 10.10 -6.49
CA THR A 13 5.41 8.99 -7.25
C THR A 13 5.25 7.77 -6.33
N THR A 14 4.20 7.00 -6.52
CA THR A 14 3.98 5.79 -5.68
C THR A 14 4.42 4.55 -6.44
N THR A 15 5.46 3.91 -6.00
CA THR A 15 5.96 2.69 -6.71
C THR A 15 5.24 1.45 -6.17
N ARG A 16 5.13 0.44 -6.98
CA ARG A 16 4.45 -0.81 -6.54
C ARG A 16 5.02 -1.99 -7.35
N ARG A 17 4.95 -3.19 -6.82
CA ARG A 17 5.49 -4.41 -7.50
C ARG A 17 6.93 -4.65 -7.00
N SER A 18 7.87 -3.90 -7.49
CA SER A 18 9.28 -4.09 -7.02
C SER A 18 9.28 -4.11 -5.49
N CYS A 19 8.36 -3.41 -4.90
CA CYS A 19 8.22 -3.36 -3.41
C CYS A 19 6.83 -3.86 -3.07
N SER A 20 6.62 -4.41 -1.91
CA SER A 20 5.27 -4.93 -1.59
C SER A 20 4.34 -3.78 -1.22
N LYS A 21 3.30 -3.58 -1.99
CA LYS A 21 2.33 -2.49 -1.69
C LYS A 21 0.93 -3.02 -1.96
N VAL A 22 0.08 -2.99 -0.97
CA VAL A 22 -1.32 -3.49 -1.17
C VAL A 22 -2.30 -2.36 -0.87
N ILE A 23 -3.03 -1.90 -1.86
CA ILE A 23 -4.00 -0.79 -1.64
C ILE A 23 -5.39 -1.26 -2.10
N THR A 24 -6.28 -1.41 -1.16
CA THR A 24 -7.67 -1.85 -1.45
C THR A 24 -8.63 -0.93 -0.70
N LYS A 25 -9.43 -0.15 -1.40
CA LYS A 25 -10.41 0.73 -0.72
C LYS A 25 -11.76 0.30 -1.25
N THR A 26 -12.52 -0.39 -0.45
CA THR A 26 -13.85 -0.89 -0.92
C THR A 26 -14.96 -0.32 -0.04
N VAL A 27 -16.00 0.21 -0.64
CA VAL A 27 -17.14 0.76 0.16
C VAL A 27 -18.32 -0.20 0.09
N THR A 28 -18.64 -0.85 1.19
CA THR A 28 -19.78 -1.82 1.20
C THR A 28 -20.96 -1.20 1.95
N ASN A 29 -21.98 -0.80 1.24
CA ASN A 29 -23.18 -0.19 1.91
C ASN A 29 -24.28 -1.24 2.05
N ALA A 30 -24.78 -1.44 3.24
CA ALA A 30 -25.83 -2.46 3.46
C ALA A 30 -26.94 -2.34 2.41
N ASP A 31 -26.95 -1.28 1.64
CA ASP A 31 -28.01 -1.14 0.61
C ASP A 31 -27.75 -2.12 -0.53
N GLY A 32 -26.66 -2.84 -0.49
CA GLY A 32 -26.36 -3.84 -1.57
C GLY A 32 -25.32 -3.28 -2.54
N ARG A 33 -24.74 -2.15 -2.24
CA ARG A 33 -23.73 -1.56 -3.17
C ARG A 33 -22.34 -2.11 -2.82
N THR A 34 -21.49 -2.21 -3.79
CA THR A 34 -20.12 -2.74 -3.54
C THR A 34 -19.14 -2.19 -4.60
N GLU A 35 -18.23 -1.34 -4.18
CA GLU A 35 -17.22 -0.76 -5.12
C GLU A 35 -15.82 -1.13 -4.62
N THR A 36 -14.84 -1.25 -5.50
CA THR A 36 -13.47 -1.62 -5.03
C THR A 36 -12.51 -0.61 -5.63
N THR A 37 -11.94 0.23 -4.82
CA THR A 37 -10.98 1.25 -5.34
C THR A 37 -9.58 0.77 -4.99
N LYS A 38 -8.81 0.43 -5.99
CA LYS A 38 -7.40 -0.07 -5.83
C LYS A 38 -7.40 -1.59 -5.63
N GLU A 39 -6.25 -2.21 -5.66
CA GLU A 39 -6.18 -3.70 -5.51
C GLU A 39 -4.91 -4.10 -4.77
N VAL A 40 -4.39 -5.28 -5.05
CA VAL A 40 -3.15 -5.77 -4.36
C VAL A 40 -2.00 -5.92 -5.38
N VAL A 41 -0.80 -5.54 -4.99
CA VAL A 41 0.38 -5.68 -5.90
C VAL A 41 1.55 -6.29 -5.10
N LYS A 42 1.89 -7.53 -5.36
CA LYS A 42 3.01 -8.19 -4.61
C LYS A 42 4.15 -8.59 -5.57
N SER A 43 5.35 -8.18 -5.29
CA SER A 43 6.51 -8.54 -6.17
C SER A 43 6.52 -10.05 -6.41
N GLU A 44 7.12 -10.49 -7.49
CA GLU A 44 7.17 -11.95 -7.78
C GLU A 44 8.04 -12.67 -6.74
N ASP A 45 9.26 -12.26 -6.57
CA ASP A 45 10.14 -12.93 -5.56
C ASP A 45 11.44 -12.14 -5.41
N GLY A 46 12.38 -12.66 -4.66
CA GLY A 46 13.67 -11.93 -4.45
C GLY A 46 13.51 -10.99 -3.26
N SER A 47 14.43 -10.08 -3.06
CA SER A 47 14.29 -9.15 -1.91
C SER A 47 12.90 -8.52 -1.98
N ASP A 48 12.48 -7.81 -0.97
CA ASP A 48 11.13 -7.20 -1.03
C ASP A 48 11.23 -5.99 -1.97
N CYS A 49 12.30 -5.22 -1.90
CA CYS A 49 12.47 -4.10 -2.85
C CYS A 49 13.98 -3.85 -3.05
N GLY A 50 14.43 -3.61 -4.24
CA GLY A 50 15.89 -3.37 -4.42
C GLY A 50 16.34 -2.27 -3.44
N ASP A 51 15.79 -1.09 -3.55
CA ASP A 51 16.21 0.03 -2.64
C ASP A 51 15.36 0.06 -1.36
N ALA A 52 14.63 -0.98 -1.04
CA ALA A 52 13.81 -0.95 0.19
C ALA A 52 13.29 -2.36 0.49
N ASP A 53 12.42 -2.51 1.44
CA ASP A 53 11.89 -3.88 1.74
C ASP A 53 10.47 -3.82 2.33
N PHE A 54 9.44 -3.90 1.51
CA PHE A 54 8.03 -3.89 2.02
C PHE A 54 7.56 -2.46 2.33
N ASP A 55 6.32 -2.34 2.72
CA ASP A 55 5.73 -1.00 3.06
C ASP A 55 4.30 -1.20 3.56
N TRP A 56 4.16 -1.61 4.80
CA TRP A 56 2.80 -1.83 5.38
C TRP A 56 2.01 -2.77 4.47
N HIS A 57 0.86 -3.22 4.92
CA HIS A 57 0.01 -4.15 4.09
C HIS A 57 -1.36 -3.53 3.85
N HIS A 58 -2.12 -3.46 4.87
CA HIS A 58 -3.50 -2.88 4.77
C HIS A 58 -4.34 -3.74 3.83
N THR A 59 -5.63 -3.74 4.01
CA THR A 59 -6.50 -4.56 3.12
C THR A 59 -7.98 -4.13 3.30
N PHE A 60 -8.52 -4.19 4.49
CA PHE A 60 -9.95 -3.79 4.70
C PHE A 60 -10.00 -2.35 5.28
N PRO A 61 -10.71 -1.42 4.66
CA PRO A 61 -10.78 -0.04 5.19
C PRO A 61 -11.48 -0.06 6.55
N SER A 62 -12.51 -0.85 6.68
CA SER A 62 -13.26 -0.91 7.96
C SER A 62 -12.37 -1.47 9.08
N ARG A 63 -11.14 -1.05 9.14
CA ARG A 63 -10.21 -1.53 10.20
C ARG A 63 -10.19 -3.07 10.20
N GLY A 64 -9.14 -3.65 9.68
CA GLY A 64 -9.06 -5.13 9.66
C GLY A 64 -7.60 -5.57 9.60
N ASN A 65 -6.78 -4.87 8.84
CA ASN A 65 -5.35 -5.26 8.74
C ASN A 65 -4.50 -4.03 8.37
N LEU A 66 -3.23 -4.07 8.67
CA LEU A 66 -2.31 -2.93 8.36
C LEU A 66 -0.94 -3.27 8.94
N ASP A 67 -0.82 -3.39 10.23
CA ASP A 67 0.50 -3.72 10.83
C ASP A 67 0.82 -5.18 10.56
N ASP A 68 0.27 -5.73 9.50
CA ASP A 68 0.55 -7.16 9.18
C ASP A 68 2.06 -7.36 9.10
N PHE A 69 2.77 -6.47 8.45
CA PHE A 69 4.23 -6.63 8.34
C PHE A 69 4.89 -5.26 8.26
N PHE A 70 4.42 -4.32 9.03
CA PHE A 70 5.02 -2.97 9.00
C PHE A 70 6.52 -3.08 9.27
N HIS A 71 7.34 -2.90 8.27
CA HIS A 71 8.81 -3.00 8.48
C HIS A 71 9.54 -2.52 7.23
N ARG A 72 9.05 -1.49 6.59
CA ARG A 72 9.73 -0.98 5.36
C ARG A 72 11.20 -0.71 5.69
N ASP A 73 12.01 -0.49 4.70
CA ASP A 73 13.45 -0.22 4.96
C ASP A 73 13.60 1.16 5.60
N LYS A 74 13.89 1.21 6.86
CA LYS A 74 14.05 2.54 7.54
C LYS A 74 15.24 3.27 6.92
N ASP A 75 15.75 4.27 7.60
CA ASP A 75 16.92 5.02 7.07
C ASP A 75 16.60 5.51 5.65
N ASP A 76 15.51 6.21 5.48
CA ASP A 76 15.15 6.71 4.13
C ASP A 76 15.99 7.95 3.80
N PHE A 77 17.24 7.76 3.49
CA PHE A 77 18.12 8.93 3.16
C PHE A 77 19.30 8.45 2.32
N PHE A 78 20.11 7.60 2.86
CA PHE A 78 21.29 7.09 2.10
C PHE A 78 22.07 8.28 1.53
N THR A 79 22.43 9.23 2.37
CA THR A 79 23.19 10.40 1.88
C THR A 79 23.65 11.24 3.08
N MET A 1 8.91 20.73 2.06
CA MET A 1 7.93 19.86 1.34
C MET A 1 8.02 18.43 1.87
N ILE A 2 8.82 18.22 2.88
CA ILE A 2 8.95 16.84 3.45
C ILE A 2 7.61 16.40 4.05
N ASP A 3 7.61 15.38 4.86
CA ASP A 3 6.35 14.91 5.47
C ASP A 3 5.29 14.72 4.39
N ASN A 4 4.39 15.66 4.25
CA ASN A 4 3.34 15.53 3.20
C ASN A 4 2.61 16.87 3.03
N GLU A 5 1.82 17.00 2.00
CA GLU A 5 1.09 18.28 1.79
C GLU A 5 0.06 18.09 0.67
N LYS A 6 -1.09 18.68 0.81
CA LYS A 6 -2.14 18.53 -0.25
C LYS A 6 -2.41 17.05 -0.49
N VAL A 7 -2.22 16.23 0.51
CA VAL A 7 -2.47 14.77 0.36
C VAL A 7 -1.53 14.17 -0.70
N THR A 8 -0.83 14.99 -1.43
CA THR A 8 0.11 14.47 -2.47
C THR A 8 -0.57 13.36 -3.27
N SER A 9 -1.58 13.70 -4.03
CA SER A 9 -2.28 12.66 -4.83
C SER A 9 -1.30 12.06 -5.84
N GLY A 10 -0.53 11.09 -5.42
CA GLY A 10 0.44 10.46 -6.36
C GLY A 10 1.47 11.49 -6.79
N HIS A 11 1.77 11.55 -8.07
CA HIS A 11 2.77 12.54 -8.56
C HIS A 11 4.06 12.41 -7.74
N THR A 12 4.87 13.43 -7.73
CA THR A 12 6.14 13.37 -6.96
C THR A 12 6.90 12.10 -7.34
N THR A 13 6.96 11.13 -6.47
CA THR A 13 7.69 9.88 -6.79
C THR A 13 7.13 8.72 -5.96
N THR A 14 6.31 7.90 -6.55
CA THR A 14 5.72 6.75 -5.80
C THR A 14 5.46 5.59 -6.78
N THR A 15 6.03 4.44 -6.50
CA THR A 15 5.85 3.25 -7.39
C THR A 15 5.38 2.05 -6.57
N ARG A 16 4.80 1.07 -7.21
CA ARG A 16 4.33 -0.14 -6.48
C ARG A 16 4.61 -1.37 -7.36
N ARG A 17 4.77 -2.53 -6.74
CA ARG A 17 5.08 -3.82 -7.46
C ARG A 17 6.53 -4.22 -7.16
N SER A 18 7.46 -3.33 -7.40
CA SER A 18 8.89 -3.66 -7.10
C SER A 18 8.98 -4.13 -5.65
N CYS A 19 8.18 -3.55 -4.80
CA CYS A 19 8.17 -3.94 -3.35
C CYS A 19 6.76 -4.43 -3.03
N SER A 20 6.52 -5.02 -1.89
CA SER A 20 5.12 -5.50 -1.62
C SER A 20 4.19 -4.31 -1.41
N LYS A 21 3.15 -4.23 -2.19
CA LYS A 21 2.17 -3.11 -2.06
C LYS A 21 0.77 -3.69 -2.24
N VAL A 22 0.02 -3.77 -1.18
CA VAL A 22 -1.37 -4.32 -1.26
C VAL A 22 -2.37 -3.28 -0.75
N ILE A 23 -3.29 -2.86 -1.59
CA ILE A 23 -4.31 -1.85 -1.16
C ILE A 23 -5.72 -2.43 -1.37
N THR A 24 -6.41 -2.72 -0.31
CA THR A 24 -7.80 -3.27 -0.41
C THR A 24 -8.74 -2.38 0.40
N LYS A 25 -9.65 -1.69 -0.26
CA LYS A 25 -10.62 -0.82 0.46
C LYS A 25 -11.99 -1.33 0.11
N THR A 26 -12.69 -1.89 1.06
CA THR A 26 -14.05 -2.42 0.74
C THR A 26 -15.08 -1.54 1.47
N VAL A 27 -16.02 -0.97 0.76
CA VAL A 27 -17.06 -0.11 1.43
C VAL A 27 -18.45 -0.53 0.98
N THR A 28 -19.24 -1.05 1.89
CA THR A 28 -20.63 -1.49 1.55
C THR A 28 -21.61 -0.44 2.06
N ASN A 29 -22.45 0.09 1.19
CA ASN A 29 -23.45 1.12 1.62
C ASN A 29 -24.83 0.46 1.68
N ALA A 30 -25.43 0.43 2.84
CA ALA A 30 -26.77 -0.21 2.99
C ALA A 30 -27.73 0.31 1.91
N ASP A 31 -27.39 1.36 1.24
CA ASP A 31 -28.31 1.88 0.19
C ASP A 31 -28.29 0.96 -1.02
N GLY A 32 -27.45 -0.06 -1.00
CA GLY A 32 -27.39 -1.04 -2.13
C GLY A 32 -26.14 -0.79 -2.99
N ARG A 33 -25.30 0.13 -2.61
CA ARG A 33 -24.07 0.41 -3.40
C ARG A 33 -22.88 -0.31 -2.77
N THR A 34 -21.99 -0.80 -3.58
CA THR A 34 -20.79 -1.53 -3.04
C THR A 34 -19.60 -1.34 -3.98
N GLU A 35 -18.59 -0.64 -3.54
CA GLU A 35 -17.36 -0.41 -4.37
C GLU A 35 -16.18 -1.02 -3.63
N THR A 36 -15.29 -1.69 -4.31
CA THR A 36 -14.12 -2.31 -3.63
C THR A 36 -12.86 -1.98 -4.40
N THR A 37 -11.97 -1.22 -3.84
CA THR A 37 -10.70 -0.92 -4.55
C THR A 37 -9.71 -1.98 -4.14
N LYS A 38 -9.24 -2.77 -5.06
CA LYS A 38 -8.26 -3.86 -4.72
C LYS A 38 -7.11 -3.87 -5.73
N GLU A 39 -5.98 -3.31 -5.36
CA GLU A 39 -4.81 -3.28 -6.27
C GLU A 39 -3.67 -4.08 -5.61
N VAL A 40 -3.52 -5.35 -5.94
CA VAL A 40 -2.43 -6.17 -5.31
C VAL A 40 -1.27 -6.35 -6.28
N VAL A 41 -0.10 -5.86 -5.94
CA VAL A 41 1.10 -6.05 -6.83
C VAL A 41 2.30 -6.49 -5.96
N LYS A 42 2.71 -7.73 -6.09
CA LYS A 42 3.86 -8.24 -5.27
C LYS A 42 5.02 -8.63 -6.19
N SER A 43 6.18 -8.07 -5.96
CA SER A 43 7.36 -8.40 -6.82
C SER A 43 7.61 -9.91 -6.80
N GLU A 44 8.20 -10.43 -7.84
CA GLU A 44 8.52 -11.89 -7.91
C GLU A 44 9.89 -12.05 -8.57
N ASP A 45 9.96 -11.90 -9.87
CA ASP A 45 11.27 -12.06 -10.56
C ASP A 45 12.00 -10.70 -10.54
N GLY A 46 11.96 -10.01 -9.43
CA GLY A 46 12.64 -8.68 -9.35
C GLY A 46 14.05 -8.88 -8.78
N SER A 47 14.26 -8.50 -7.54
CA SER A 47 15.63 -8.67 -6.94
C SER A 47 15.56 -8.38 -5.44
N ASP A 48 15.29 -7.16 -5.06
CA ASP A 48 15.21 -6.81 -3.62
C ASP A 48 14.76 -5.36 -3.47
N CYS A 49 13.99 -5.07 -2.44
CA CYS A 49 13.51 -3.67 -2.22
C CYS A 49 13.62 -3.32 -0.74
N GLY A 50 13.89 -2.08 -0.43
CA GLY A 50 14.01 -1.68 1.01
C GLY A 50 14.91 -2.68 1.75
N ASP A 51 15.95 -3.15 1.10
CA ASP A 51 16.86 -4.13 1.76
C ASP A 51 16.06 -5.34 2.24
N ALA A 52 14.79 -5.39 1.92
CA ALA A 52 13.96 -6.54 2.35
C ALA A 52 12.55 -6.39 1.77
N ASP A 53 11.86 -5.34 2.12
CA ASP A 53 10.48 -5.14 1.59
C ASP A 53 9.96 -3.77 2.03
N PHE A 54 10.04 -2.79 1.17
CA PHE A 54 9.54 -1.43 1.54
C PHE A 54 8.02 -1.48 1.71
N ASP A 55 7.50 -0.67 2.60
CA ASP A 55 6.01 -0.66 2.82
C ASP A 55 5.54 -2.09 3.12
N TRP A 56 4.30 -2.27 3.50
CA TRP A 56 3.79 -3.64 3.79
C TRP A 56 2.28 -3.65 3.58
N HIS A 57 1.55 -2.88 4.35
CA HIS A 57 0.08 -2.81 4.18
C HIS A 57 -0.54 -4.20 4.43
N HIS A 58 -1.60 -4.24 5.21
CA HIS A 58 -2.26 -5.54 5.49
C HIS A 58 -3.56 -5.28 6.25
N THR A 59 -4.69 -5.43 5.59
CA THR A 59 -5.99 -5.18 6.28
C THR A 59 -7.08 -6.04 5.64
N PHE A 60 -7.73 -6.87 6.40
CA PHE A 60 -8.81 -7.72 5.82
C PHE A 60 -10.08 -6.85 5.64
N PRO A 61 -10.94 -7.20 4.71
CA PRO A 61 -12.17 -6.43 4.48
C PRO A 61 -12.97 -6.28 5.78
N SER A 62 -13.71 -5.21 5.91
CA SER A 62 -14.52 -5.01 7.15
C SER A 62 -13.70 -5.32 8.39
N ARG A 63 -12.40 -5.39 8.27
CA ARG A 63 -11.55 -5.70 9.46
C ARG A 63 -10.14 -5.12 9.27
N GLY A 64 -9.86 -4.02 9.91
CA GLY A 64 -8.51 -3.40 9.77
C GLY A 64 -7.51 -4.21 10.59
N ASN A 65 -6.25 -4.17 10.23
CA ASN A 65 -5.22 -4.95 10.98
C ASN A 65 -3.87 -4.25 10.89
N LEU A 66 -3.74 -3.25 10.06
CA LEU A 66 -2.45 -2.52 9.94
C LEU A 66 -2.67 -1.13 9.35
N ASP A 67 -3.36 -1.05 8.25
CA ASP A 67 -3.62 0.28 7.62
C ASP A 67 -2.28 0.94 7.28
N ASP A 68 -1.44 0.24 6.56
CA ASP A 68 -0.12 0.82 6.18
C ASP A 68 0.66 1.20 7.45
N PHE A 69 1.95 1.32 7.35
CA PHE A 69 2.76 1.69 8.54
C PHE A 69 4.17 2.10 8.08
N PHE A 70 4.45 1.98 6.81
CA PHE A 70 5.80 2.35 6.30
C PHE A 70 6.88 1.64 7.11
N HIS A 71 7.15 0.40 6.80
CA HIS A 71 8.21 -0.35 7.55
C HIS A 71 9.58 0.15 7.11
N ARG A 72 9.84 0.20 5.84
CA ARG A 72 11.15 0.68 5.35
C ARG A 72 12.28 -0.11 6.02
N ASP A 73 12.56 -1.29 5.51
CA ASP A 73 13.66 -2.11 6.11
C ASP A 73 13.39 -2.34 7.60
N LYS A 74 14.03 -3.32 8.18
CA LYS A 74 13.81 -3.60 9.63
C LYS A 74 14.54 -2.55 10.47
N ASP A 75 15.46 -2.97 11.30
CA ASP A 75 16.21 -2.01 12.15
C ASP A 75 15.22 -1.16 12.95
N ASP A 76 14.12 -1.73 13.35
CA ASP A 76 13.11 -0.97 14.13
C ASP A 76 13.63 -0.75 15.56
N PHE A 77 12.87 -1.16 16.55
CA PHE A 77 13.32 -0.98 17.95
C PHE A 77 13.68 0.49 18.18
N PHE A 78 13.10 1.38 17.44
CA PHE A 78 13.40 2.83 17.62
C PHE A 78 12.24 3.67 17.10
N THR A 79 11.43 4.18 17.98
CA THR A 79 10.27 5.02 17.54
C THR A 79 10.79 6.26 16.81
N MET A 1 17.00 5.32 -20.68
CA MET A 1 15.54 5.45 -20.37
C MET A 1 14.88 4.08 -20.42
N ILE A 2 15.32 3.17 -19.61
CA ILE A 2 14.72 1.80 -19.61
C ILE A 2 13.26 1.90 -19.12
N ASP A 3 13.04 2.63 -18.07
CA ASP A 3 11.65 2.76 -17.53
C ASP A 3 11.60 3.87 -16.48
N ASN A 4 11.05 4.99 -16.82
CA ASN A 4 10.98 6.11 -15.83
C ASN A 4 10.07 5.71 -14.67
N GLU A 5 9.18 4.78 -14.89
CA GLU A 5 8.27 4.35 -13.80
C GLU A 5 7.49 5.56 -13.28
N LYS A 6 7.20 6.50 -14.13
CA LYS A 6 6.45 7.71 -13.68
C LYS A 6 7.11 8.29 -12.43
N VAL A 7 8.14 9.06 -12.59
CA VAL A 7 8.82 9.65 -11.41
C VAL A 7 7.80 10.44 -10.57
N THR A 8 7.57 10.02 -9.36
CA THR A 8 6.58 10.74 -8.51
C THR A 8 7.21 12.02 -7.98
N SER A 9 7.40 12.13 -6.69
CA SER A 9 8.01 13.35 -6.11
C SER A 9 8.03 13.24 -4.58
N GLY A 10 6.88 13.12 -3.97
CA GLY A 10 6.84 13.00 -2.49
C GLY A 10 5.46 13.46 -1.99
N HIS A 11 4.60 13.85 -2.88
CA HIS A 11 3.24 14.31 -2.45
C HIS A 11 2.33 13.10 -2.25
N THR A 12 2.45 12.43 -1.14
CA THR A 12 1.58 11.25 -0.89
C THR A 12 1.69 10.28 -2.06
N THR A 13 1.01 9.16 -1.99
CA THR A 13 1.06 8.15 -3.09
C THR A 13 2.34 7.31 -2.95
N THR A 14 2.52 6.32 -3.79
CA THR A 14 3.74 5.48 -3.70
C THR A 14 3.86 4.63 -4.96
N THR A 15 4.98 3.99 -5.15
CA THR A 15 5.16 3.14 -6.37
C THR A 15 4.84 1.69 -6.01
N ARG A 16 3.99 1.06 -6.80
CA ARG A 16 3.60 -0.36 -6.52
C ARG A 16 4.11 -1.24 -7.68
N ARG A 17 4.26 -2.52 -7.43
CA ARG A 17 4.76 -3.46 -8.50
C ARG A 17 6.30 -3.48 -8.53
N SER A 18 6.94 -3.24 -7.41
CA SER A 18 8.43 -3.26 -7.35
C SER A 18 8.80 -3.95 -6.02
N CYS A 19 7.84 -3.95 -5.15
CA CYS A 19 7.97 -4.60 -3.83
C CYS A 19 6.58 -5.06 -3.41
N SER A 20 6.46 -5.80 -2.34
CA SER A 20 5.10 -6.22 -1.95
C SER A 20 4.31 -4.99 -1.50
N LYS A 21 3.31 -4.62 -2.24
CA LYS A 21 2.49 -3.43 -1.88
C LYS A 21 1.04 -3.78 -2.19
N VAL A 22 0.15 -3.62 -1.24
CA VAL A 22 -1.30 -3.93 -1.51
C VAL A 22 -2.14 -2.73 -1.14
N ILE A 23 -2.82 -2.15 -2.10
CA ILE A 23 -3.70 -0.97 -1.81
C ILE A 23 -5.12 -1.31 -2.31
N THR A 24 -6.02 -1.49 -1.39
CA THR A 24 -7.44 -1.82 -1.72
C THR A 24 -8.35 -0.97 -0.85
N LYS A 25 -9.28 -0.26 -1.42
CA LYS A 25 -10.25 0.54 -0.62
C LYS A 25 -11.61 0.00 -0.97
N THR A 26 -12.21 -0.75 -0.09
CA THR A 26 -13.54 -1.35 -0.40
C THR A 26 -14.60 -0.81 0.57
N VAL A 27 -15.66 -0.23 0.04
CA VAL A 27 -16.74 0.31 0.94
C VAL A 27 -17.96 -0.63 0.89
N THR A 28 -18.23 -1.28 1.99
CA THR A 28 -19.39 -2.23 2.05
C THR A 28 -20.52 -1.62 2.89
N ASN A 29 -21.57 -1.15 2.26
CA ASN A 29 -22.70 -0.54 3.03
C ASN A 29 -23.82 -1.57 3.16
N ALA A 30 -24.24 -1.84 4.37
CA ALA A 30 -25.32 -2.84 4.61
C ALA A 30 -26.49 -2.60 3.66
N ASP A 31 -26.53 -1.49 2.97
CA ASP A 31 -27.67 -1.23 2.04
C ASP A 31 -27.57 -2.15 0.82
N GLY A 32 -26.49 -2.88 0.68
CA GLY A 32 -26.34 -3.81 -0.48
C GLY A 32 -25.37 -3.23 -1.52
N ARG A 33 -24.69 -2.17 -1.19
CA ARG A 33 -23.73 -1.56 -2.17
C ARG A 33 -22.33 -2.12 -1.90
N THR A 34 -21.51 -2.13 -2.91
CA THR A 34 -20.11 -2.65 -2.74
C THR A 34 -19.21 -2.11 -3.84
N GLU A 35 -18.26 -1.27 -3.49
CA GLU A 35 -17.31 -0.70 -4.50
C GLU A 35 -15.89 -1.12 -4.11
N THR A 36 -14.99 -1.23 -5.06
CA THR A 36 -13.59 -1.63 -4.73
C THR A 36 -12.66 -0.62 -5.36
N THR A 37 -12.01 0.17 -4.57
CA THR A 37 -11.05 1.16 -5.12
C THR A 37 -9.65 0.60 -4.91
N LYS A 38 -8.98 0.29 -5.99
CA LYS A 38 -7.59 -0.28 -5.95
C LYS A 38 -7.66 -1.76 -5.55
N GLU A 39 -6.56 -2.46 -5.64
CA GLU A 39 -6.60 -3.92 -5.29
C GLU A 39 -5.22 -4.37 -4.78
N VAL A 40 -4.76 -5.54 -5.23
CA VAL A 40 -3.43 -6.06 -4.75
C VAL A 40 -2.40 -5.99 -5.89
N VAL A 41 -1.20 -5.54 -5.58
CA VAL A 41 -0.11 -5.50 -6.61
C VAL A 41 1.17 -6.09 -6.01
N LYS A 42 1.54 -7.27 -6.42
CA LYS A 42 2.78 -7.92 -5.85
C LYS A 42 3.86 -8.04 -6.93
N SER A 43 5.00 -7.46 -6.69
CA SER A 43 6.09 -7.53 -7.70
C SER A 43 6.72 -8.92 -7.68
N GLU A 44 7.67 -9.17 -8.55
CA GLU A 44 8.32 -10.52 -8.58
C GLU A 44 9.08 -10.73 -7.26
N ASP A 45 9.38 -11.96 -6.95
CA ASP A 45 10.13 -12.26 -5.68
C ASP A 45 11.62 -12.43 -6.00
N GLY A 46 12.46 -11.57 -5.48
CA GLY A 46 13.93 -11.67 -5.74
C GLY A 46 14.49 -10.29 -6.09
N SER A 47 13.96 -9.25 -5.47
CA SER A 47 14.45 -7.86 -5.75
C SER A 47 14.91 -7.21 -4.43
N ASP A 48 14.39 -6.06 -4.10
CA ASP A 48 14.79 -5.36 -2.84
C ASP A 48 13.54 -5.22 -1.99
N CYS A 49 13.30 -6.16 -1.12
CA CYS A 49 12.08 -6.10 -0.27
C CYS A 49 12.44 -6.56 1.14
N GLY A 50 11.85 -5.94 2.12
CA GLY A 50 12.15 -6.30 3.54
C GLY A 50 13.60 -5.92 3.84
N ASP A 51 14.50 -6.25 2.96
CA ASP A 51 15.92 -5.90 3.20
C ASP A 51 16.08 -4.38 3.18
N ALA A 52 15.38 -3.71 2.30
CA ALA A 52 15.48 -2.22 2.23
C ALA A 52 14.20 -1.64 1.65
N ASP A 53 13.09 -2.32 1.81
CA ASP A 53 11.81 -1.76 1.27
C ASP A 53 10.61 -2.57 1.82
N PHE A 54 9.79 -3.12 0.95
CA PHE A 54 8.60 -3.89 1.44
C PHE A 54 7.80 -3.02 2.42
N ASP A 55 6.65 -3.49 2.84
CA ASP A 55 5.81 -2.69 3.79
C ASP A 55 4.54 -3.49 4.11
N TRP A 56 3.82 -3.12 5.14
CA TRP A 56 2.59 -3.86 5.52
C TRP A 56 1.42 -3.42 4.64
N HIS A 57 1.04 -2.17 4.73
CA HIS A 57 -0.12 -1.65 3.95
C HIS A 57 -1.31 -2.61 4.11
N HIS A 58 -1.26 -3.42 5.12
CA HIS A 58 -2.37 -4.40 5.39
C HIS A 58 -2.84 -5.04 4.08
N THR A 59 -4.07 -5.50 4.05
CA THR A 59 -4.63 -6.14 2.83
C THR A 59 -6.09 -5.71 2.67
N PHE A 60 -6.97 -6.26 3.44
CA PHE A 60 -8.42 -5.89 3.34
C PHE A 60 -8.73 -4.77 4.37
N PRO A 61 -9.41 -3.70 3.98
CA PRO A 61 -9.73 -2.62 4.93
C PRO A 61 -10.64 -3.14 6.04
N SER A 62 -11.74 -3.75 5.68
CA SER A 62 -12.67 -4.29 6.71
C SER A 62 -11.89 -5.07 7.77
N ARG A 63 -11.68 -6.33 7.53
CA ARG A 63 -10.92 -7.14 8.53
C ARG A 63 -9.46 -6.69 8.57
N GLY A 64 -9.21 -5.53 9.14
CA GLY A 64 -7.81 -5.03 9.21
C GLY A 64 -7.82 -3.52 9.39
N ASN A 65 -6.84 -2.97 10.05
CA ASN A 65 -6.80 -1.48 10.26
C ASN A 65 -5.35 -1.00 10.26
N LEU A 66 -4.72 -0.94 9.11
CA LEU A 66 -3.31 -0.45 9.05
C LEU A 66 -3.03 0.05 7.62
N ASP A 67 -3.70 1.10 7.23
CA ASP A 67 -3.49 1.67 5.86
C ASP A 67 -2.71 2.98 5.96
N ASP A 68 -1.41 2.91 5.82
CA ASP A 68 -0.59 4.15 5.93
C ASP A 68 0.74 3.95 5.18
N PHE A 69 1.41 2.84 5.44
CA PHE A 69 2.73 2.48 4.80
C PHE A 69 3.73 2.19 5.91
N PHE A 70 3.53 1.12 6.63
CA PHE A 70 4.47 0.77 7.74
C PHE A 70 5.90 0.73 7.20
N HIS A 71 6.84 0.29 8.00
CA HIS A 71 8.27 0.21 7.55
C HIS A 71 8.82 -1.19 7.82
N ARG A 72 9.92 -1.53 7.22
CA ARG A 72 10.51 -2.89 7.44
C ARG A 72 11.97 -2.86 6.99
N ASP A 73 12.81 -3.66 7.60
CA ASP A 73 14.25 -3.67 7.21
C ASP A 73 14.84 -5.06 7.51
N LYS A 74 14.17 -6.10 7.10
CA LYS A 74 14.70 -7.48 7.36
C LYS A 74 14.39 -8.37 6.14
N ASP A 75 15.16 -9.41 5.95
CA ASP A 75 14.91 -10.31 4.78
C ASP A 75 13.43 -10.71 4.75
N ASP A 76 12.80 -10.59 3.62
CA ASP A 76 11.36 -10.96 3.51
C ASP A 76 11.24 -12.45 3.16
N PHE A 77 12.30 -13.20 3.34
CA PHE A 77 12.25 -14.65 3.01
C PHE A 77 11.77 -14.83 1.57
N PHE A 78 10.89 -15.77 1.34
CA PHE A 78 10.38 -16.00 -0.04
C PHE A 78 9.09 -16.80 0.01
N THR A 79 8.71 -17.26 1.17
CA THR A 79 7.45 -18.06 1.29
C THR A 79 6.28 -17.21 0.80
#